data_5WNE
#
_entry.id   5WNE
#
_cell.length_a   161.850
_cell.length_b   82.160
_cell.length_c   169.370
_cell.angle_alpha   90.00
_cell.angle_beta   115.05
_cell.angle_gamma   90.00
#
_symmetry.space_group_name_H-M   'C 1 2 1'
#
loop_
_entity.id
_entity.type
_entity.pdbx_description
1 polymer 'Rho-associated protein kinase 1'
2 non-polymer 3,4-dimethoxy-N-({3-[(5-methyl-4,5,6,7-tetrahydro[1,3]thiazolo[5,4-c]pyridin-2-yl)carbamoyl]phenyl}methyl)benzamide
3 non-polymer GLYCEROL
4 water water
#
_entity_poly.entity_id   1
_entity_poly.type   'polypeptide(L)'
_entity_poly.pdbx_seq_one_letter_code
;GSLHMSFETRFEKMDNLLRDPKSEVNSDCLLDGLDALVYDLDFPALRKNKNIDNFLSRYKDTINKIRDLRMKAEDYEVVK
VIGRGAFGEVQLVRHKSTRKVYAMKLLSKFEMIKRSDSAFFWEERDIMAFANSPWVVQLFYAFQDDRYLYMVMEYMPGGD
LVNLMSNYDVPEKWARFYTAEVVLALDAIHSMGFIHRDVKPDNMLLDKSGHLKLADFGTCMKMNKEGMVRCDTAVGTPDY
ISPEVLKSQGGDGYYGRECDWWSVGVFLYEMLVGDTPFYADSLVGTYSKIMNHKNSLTFPDDNDISKEAKNLICAFLTDR
EVRLGRNGVEEIKRHLFFKNDQWAWETLRDTVAPVVPDLSSDIDTSNFDDLEEDKGEEETFPIPKAFVGNQLPFVGFTYY
SNRRYLSSANPNDNR
;
_entity_poly.pdbx_strand_id   A,B,C,D
#
# COMPACT_ATOMS: atom_id res chain seq x y z
N MET A 14 21.27 -1.30 26.19
CA MET A 14 20.82 -0.83 24.87
C MET A 14 21.20 -1.82 23.75
N ASP A 15 22.19 -2.71 24.02
CA ASP A 15 22.68 -3.71 23.08
C ASP A 15 21.78 -4.96 23.02
N ASN A 16 20.48 -4.80 23.34
CA ASN A 16 19.44 -5.84 23.29
C ASN A 16 19.29 -6.32 21.84
N LEU A 17 19.50 -5.40 20.88
CA LEU A 17 19.46 -5.61 19.44
C LEU A 17 20.60 -6.53 18.95
N LEU A 18 21.66 -6.71 19.76
CA LEU A 18 22.84 -7.51 19.42
C LEU A 18 22.85 -8.89 20.12
N ARG A 19 21.94 -9.11 21.09
CA ARG A 19 21.84 -10.34 21.88
C ARG A 19 20.59 -11.17 21.55
N ASP A 20 19.45 -10.49 21.29
CA ASP A 20 18.14 -11.07 20.98
C ASP A 20 18.18 -12.00 19.77
N PRO A 21 17.73 -13.28 19.90
CA PRO A 21 17.74 -14.21 18.74
C PRO A 21 16.72 -13.86 17.65
N LYS A 22 15.70 -13.06 18.00
CA LYS A 22 14.65 -12.60 17.09
C LYS A 22 15.06 -11.30 16.35
N SER A 23 16.18 -10.66 16.77
CA SER A 23 16.70 -9.43 16.18
C SER A 23 17.41 -9.66 14.85
N GLU A 24 17.20 -8.74 13.88
CA GLU A 24 17.82 -8.79 12.56
C GLU A 24 19.26 -8.24 12.55
N VAL A 25 19.65 -7.52 13.63
CA VAL A 25 21.01 -6.98 13.79
C VAL A 25 21.76 -7.71 14.90
N ASN A 26 21.38 -8.98 15.16
CA ASN A 26 22.02 -9.85 16.14
C ASN A 26 23.41 -10.25 15.63
N SER A 27 24.34 -10.60 16.54
CA SER A 27 25.74 -10.96 16.24
C SER A 27 25.92 -11.91 15.04
N ASP A 28 25.09 -12.97 14.95
CA ASP A 28 25.13 -13.95 13.86
C ASP A 28 24.64 -13.36 12.54
N CYS A 29 23.66 -12.44 12.60
CA CYS A 29 23.11 -11.78 11.42
C CYS A 29 24.10 -10.77 10.85
N LEU A 30 24.90 -10.12 11.72
CA LEU A 30 25.90 -9.12 11.32
C LEU A 30 27.06 -9.77 10.59
N LEU A 31 27.42 -11.01 11.01
CA LEU A 31 28.49 -11.80 10.38
C LEU A 31 28.07 -12.17 8.97
N ASP A 32 26.76 -12.43 8.75
CA ASP A 32 26.16 -12.76 7.45
C ASP A 32 26.40 -11.65 6.45
N GLY A 33 26.31 -10.39 6.91
CA GLY A 33 26.52 -9.20 6.11
C GLY A 33 27.91 -9.14 5.52
N LEU A 34 28.93 -9.38 6.36
CA LEU A 34 30.33 -9.41 5.95
C LEU A 34 30.64 -10.61 5.07
N ASP A 35 30.08 -11.78 5.43
CA ASP A 35 30.23 -13.04 4.71
C ASP A 35 29.67 -12.91 3.28
N ALA A 36 28.45 -12.33 3.15
CA ALA A 36 27.76 -12.09 1.88
C ALA A 36 28.54 -11.11 1.02
N LEU A 37 29.05 -10.04 1.64
CA LEU A 37 29.84 -8.99 0.99
C LEU A 37 31.10 -9.60 0.35
N VAL A 38 31.82 -10.47 1.10
CA VAL A 38 33.03 -11.16 0.62
C VAL A 38 32.69 -12.08 -0.57
N TYR A 39 31.57 -12.81 -0.49
CA TYR A 39 31.11 -13.69 -1.57
C TYR A 39 30.76 -12.89 -2.85
N ASP A 40 30.00 -11.78 -2.70
CA ASP A 40 29.53 -10.94 -3.80
C ASP A 40 30.57 -9.99 -4.40
N LEU A 41 31.67 -9.69 -3.67
CA LEU A 41 32.72 -8.79 -4.17
C LEU A 41 33.96 -9.51 -4.74
N ASP A 42 34.24 -10.76 -4.29
CA ASP A 42 35.42 -11.51 -4.71
C ASP A 42 35.34 -12.07 -6.14
N PHE A 43 35.47 -11.16 -7.13
CA PHE A 43 35.47 -11.45 -8.56
C PHE A 43 36.50 -10.54 -9.23
N PRO A 44 37.29 -11.07 -10.21
CA PRO A 44 38.35 -10.23 -10.84
C PRO A 44 37.89 -8.91 -11.45
N ALA A 45 36.68 -8.88 -12.04
CA ALA A 45 36.10 -7.67 -12.66
C ALA A 45 35.84 -6.58 -11.61
N LEU A 46 35.31 -6.99 -10.45
CA LEU A 46 34.98 -6.10 -9.33
C LEU A 46 36.23 -5.66 -8.58
N ARG A 47 37.26 -6.53 -8.48
CA ARG A 47 38.51 -6.25 -7.79
C ARG A 47 39.35 -5.15 -8.47
N LYS A 48 38.92 -4.67 -9.67
CA LYS A 48 39.57 -3.58 -10.39
C LYS A 48 39.35 -2.26 -9.63
N ASN A 49 38.24 -2.19 -8.86
CA ASN A 49 37.85 -1.07 -7.99
C ASN A 49 38.73 -1.18 -6.75
N LYS A 50 39.55 -0.14 -6.50
CA LYS A 50 40.51 -0.08 -5.37
C LYS A 50 39.83 -0.20 -4.00
N ASN A 51 38.59 0.30 -3.86
CA ASN A 51 37.81 0.23 -2.62
C ASN A 51 37.43 -1.23 -2.33
N ILE A 52 36.95 -1.94 -3.37
CA ILE A 52 36.54 -3.35 -3.30
C ILE A 52 37.77 -4.24 -3.07
N ASP A 53 38.87 -3.98 -3.80
CA ASP A 53 40.13 -4.73 -3.72
C ASP A 53 40.75 -4.66 -2.32
N ASN A 54 40.93 -3.45 -1.78
CA ASN A 54 41.54 -3.25 -0.47
C ASN A 54 40.65 -3.74 0.69
N PHE A 55 39.30 -3.66 0.55
CA PHE A 55 38.38 -4.17 1.55
C PHE A 55 38.53 -5.70 1.64
N LEU A 56 38.59 -6.36 0.46
CA LEU A 56 38.77 -7.81 0.36
C LEU A 56 40.13 -8.26 0.84
N SER A 57 41.18 -7.39 0.71
CA SER A 57 42.53 -7.68 1.17
C SER A 57 42.60 -7.69 2.71
N ARG A 58 41.83 -6.79 3.36
CA ARG A 58 41.77 -6.67 4.81
C ARG A 58 40.93 -7.77 5.45
N TYR A 59 39.75 -8.08 4.87
CA TYR A 59 38.84 -9.10 5.38
C TYR A 59 38.98 -10.45 4.65
N LYS A 60 40.18 -10.71 4.08
CA LYS A 60 40.55 -11.93 3.35
C LYS A 60 40.51 -13.16 4.25
N ASP A 61 41.62 -13.40 4.97
CA ASP A 61 41.86 -14.55 5.85
C ASP A 61 40.89 -14.60 7.02
N THR A 62 40.56 -13.43 7.61
CA THR A 62 39.68 -13.33 8.77
C THR A 62 38.25 -13.85 8.46
N ILE A 63 37.71 -13.61 7.24
CA ILE A 63 36.39 -14.16 6.87
C ILE A 63 36.49 -15.67 6.63
N ASN A 64 37.65 -16.15 6.10
CA ASN A 64 37.91 -17.58 5.89
C ASN A 64 38.02 -18.30 7.24
N LYS A 65 38.60 -17.63 8.26
CA LYS A 65 38.71 -18.11 9.65
C LYS A 65 37.32 -18.23 10.26
N ILE A 66 36.46 -17.19 10.03
CA ILE A 66 35.07 -17.13 10.50
C ILE A 66 34.29 -18.30 9.88
N ARG A 67 34.45 -18.53 8.55
CA ARG A 67 33.78 -19.61 7.80
C ARG A 67 34.14 -20.99 8.34
N ASP A 68 35.37 -21.15 8.84
CA ASP A 68 35.87 -22.40 9.42
C ASP A 68 35.24 -22.63 10.79
N LEU A 69 35.21 -21.59 11.65
CA LEU A 69 34.67 -21.64 13.01
C LEU A 69 33.14 -21.80 13.05
N ARG A 70 32.43 -21.16 12.12
CA ARG A 70 30.98 -21.21 12.04
C ARG A 70 30.46 -22.54 11.53
N MET A 71 29.18 -22.85 11.84
CA MET A 71 28.48 -24.05 11.40
C MET A 71 28.42 -24.12 9.87
N LYS A 72 28.77 -25.28 9.31
CA LYS A 72 28.78 -25.55 7.87
C LYS A 72 28.26 -26.96 7.56
N ALA A 73 27.94 -27.21 6.28
CA ALA A 73 27.43 -28.50 5.78
C ALA A 73 28.38 -29.64 6.07
N GLU A 74 29.70 -29.35 6.10
CA GLU A 74 30.79 -30.30 6.37
C GLU A 74 30.76 -30.83 7.81
N ASP A 75 30.10 -30.11 8.75
CA ASP A 75 29.97 -30.52 10.15
C ASP A 75 28.96 -31.66 10.30
N TYR A 76 28.14 -31.87 9.26
CA TYR A 76 27.10 -32.90 9.26
C TYR A 76 27.40 -34.03 8.27
N GLU A 77 27.22 -35.27 8.74
CA GLU A 77 27.40 -36.49 7.95
C GLU A 77 26.01 -36.87 7.43
N VAL A 78 25.82 -36.83 6.11
CA VAL A 78 24.55 -37.15 5.46
C VAL A 78 24.35 -38.67 5.41
N VAL A 79 23.30 -39.17 6.08
CA VAL A 79 22.95 -40.59 6.14
C VAL A 79 22.23 -40.99 4.84
N LYS A 80 21.12 -40.28 4.50
CA LYS A 80 20.33 -40.45 3.27
C LYS A 80 19.29 -39.35 3.04
N VAL A 81 18.91 -39.13 1.77
CA VAL A 81 17.88 -38.14 1.38
C VAL A 81 16.52 -38.74 1.73
N ILE A 82 15.78 -38.06 2.62
CA ILE A 82 14.48 -38.52 3.11
C ILE A 82 13.32 -37.70 2.56
N GLY A 83 13.62 -36.65 1.80
CA GLY A 83 12.61 -35.77 1.21
C GLY A 83 13.14 -34.90 0.10
N ARG A 84 12.23 -34.42 -0.77
CA ARG A 84 12.56 -33.55 -1.89
C ARG A 84 11.47 -32.48 -2.05
N GLY A 85 11.91 -31.27 -2.31
CA GLY A 85 11.04 -30.12 -2.55
C GLY A 85 11.36 -29.47 -3.88
N ALA A 86 10.64 -28.38 -4.21
CA ALA A 86 10.81 -27.64 -5.46
C ALA A 86 12.17 -26.95 -5.57
N PHE A 87 12.66 -26.38 -4.45
CA PHE A 87 13.92 -25.65 -4.38
C PHE A 87 15.02 -26.37 -3.59
N GLY A 88 14.79 -27.62 -3.22
CA GLY A 88 15.79 -28.38 -2.48
C GLY A 88 15.39 -29.77 -2.05
N GLU A 89 16.04 -30.26 -0.98
CA GLU A 89 15.86 -31.60 -0.43
C GLU A 89 16.05 -31.66 1.09
N VAL A 90 15.50 -32.70 1.73
CA VAL A 90 15.62 -32.95 3.17
C VAL A 90 16.42 -34.22 3.34
N GLN A 91 17.54 -34.14 4.06
CA GLN A 91 18.42 -35.28 4.30
C GLN A 91 18.56 -35.59 5.78
N LEU A 92 18.61 -36.88 6.12
CA LEU A 92 18.83 -37.34 7.48
C LEU A 92 20.32 -37.15 7.75
N VAL A 93 20.66 -36.32 8.74
CA VAL A 93 22.06 -36.01 9.06
C VAL A 93 22.41 -36.34 10.50
N ARG A 94 23.72 -36.48 10.76
CA ARG A 94 24.28 -36.69 12.08
C ARG A 94 25.41 -35.67 12.22
N HIS A 95 25.38 -34.84 13.28
CA HIS A 95 26.42 -33.85 13.54
C HIS A 95 27.69 -34.63 13.91
N LYS A 96 28.79 -34.41 13.17
CA LYS A 96 30.06 -35.14 13.36
C LYS A 96 30.65 -35.01 14.77
N SER A 97 30.56 -33.82 15.39
CA SER A 97 31.10 -33.55 16.72
C SER A 97 30.24 -34.07 17.88
N THR A 98 28.93 -33.77 17.88
CA THR A 98 28.00 -34.16 18.96
C THR A 98 27.39 -35.56 18.77
N ARG A 99 27.38 -36.06 17.51
CA ARG A 99 26.79 -37.34 17.07
C ARG A 99 25.25 -37.32 17.14
N LYS A 100 24.66 -36.11 17.28
CA LYS A 100 23.22 -35.89 17.36
C LYS A 100 22.58 -36.01 15.98
N VAL A 101 21.46 -36.73 15.90
CA VAL A 101 20.71 -37.00 14.67
C VAL A 101 19.65 -35.92 14.41
N TYR A 102 19.62 -35.38 13.18
CA TYR A 102 18.70 -34.32 12.75
C TYR A 102 18.21 -34.55 11.31
N ALA A 103 17.24 -33.72 10.87
CA ALA A 103 16.70 -33.66 9.51
C ALA A 103 17.09 -32.28 8.95
N MET A 104 17.95 -32.26 7.91
CA MET A 104 18.46 -31.01 7.35
C MET A 104 17.81 -30.66 6.03
N LYS A 105 17.09 -29.53 6.00
CA LYS A 105 16.43 -29.01 4.79
C LYS A 105 17.37 -28.05 4.11
N LEU A 106 17.57 -28.27 2.81
CA LEU A 106 18.44 -27.47 1.96
C LEU A 106 17.58 -26.70 0.97
N LEU A 107 17.87 -25.40 0.79
CA LEU A 107 17.15 -24.55 -0.16
C LEU A 107 18.16 -23.88 -1.09
N SER A 108 18.01 -24.10 -2.41
CA SER A 108 18.90 -23.58 -3.46
C SER A 108 18.82 -22.07 -3.63
N LYS A 109 19.93 -21.37 -3.35
CA LYS A 109 19.99 -19.92 -3.54
C LYS A 109 19.85 -19.57 -5.02
N PHE A 110 20.41 -20.43 -5.91
CA PHE A 110 20.31 -20.25 -7.36
C PHE A 110 18.86 -20.26 -7.81
N GLU A 111 18.10 -21.29 -7.37
CA GLU A 111 16.69 -21.44 -7.73
C GLU A 111 15.83 -20.32 -7.18
N MET A 112 16.12 -19.88 -5.95
CA MET A 112 15.39 -18.78 -5.32
C MET A 112 15.64 -17.47 -6.07
N ILE A 113 16.86 -17.24 -6.57
CA ILE A 113 17.21 -16.02 -7.31
C ILE A 113 16.63 -16.08 -8.75
N LYS A 114 16.80 -17.22 -9.45
CA LYS A 114 16.33 -17.48 -10.81
C LYS A 114 14.81 -17.33 -10.95
N ARG A 115 14.06 -18.06 -10.13
CA ARG A 115 12.59 -18.08 -10.16
C ARG A 115 11.99 -16.92 -9.35
N SER A 116 12.85 -16.03 -8.79
CA SER A 116 12.48 -14.95 -7.87
C SER A 116 11.80 -15.60 -6.63
N ASP A 117 11.14 -14.83 -5.74
CA ASP A 117 10.54 -15.41 -4.52
C ASP A 117 11.67 -16.09 -3.66
N SER A 118 12.42 -15.23 -2.97
CA SER A 118 13.53 -15.60 -2.10
C SER A 118 13.29 -14.96 -0.73
N ALA A 119 12.01 -15.02 -0.27
CA ALA A 119 11.55 -14.44 0.99
C ALA A 119 10.49 -15.31 1.70
N PHE A 120 10.21 -16.52 1.16
CA PHE A 120 9.24 -17.46 1.73
C PHE A 120 9.70 -18.11 3.04
N PHE A 121 11.03 -18.31 3.18
CA PHE A 121 11.67 -19.02 4.28
C PHE A 121 11.73 -18.26 5.61
N TRP A 122 11.51 -16.93 5.61
CA TRP A 122 11.59 -16.13 6.83
C TRP A 122 10.61 -16.59 7.92
N GLU A 123 9.30 -16.66 7.58
CA GLU A 123 8.25 -17.10 8.51
C GLU A 123 8.40 -18.57 8.89
N GLU A 124 8.95 -19.39 7.97
CA GLU A 124 9.23 -20.80 8.20
C GLU A 124 10.36 -20.92 9.25
N ARG A 125 11.41 -20.09 9.13
CA ARG A 125 12.55 -20.03 10.06
C ARG A 125 12.05 -19.67 11.46
N ASP A 126 11.23 -18.61 11.55
CA ASP A 126 10.69 -18.09 12.81
C ASP A 126 9.67 -19.01 13.47
N ILE A 127 8.74 -19.59 12.69
CA ILE A 127 7.71 -20.51 13.21
C ILE A 127 8.38 -21.73 13.85
N MET A 128 9.30 -22.39 13.11
CA MET A 128 10.01 -23.58 13.57
C MET A 128 10.94 -23.29 14.74
N ALA A 129 11.54 -22.09 14.77
CA ALA A 129 12.48 -21.69 15.80
C ALA A 129 11.84 -21.25 17.10
N PHE A 130 10.73 -20.51 17.02
CA PHE A 130 10.13 -19.91 18.21
C PHE A 130 8.67 -20.36 18.56
N ALA A 131 8.12 -21.41 17.89
CA ALA A 131 6.78 -21.92 18.21
C ALA A 131 6.71 -22.50 19.63
N ASN A 132 7.70 -23.35 20.00
CA ASN A 132 7.78 -24.04 21.29
C ASN A 132 6.44 -24.77 21.60
N SER A 133 5.92 -25.45 20.57
CA SER A 133 4.67 -26.21 20.57
C SER A 133 4.95 -27.67 20.22
N PRO A 134 4.26 -28.65 20.84
CA PRO A 134 4.49 -30.06 20.46
C PRO A 134 3.91 -30.40 19.09
N TRP A 135 3.19 -29.45 18.48
CA TRP A 135 2.53 -29.58 17.19
C TRP A 135 3.37 -29.06 16.02
N VAL A 136 4.49 -28.39 16.31
CA VAL A 136 5.39 -27.80 15.30
C VAL A 136 6.78 -28.45 15.38
N VAL A 137 7.37 -28.78 14.21
CA VAL A 137 8.72 -29.35 14.10
C VAL A 137 9.73 -28.29 14.57
N GLN A 138 10.57 -28.63 15.55
CA GLN A 138 11.55 -27.70 16.12
C GLN A 138 12.79 -27.47 15.23
N LEU A 139 13.18 -26.20 15.05
CA LEU A 139 14.38 -25.83 14.29
C LEU A 139 15.48 -25.46 15.30
N PHE A 140 16.56 -26.26 15.31
CA PHE A 140 17.69 -26.08 16.21
C PHE A 140 18.71 -25.09 15.66
N TYR A 141 19.08 -25.23 14.37
CA TYR A 141 20.06 -24.35 13.72
C TYR A 141 19.67 -23.99 12.31
N ALA A 142 20.06 -22.79 11.88
CA ALA A 142 19.86 -22.27 10.54
C ALA A 142 21.17 -21.63 10.13
N PHE A 143 21.75 -22.11 9.03
CA PHE A 143 23.02 -21.59 8.51
C PHE A 143 23.03 -21.52 6.98
N GLN A 144 24.15 -21.08 6.38
CA GLN A 144 24.24 -20.89 4.93
C GLN A 144 25.65 -20.78 4.39
N ASP A 145 25.81 -21.08 3.09
CA ASP A 145 27.01 -20.92 2.31
C ASP A 145 26.60 -20.19 1.02
N ASP A 146 27.52 -19.99 0.07
CA ASP A 146 27.20 -19.30 -1.19
C ASP A 146 26.12 -19.98 -2.05
N ARG A 147 25.91 -21.29 -1.85
CA ARG A 147 24.96 -22.10 -2.62
C ARG A 147 23.61 -22.40 -1.96
N TYR A 148 23.60 -22.73 -0.65
CA TYR A 148 22.38 -23.15 0.03
C TYR A 148 22.08 -22.50 1.37
N LEU A 149 20.82 -22.62 1.79
CA LEU A 149 20.28 -22.24 3.10
C LEU A 149 20.02 -23.58 3.77
N TYR A 150 20.53 -23.78 4.99
CA TYR A 150 20.38 -25.04 5.71
C TYR A 150 19.51 -24.87 6.94
N MET A 151 18.60 -25.82 7.16
CA MET A 151 17.67 -25.83 8.28
C MET A 151 17.76 -27.14 9.04
N VAL A 152 18.49 -27.12 10.16
CA VAL A 152 18.68 -28.27 11.03
C VAL A 152 17.45 -28.37 11.94
N MET A 153 16.62 -29.41 11.70
CA MET A 153 15.38 -29.65 12.44
C MET A 153 15.41 -31.01 13.16
N GLU A 154 14.41 -31.25 14.05
CA GLU A 154 14.25 -32.51 14.75
C GLU A 154 13.78 -33.58 13.75
N TYR A 155 14.38 -34.77 13.82
CA TYR A 155 14.01 -35.87 12.92
C TYR A 155 12.68 -36.49 13.34
N MET A 156 11.78 -36.70 12.36
CA MET A 156 10.45 -37.30 12.54
C MET A 156 10.52 -38.74 12.01
N PRO A 157 10.84 -39.74 12.86
CA PRO A 157 11.05 -41.11 12.36
C PRO A 157 9.83 -41.88 11.87
N GLY A 158 8.62 -41.45 12.22
CA GLY A 158 7.38 -42.09 11.81
C GLY A 158 6.91 -41.81 10.39
N GLY A 159 7.58 -40.89 9.70
CA GLY A 159 7.27 -40.52 8.32
C GLY A 159 6.08 -39.59 8.20
N ASP A 160 5.59 -39.42 6.97
CA ASP A 160 4.45 -38.58 6.64
C ASP A 160 3.14 -39.37 6.58
N LEU A 161 2.00 -38.67 6.60
CA LEU A 161 0.67 -39.31 6.58
C LEU A 161 0.28 -39.88 5.22
N VAL A 162 1.00 -39.50 4.14
CA VAL A 162 0.81 -40.03 2.78
C VAL A 162 1.23 -41.50 2.82
N ASN A 163 2.39 -41.75 3.47
CA ASN A 163 2.99 -43.08 3.66
C ASN A 163 2.11 -43.96 4.56
N LEU A 164 1.46 -43.35 5.57
CA LEU A 164 0.57 -44.05 6.50
C LEU A 164 -0.69 -44.53 5.77
N MET A 165 -1.32 -43.65 4.98
CA MET A 165 -2.54 -43.96 4.21
C MET A 165 -2.29 -44.98 3.10
N SER A 166 -1.06 -45.04 2.58
CA SER A 166 -0.67 -45.98 1.53
C SER A 166 -0.39 -47.37 2.12
N ASN A 167 0.18 -47.41 3.33
CA ASN A 167 0.55 -48.65 4.03
C ASN A 167 -0.57 -49.24 4.93
N TYR A 168 -1.62 -48.46 5.21
CA TYR A 168 -2.72 -48.90 6.07
C TYR A 168 -4.10 -48.56 5.51
N ASP A 169 -5.09 -49.43 5.80
CA ASP A 169 -6.48 -49.16 5.44
C ASP A 169 -7.04 -48.46 6.68
N VAL A 170 -6.97 -47.12 6.67
CA VAL A 170 -7.32 -46.24 7.79
C VAL A 170 -8.81 -46.34 8.21
N PRO A 171 -9.08 -46.84 9.44
CA PRO A 171 -10.46 -46.87 9.93
C PRO A 171 -10.88 -45.49 10.44
N GLU A 172 -12.17 -45.31 10.77
CA GLU A 172 -12.71 -44.04 11.27
C GLU A 172 -12.14 -43.62 12.63
N LYS A 173 -11.80 -44.60 13.51
CA LYS A 173 -11.23 -44.35 14.84
C LYS A 173 -9.86 -43.67 14.73
N TRP A 174 -9.02 -44.14 13.77
CA TRP A 174 -7.71 -43.58 13.47
C TRP A 174 -7.89 -42.22 12.82
N ALA A 175 -8.84 -42.11 11.86
CA ALA A 175 -9.17 -40.86 11.14
C ALA A 175 -9.58 -39.76 12.10
N ARG A 176 -10.33 -40.11 13.16
CA ARG A 176 -10.78 -39.19 14.22
C ARG A 176 -9.58 -38.61 14.97
N PHE A 177 -8.56 -39.45 15.27
CA PHE A 177 -7.34 -39.07 15.97
C PHE A 177 -6.50 -38.08 15.15
N TYR A 178 -6.10 -38.48 13.92
CA TYR A 178 -5.26 -37.66 13.04
C TYR A 178 -5.89 -36.34 12.65
N THR A 179 -7.22 -36.31 12.41
CA THR A 179 -7.94 -35.07 12.08
C THR A 179 -7.90 -34.11 13.27
N ALA A 180 -8.15 -34.64 14.49
CA ALA A 180 -8.13 -33.90 15.74
C ALA A 180 -6.75 -33.30 16.04
N GLU A 181 -5.67 -34.06 15.74
CA GLU A 181 -4.29 -33.60 15.93
C GLU A 181 -3.98 -32.44 14.99
N VAL A 182 -4.46 -32.53 13.72
CA VAL A 182 -4.31 -31.48 12.69
C VAL A 182 -5.06 -30.21 13.14
N VAL A 183 -6.28 -30.38 13.70
CA VAL A 183 -7.11 -29.28 14.20
C VAL A 183 -6.36 -28.51 15.30
N LEU A 184 -5.82 -29.23 16.30
CA LEU A 184 -5.04 -28.65 17.39
C LEU A 184 -3.73 -28.03 16.90
N ALA A 185 -3.08 -28.68 15.90
CA ALA A 185 -1.84 -28.20 15.31
C ALA A 185 -2.05 -26.89 14.56
N LEU A 186 -3.10 -26.81 13.73
CA LEU A 186 -3.44 -25.60 12.96
C LEU A 186 -3.86 -24.46 13.85
N ASP A 187 -4.62 -24.76 14.94
CA ASP A 187 -5.05 -23.77 15.91
C ASP A 187 -3.86 -23.07 16.57
N ALA A 188 -2.76 -23.81 16.81
CA ALA A 188 -1.52 -23.29 17.39
C ALA A 188 -0.87 -22.31 16.40
N ILE A 189 -0.84 -22.66 15.11
CA ILE A 189 -0.29 -21.83 14.04
C ILE A 189 -1.15 -20.57 13.90
N HIS A 190 -2.49 -20.71 14.02
CA HIS A 190 -3.44 -19.58 13.97
C HIS A 190 -3.24 -18.66 15.17
N SER A 191 -2.98 -19.24 16.38
CA SER A 191 -2.72 -18.51 17.62
C SER A 191 -1.43 -17.70 17.56
N MET A 192 -0.46 -18.14 16.72
CA MET A 192 0.82 -17.48 16.48
C MET A 192 0.65 -16.37 15.45
N GLY A 193 -0.58 -16.27 14.91
CA GLY A 193 -0.99 -15.26 13.94
C GLY A 193 -0.77 -15.62 12.48
N PHE A 194 -0.76 -16.94 12.16
CA PHE A 194 -0.50 -17.43 10.80
C PHE A 194 -1.57 -18.30 10.21
N ILE A 195 -1.69 -18.24 8.87
CA ILE A 195 -2.52 -19.13 8.06
C ILE A 195 -1.49 -20.03 7.36
N HIS A 196 -1.65 -21.36 7.42
CA HIS A 196 -0.73 -22.31 6.77
C HIS A 196 -0.76 -22.22 5.24
N ARG A 197 -1.96 -22.26 4.65
CA ARG A 197 -2.27 -22.17 3.21
C ARG A 197 -1.86 -23.40 2.38
N ASP A 198 -1.18 -24.40 2.99
CA ASP A 198 -0.80 -25.64 2.29
C ASP A 198 -0.95 -26.88 3.19
N VAL A 199 -2.12 -27.02 3.83
CA VAL A 199 -2.42 -28.15 4.71
C VAL A 199 -2.65 -29.39 3.81
N LYS A 200 -1.77 -30.40 3.97
CA LYS A 200 -1.80 -31.66 3.24
C LYS A 200 -1.10 -32.78 4.02
N PRO A 201 -1.37 -34.09 3.76
CA PRO A 201 -0.71 -35.16 4.54
C PRO A 201 0.80 -35.26 4.37
N ASP A 202 1.35 -34.66 3.30
CA ASP A 202 2.79 -34.63 3.00
C ASP A 202 3.50 -33.75 4.03
N ASN A 203 2.78 -32.73 4.57
CA ASN A 203 3.26 -31.76 5.57
C ASN A 203 2.90 -32.17 7.01
N MET A 204 2.32 -33.37 7.16
CA MET A 204 1.95 -33.92 8.47
C MET A 204 2.91 -35.07 8.78
N LEU A 205 3.84 -34.82 9.72
CA LEU A 205 4.85 -35.79 10.11
C LEU A 205 4.60 -36.39 11.48
N LEU A 206 5.19 -37.58 11.71
CA LEU A 206 5.04 -38.33 12.95
C LEU A 206 6.37 -38.58 13.63
N ASP A 207 6.42 -38.32 14.96
CA ASP A 207 7.61 -38.52 15.80
C ASP A 207 7.82 -40.01 16.16
N LYS A 208 8.79 -40.31 17.06
CA LYS A 208 9.07 -41.68 17.52
C LYS A 208 7.89 -42.32 18.27
N SER A 209 6.97 -41.48 18.81
CA SER A 209 5.78 -41.88 19.56
C SER A 209 4.53 -42.07 18.66
N GLY A 210 4.60 -41.55 17.44
CA GLY A 210 3.50 -41.64 16.48
C GLY A 210 2.57 -40.44 16.51
N HIS A 211 2.99 -39.33 17.14
CA HIS A 211 2.13 -38.15 17.20
C HIS A 211 2.46 -37.16 16.10
N LEU A 212 1.41 -36.49 15.58
CA LEU A 212 1.48 -35.52 14.51
C LEU A 212 2.21 -34.22 14.89
N LYS A 213 2.93 -33.66 13.90
CA LYS A 213 3.67 -32.40 13.94
C LYS A 213 3.60 -31.82 12.54
N LEU A 214 3.24 -30.54 12.43
CA LEU A 214 3.18 -29.86 11.14
C LEU A 214 4.58 -29.46 10.70
N ALA A 215 4.84 -29.56 9.39
CA ALA A 215 6.12 -29.19 8.79
C ALA A 215 5.84 -28.38 7.53
N ASP A 216 6.89 -27.86 6.88
CA ASP A 216 6.82 -27.01 5.69
C ASP A 216 5.89 -25.80 5.88
N PHE A 217 6.43 -24.73 6.46
CA PHE A 217 5.70 -23.49 6.70
C PHE A 217 6.10 -22.44 5.66
N GLY A 218 6.50 -22.91 4.47
CA GLY A 218 6.92 -22.07 3.36
C GLY A 218 5.82 -21.26 2.71
N THR A 219 4.56 -21.56 3.03
CA THR A 219 3.39 -20.87 2.48
C THR A 219 2.69 -20.00 3.52
N CYS A 220 3.15 -20.09 4.79
CA CYS A 220 2.64 -19.34 5.93
C CYS A 220 2.65 -17.83 5.71
N MET A 221 1.55 -17.20 6.11
CA MET A 221 1.36 -15.77 6.01
C MET A 221 0.73 -15.27 7.29
N LYS A 222 1.24 -14.15 7.82
CA LYS A 222 0.75 -13.52 9.03
C LYS A 222 -0.56 -12.78 8.76
N MET A 223 -1.56 -13.02 9.61
CA MET A 223 -2.89 -12.41 9.54
C MET A 223 -2.83 -11.01 10.13
N ASN A 224 -3.77 -10.14 9.73
CA ASN A 224 -3.89 -8.80 10.31
C ASN A 224 -4.71 -8.90 11.60
N LYS A 225 -4.99 -7.75 12.27
CA LYS A 225 -5.73 -7.71 13.54
C LYS A 225 -7.14 -8.34 13.45
N GLU A 226 -7.68 -8.49 12.23
CA GLU A 226 -9.00 -9.11 12.00
C GLU A 226 -8.87 -10.49 11.32
N GLY A 227 -7.73 -11.15 11.52
CA GLY A 227 -7.41 -12.48 11.02
C GLY A 227 -7.47 -12.67 9.52
N MET A 228 -7.24 -11.60 8.77
CA MET A 228 -7.32 -11.62 7.32
C MET A 228 -5.99 -11.47 6.64
N VAL A 229 -5.94 -11.89 5.37
CA VAL A 229 -4.76 -11.86 4.51
C VAL A 229 -5.14 -11.39 3.10
N ARG A 230 -4.27 -10.57 2.48
CA ARG A 230 -4.46 -10.02 1.14
C ARG A 230 -3.36 -10.57 0.24
N CYS A 231 -3.73 -11.50 -0.66
CA CYS A 231 -2.81 -12.18 -1.56
C CYS A 231 -3.37 -12.29 -2.98
N ASP A 232 -2.61 -11.80 -3.98
CA ASP A 232 -3.02 -11.82 -5.38
C ASP A 232 -2.55 -13.09 -6.13
N THR A 233 -1.92 -14.03 -5.41
CA THR A 233 -1.41 -15.24 -6.03
C THR A 233 -1.83 -16.51 -5.23
N ALA A 234 -2.48 -17.46 -5.94
CA ALA A 234 -2.97 -18.73 -5.44
C ALA A 234 -1.79 -19.54 -4.92
N VAL A 235 -1.97 -20.09 -3.72
CA VAL A 235 -0.91 -20.79 -2.99
C VAL A 235 -1.42 -22.16 -2.48
N GLY A 236 -0.59 -23.18 -2.61
CA GLY A 236 -0.91 -24.52 -2.13
C GLY A 236 -0.79 -25.66 -3.13
N THR A 237 -1.58 -26.71 -2.91
CA THR A 237 -1.59 -27.94 -3.72
C THR A 237 -2.93 -28.08 -4.49
N PRO A 238 -2.90 -28.50 -5.78
CA PRO A 238 -4.15 -28.55 -6.57
C PRO A 238 -5.31 -29.32 -5.95
N ASP A 239 -5.07 -30.42 -5.25
CA ASP A 239 -6.14 -31.20 -4.67
C ASP A 239 -6.70 -30.63 -3.38
N TYR A 240 -5.87 -29.93 -2.58
CA TYR A 240 -6.21 -29.42 -1.25
C TYR A 240 -6.58 -27.95 -1.18
N ILE A 241 -6.40 -27.19 -2.29
CA ILE A 241 -6.69 -25.76 -2.35
C ILE A 241 -8.20 -25.49 -2.23
N SER A 242 -8.54 -24.43 -1.50
CA SER A 242 -9.91 -23.95 -1.29
C SER A 242 -10.34 -23.08 -2.50
N PRO A 243 -11.65 -22.87 -2.73
CA PRO A 243 -12.06 -22.02 -3.86
C PRO A 243 -11.64 -20.56 -3.75
N GLU A 244 -11.67 -19.97 -2.54
CA GLU A 244 -11.31 -18.57 -2.32
C GLU A 244 -9.83 -18.31 -2.66
N VAL A 245 -8.91 -19.21 -2.25
CA VAL A 245 -7.48 -19.12 -2.53
C VAL A 245 -7.21 -19.45 -4.00
N LEU A 246 -7.86 -20.50 -4.56
CA LEU A 246 -7.70 -20.92 -5.96
C LEU A 246 -8.02 -19.80 -6.95
N LYS A 247 -9.12 -19.06 -6.72
CA LYS A 247 -9.56 -17.97 -7.58
C LYS A 247 -8.88 -16.62 -7.24
N SER A 248 -7.90 -16.62 -6.30
CA SER A 248 -7.24 -15.36 -5.92
C SER A 248 -6.42 -14.76 -7.06
N GLN A 249 -6.52 -13.44 -7.20
CA GLN A 249 -5.87 -12.64 -8.24
C GLN A 249 -5.77 -11.18 -7.76
N GLY A 250 -5.26 -10.31 -8.63
CA GLY A 250 -5.15 -8.88 -8.36
C GLY A 250 -6.53 -8.28 -8.17
N GLY A 251 -6.76 -7.73 -6.98
CA GLY A 251 -8.04 -7.13 -6.59
C GLY A 251 -8.92 -8.07 -5.76
N ASP A 252 -8.98 -9.36 -6.14
CA ASP A 252 -9.78 -10.37 -5.46
C ASP A 252 -8.92 -11.48 -4.82
N GLY A 253 -8.36 -11.17 -3.66
CA GLY A 253 -7.53 -12.09 -2.90
C GLY A 253 -7.53 -11.77 -1.42
N TYR A 254 -8.72 -11.75 -0.81
CA TYR A 254 -8.95 -11.42 0.58
C TYR A 254 -9.55 -12.62 1.34
N TYR A 255 -8.74 -13.35 2.13
CA TYR A 255 -9.22 -14.54 2.85
C TYR A 255 -8.62 -14.70 4.27
N GLY A 256 -9.34 -15.44 5.12
CA GLY A 256 -8.95 -15.73 6.50
C GLY A 256 -8.39 -17.11 6.70
N ARG A 257 -8.48 -17.64 7.93
CA ARG A 257 -7.95 -18.95 8.33
C ARG A 257 -8.86 -20.14 7.96
N GLU A 258 -10.09 -19.85 7.47
CA GLU A 258 -11.06 -20.87 7.03
C GLU A 258 -10.56 -21.69 5.83
N CYS A 259 -9.60 -21.17 5.05
CA CYS A 259 -9.01 -21.85 3.89
C CYS A 259 -8.20 -23.08 4.32
N ASP A 260 -7.67 -23.06 5.56
CA ASP A 260 -6.93 -24.17 6.15
C ASP A 260 -7.92 -25.27 6.56
N TRP A 261 -9.14 -24.88 7.00
CA TRP A 261 -10.19 -25.82 7.39
C TRP A 261 -10.76 -26.58 6.21
N TRP A 262 -10.77 -25.96 5.00
CA TRP A 262 -11.24 -26.59 3.76
C TRP A 262 -10.34 -27.79 3.50
N SER A 263 -9.02 -27.59 3.59
CA SER A 263 -7.99 -28.59 3.38
C SER A 263 -8.10 -29.75 4.37
N VAL A 264 -8.58 -29.48 5.59
CA VAL A 264 -8.79 -30.50 6.62
C VAL A 264 -9.88 -31.48 6.15
N GLY A 265 -10.95 -30.91 5.57
CA GLY A 265 -12.07 -31.67 5.00
C GLY A 265 -11.62 -32.52 3.83
N VAL A 266 -10.69 -31.98 3.02
CA VAL A 266 -10.09 -32.66 1.86
C VAL A 266 -9.26 -33.85 2.38
N PHE A 267 -8.46 -33.60 3.43
CA PHE A 267 -7.61 -34.60 4.11
C PHE A 267 -8.46 -35.72 4.73
N LEU A 268 -9.58 -35.37 5.40
CA LEU A 268 -10.49 -36.34 6.03
C LEU A 268 -11.17 -37.22 4.98
N TYR A 269 -11.58 -36.64 3.83
CA TYR A 269 -12.22 -37.36 2.73
C TYR A 269 -11.26 -38.40 2.16
N GLU A 270 -10.03 -37.98 1.79
CA GLU A 270 -8.98 -38.83 1.23
C GLU A 270 -8.59 -39.97 2.17
N MET A 271 -8.59 -39.71 3.49
CA MET A 271 -8.26 -40.69 4.52
C MET A 271 -9.27 -41.83 4.61
N LEU A 272 -10.56 -41.52 4.41
CA LEU A 272 -11.67 -42.47 4.50
C LEU A 272 -12.07 -43.11 3.17
N VAL A 273 -11.96 -42.36 2.06
CA VAL A 273 -12.33 -42.82 0.72
C VAL A 273 -11.14 -43.49 -0.01
N GLY A 274 -9.94 -42.94 0.16
CA GLY A 274 -8.72 -43.45 -0.46
C GLY A 274 -8.34 -42.66 -1.69
N ASP A 275 -9.14 -41.63 -2.01
CA ASP A 275 -8.95 -40.73 -3.14
C ASP A 275 -9.36 -39.33 -2.74
N THR A 276 -8.74 -38.31 -3.36
CA THR A 276 -9.04 -36.89 -3.11
C THR A 276 -10.45 -36.56 -3.62
N PRO A 277 -11.22 -35.67 -2.96
CA PRO A 277 -12.60 -35.41 -3.41
C PRO A 277 -12.75 -34.79 -4.79
N PHE A 278 -11.73 -34.05 -5.26
CA PHE A 278 -11.81 -33.37 -6.55
C PHE A 278 -10.77 -33.89 -7.55
N TYR A 279 -10.42 -35.19 -7.43
CA TYR A 279 -9.47 -35.84 -8.33
C TYR A 279 -9.91 -35.80 -9.80
N ALA A 280 -8.93 -35.60 -10.69
CA ALA A 280 -9.05 -35.56 -12.14
C ALA A 280 -7.65 -35.83 -12.70
N ASP A 281 -7.59 -36.58 -13.81
CA ASP A 281 -6.32 -36.89 -14.49
C ASP A 281 -5.74 -35.62 -15.09
N SER A 282 -6.60 -34.64 -15.45
CA SER A 282 -6.26 -33.33 -15.95
C SER A 282 -6.28 -32.36 -14.75
N LEU A 283 -5.20 -31.60 -14.55
CA LEU A 283 -5.11 -30.63 -13.44
C LEU A 283 -6.19 -29.54 -13.46
N VAL A 284 -6.51 -28.99 -14.65
CA VAL A 284 -7.56 -28.00 -14.88
C VAL A 284 -8.95 -28.63 -14.54
N GLY A 285 -9.06 -29.96 -14.60
CA GLY A 285 -10.25 -30.71 -14.24
C GLY A 285 -10.53 -30.61 -12.74
N THR A 286 -9.45 -30.58 -11.92
CA THR A 286 -9.49 -30.46 -10.45
C THR A 286 -9.94 -29.05 -10.08
N TYR A 287 -9.38 -28.04 -10.79
CA TYR A 287 -9.67 -26.61 -10.68
C TYR A 287 -11.19 -26.41 -10.84
N SER A 288 -11.74 -26.97 -11.92
CA SER A 288 -13.16 -26.95 -12.28
C SER A 288 -14.00 -27.63 -11.18
N LYS A 289 -13.55 -28.77 -10.71
CA LYS A 289 -14.22 -29.56 -9.67
C LYS A 289 -14.28 -28.84 -8.33
N ILE A 290 -13.23 -28.08 -7.96
CA ILE A 290 -13.17 -27.32 -6.70
C ILE A 290 -14.18 -26.15 -6.74
N MET A 291 -14.24 -25.44 -7.88
CA MET A 291 -15.15 -24.32 -8.11
C MET A 291 -16.62 -24.78 -8.14
N ASN A 292 -16.85 -26.03 -8.58
CA ASN A 292 -18.17 -26.65 -8.69
C ASN A 292 -18.45 -27.65 -7.55
N HIS A 293 -17.73 -27.53 -6.40
CA HIS A 293 -17.84 -28.40 -5.21
C HIS A 293 -19.28 -28.71 -4.76
N LYS A 294 -20.24 -27.77 -4.99
CA LYS A 294 -21.66 -27.90 -4.66
C LYS A 294 -22.30 -29.10 -5.35
N ASN A 295 -21.89 -29.35 -6.61
CA ASN A 295 -22.39 -30.47 -7.43
C ASN A 295 -21.30 -31.53 -7.72
N SER A 296 -20.04 -31.21 -7.40
CA SER A 296 -18.87 -32.07 -7.63
C SER A 296 -18.58 -33.07 -6.52
N LEU A 297 -18.82 -32.69 -5.24
CA LEU A 297 -18.58 -33.56 -4.09
C LEU A 297 -19.57 -34.71 -4.03
N THR A 298 -19.08 -35.91 -4.35
CA THR A 298 -19.85 -37.16 -4.35
C THR A 298 -19.14 -38.19 -3.50
N PHE A 299 -19.91 -38.97 -2.73
CA PHE A 299 -19.36 -40.02 -1.89
C PHE A 299 -19.55 -41.39 -2.58
N PRO A 300 -18.55 -42.31 -2.52
CA PRO A 300 -18.70 -43.61 -3.22
C PRO A 300 -19.93 -44.39 -2.76
N ASP A 301 -20.76 -44.78 -3.76
CA ASP A 301 -22.04 -45.49 -3.72
C ASP A 301 -22.20 -46.55 -2.61
N ASP A 302 -21.18 -47.41 -2.41
CA ASP A 302 -21.18 -48.49 -1.41
C ASP A 302 -21.53 -48.02 0.01
N ASN A 303 -20.80 -46.99 0.54
CA ASN A 303 -20.95 -46.35 1.87
C ASN A 303 -20.67 -47.30 3.06
N ASP A 304 -19.84 -46.79 4.00
CA ASP A 304 -19.40 -47.46 5.24
C ASP A 304 -18.76 -46.43 6.17
N ILE A 305 -18.58 -45.19 5.67
CA ILE A 305 -17.88 -44.08 6.33
C ILE A 305 -18.79 -43.18 7.22
N SER A 306 -19.86 -43.73 7.80
CA SER A 306 -20.80 -43.09 8.75
C SER A 306 -21.46 -41.78 8.26
N LYS A 307 -22.44 -41.30 9.04
CA LYS A 307 -23.23 -40.10 8.78
C LYS A 307 -22.51 -38.85 9.28
N GLU A 308 -21.92 -38.90 10.50
CA GLU A 308 -21.23 -37.77 11.10
C GLU A 308 -19.88 -37.44 10.45
N ALA A 309 -19.22 -38.44 9.83
CA ALA A 309 -17.95 -38.23 9.13
C ALA A 309 -18.24 -37.50 7.81
N LYS A 310 -19.32 -37.90 7.11
CA LYS A 310 -19.80 -37.28 5.87
C LYS A 310 -20.24 -35.84 6.15
N ASN A 311 -20.87 -35.62 7.32
CA ASN A 311 -21.36 -34.32 7.81
C ASN A 311 -20.21 -33.32 7.99
N LEU A 312 -19.07 -33.79 8.54
CA LEU A 312 -17.87 -32.98 8.79
C LEU A 312 -17.20 -32.57 7.48
N ILE A 313 -17.02 -33.53 6.55
CA ILE A 313 -16.42 -33.31 5.23
C ILE A 313 -17.21 -32.23 4.48
N CYS A 314 -18.55 -32.34 4.50
CA CYS A 314 -19.46 -31.38 3.87
C CYS A 314 -19.50 -30.02 4.57
N ALA A 315 -19.28 -30.00 5.91
CA ALA A 315 -19.24 -28.79 6.75
C ALA A 315 -18.00 -27.94 6.42
N PHE A 316 -16.89 -28.60 6.02
CA PHE A 316 -15.65 -27.95 5.64
C PHE A 316 -15.63 -27.67 4.14
N LEU A 317 -16.17 -28.59 3.33
CA LEU A 317 -16.17 -28.51 1.87
C LEU A 317 -17.40 -27.77 1.32
N THR A 318 -17.53 -26.51 1.73
CA THR A 318 -18.57 -25.56 1.29
C THR A 318 -17.94 -24.20 1.09
N ASP A 319 -18.76 -23.20 0.73
CA ASP A 319 -18.31 -21.84 0.58
C ASP A 319 -17.94 -21.29 1.95
N ARG A 320 -16.82 -20.54 2.01
CA ARG A 320 -16.22 -19.93 3.20
C ARG A 320 -17.23 -19.35 4.20
N GLU A 321 -18.25 -18.62 3.71
CA GLU A 321 -19.27 -17.96 4.52
C GLU A 321 -20.19 -18.91 5.30
N VAL A 322 -20.20 -20.21 4.94
CA VAL A 322 -21.02 -21.24 5.59
C VAL A 322 -20.16 -22.44 6.02
N ARG A 323 -18.84 -22.27 6.02
CA ARG A 323 -17.87 -23.30 6.39
C ARG A 323 -17.67 -23.37 7.89
N LEU A 324 -17.62 -24.59 8.45
CA LEU A 324 -17.37 -24.85 9.87
C LEU A 324 -15.97 -24.32 10.19
N GLY A 325 -15.87 -23.59 11.30
CA GLY A 325 -14.62 -22.96 11.73
C GLY A 325 -14.66 -21.45 11.61
N ARG A 326 -15.66 -20.91 10.86
CA ARG A 326 -15.86 -19.48 10.64
C ARG A 326 -16.09 -18.70 11.96
N ASN A 327 -16.67 -19.38 12.97
CA ASN A 327 -16.95 -18.83 14.29
C ASN A 327 -15.99 -19.43 15.34
N GLY A 328 -14.75 -19.65 14.94
CA GLY A 328 -13.71 -20.20 15.81
C GLY A 328 -13.56 -21.70 15.74
N VAL A 329 -12.50 -22.21 16.37
CA VAL A 329 -12.13 -23.62 16.41
C VAL A 329 -13.04 -24.46 17.34
N GLU A 330 -13.72 -23.82 18.31
CA GLU A 330 -14.58 -24.54 19.25
C GLU A 330 -15.75 -25.27 18.58
N GLU A 331 -16.31 -24.70 17.49
CA GLU A 331 -17.41 -25.33 16.75
C GLU A 331 -16.96 -26.61 16.02
N ILE A 332 -15.66 -26.69 15.64
CA ILE A 332 -15.05 -27.87 15.02
C ILE A 332 -14.89 -28.95 16.10
N LYS A 333 -14.41 -28.56 17.29
CA LYS A 333 -14.19 -29.43 18.44
C LYS A 333 -15.51 -30.00 18.99
N ARG A 334 -16.61 -29.22 18.89
CA ARG A 334 -17.95 -29.60 19.35
C ARG A 334 -18.68 -30.57 18.41
N HIS A 335 -18.15 -30.81 17.19
CA HIS A 335 -18.75 -31.71 16.19
C HIS A 335 -18.82 -33.14 16.68
N LEU A 336 -19.95 -33.82 16.39
CA LEU A 336 -20.25 -35.20 16.79
C LEU A 336 -19.22 -36.24 16.34
N PHE A 337 -18.52 -35.98 15.21
CA PHE A 337 -17.49 -36.87 14.68
C PHE A 337 -16.36 -37.10 15.68
N PHE A 338 -15.97 -36.04 16.42
CA PHE A 338 -14.90 -36.11 17.40
C PHE A 338 -15.31 -36.71 18.75
N LYS A 339 -16.63 -36.95 18.96
CA LYS A 339 -17.14 -37.54 20.20
C LYS A 339 -16.73 -39.02 20.26
N ASN A 340 -15.86 -39.35 21.24
CA ASN A 340 -15.30 -40.68 21.47
C ASN A 340 -15.08 -40.97 22.97
N ASP A 341 -14.74 -42.21 23.31
CA ASP A 341 -14.50 -42.66 24.68
C ASP A 341 -13.01 -42.97 24.98
N GLN A 342 -12.11 -42.73 24.00
CA GLN A 342 -10.69 -43.02 24.15
C GLN A 342 -9.82 -41.82 24.53
N TRP A 343 -10.08 -40.63 23.93
CA TRP A 343 -9.30 -39.42 24.19
C TRP A 343 -10.16 -38.17 24.41
N ALA A 344 -9.50 -37.08 24.89
CA ALA A 344 -10.07 -35.76 25.13
C ALA A 344 -9.14 -34.74 24.45
N TRP A 345 -9.71 -33.60 23.99
CA TRP A 345 -9.01 -32.54 23.29
C TRP A 345 -7.78 -31.97 24.00
N GLU A 346 -7.83 -31.85 25.33
CA GLU A 346 -6.73 -31.29 26.13
C GLU A 346 -5.66 -32.32 26.53
N THR A 347 -5.92 -33.62 26.32
CA THR A 347 -4.98 -34.69 26.67
C THR A 347 -4.67 -35.64 25.48
N LEU A 348 -5.14 -35.30 24.27
CA LEU A 348 -4.99 -36.08 23.04
C LEU A 348 -3.54 -36.48 22.71
N ARG A 349 -2.59 -35.54 22.80
CA ARG A 349 -1.19 -35.84 22.48
C ARG A 349 -0.49 -36.72 23.54
N ASP A 350 -1.10 -36.86 24.72
CA ASP A 350 -0.57 -37.70 25.80
C ASP A 350 -1.05 -39.16 25.68
N THR A 351 -2.15 -39.40 24.93
CA THR A 351 -2.72 -40.74 24.69
C THR A 351 -1.87 -41.49 23.66
N VAL A 352 -1.97 -42.85 23.62
CA VAL A 352 -1.21 -43.67 22.67
C VAL A 352 -1.79 -43.53 21.26
N ALA A 353 -0.90 -43.22 20.30
CA ALA A 353 -1.18 -43.03 18.88
C ALA A 353 -1.63 -44.34 18.20
N PRO A 354 -2.40 -44.30 17.07
CA PRO A 354 -2.82 -45.53 16.41
C PRO A 354 -1.67 -46.36 15.84
N VAL A 355 -0.61 -45.67 15.33
CA VAL A 355 0.57 -46.31 14.77
C VAL A 355 1.81 -45.77 15.48
N VAL A 356 2.48 -46.63 16.28
CA VAL A 356 3.71 -46.27 16.96
C VAL A 356 4.85 -46.92 16.15
N PRO A 357 5.79 -46.11 15.59
CA PRO A 357 6.84 -46.70 14.73
C PRO A 357 7.80 -47.66 15.42
N ASP A 358 8.06 -48.81 14.77
CA ASP A 358 9.03 -49.80 15.23
C ASP A 358 10.40 -49.34 14.74
N LEU A 359 11.23 -48.86 15.68
CA LEU A 359 12.55 -48.34 15.35
C LEU A 359 13.68 -49.20 15.87
N SER A 360 14.61 -49.54 14.96
CA SER A 360 15.79 -50.38 15.24
C SER A 360 17.02 -49.56 15.63
N SER A 361 17.13 -48.33 15.09
CA SER A 361 18.25 -47.42 15.34
C SER A 361 17.79 -45.96 15.32
N ASP A 362 18.68 -45.04 15.76
CA ASP A 362 18.43 -43.60 15.77
C ASP A 362 18.45 -43.01 14.33
N ILE A 363 18.89 -43.82 13.35
CA ILE A 363 18.96 -43.46 11.93
C ILE A 363 18.06 -44.38 11.06
N ASP A 364 16.94 -44.87 11.65
CA ASP A 364 15.97 -45.75 10.99
C ASP A 364 15.15 -44.93 10.01
N THR A 365 15.17 -45.32 8.72
CA THR A 365 14.45 -44.62 7.66
C THR A 365 13.42 -45.50 6.93
N SER A 366 12.93 -46.57 7.62
CA SER A 366 11.94 -47.51 7.09
C SER A 366 10.61 -46.84 6.73
N ASN A 367 10.26 -45.73 7.40
CA ASN A 367 9.02 -44.98 7.17
C ASN A 367 9.19 -43.88 6.10
N PHE A 368 10.30 -43.93 5.34
CA PHE A 368 10.60 -43.00 4.24
C PHE A 368 11.02 -43.80 3.02
N ASP A 369 10.43 -43.51 1.85
CA ASP A 369 10.78 -44.18 0.59
C ASP A 369 12.13 -43.73 0.07
N ASP A 370 12.68 -44.47 -0.89
CA ASP A 370 13.96 -44.13 -1.49
C ASP A 370 13.77 -43.09 -2.61
N LEU A 371 14.77 -42.22 -2.80
CA LEU A 371 14.75 -41.17 -3.83
C LEU A 371 15.95 -41.28 -4.77
N GLU A 372 15.75 -40.93 -6.05
CA GLU A 372 16.77 -40.97 -7.11
C GLU A 372 17.75 -39.77 -7.02
N GLU A 373 18.44 -39.43 -8.13
CA GLU A 373 19.42 -38.33 -8.15
C GLU A 373 19.26 -37.38 -9.37
N ASP A 374 20.29 -36.55 -9.64
CA ASP A 374 20.35 -35.60 -10.74
C ASP A 374 21.80 -35.43 -11.25
N GLU A 378 23.27 -29.94 -10.66
CA GLU A 378 22.88 -28.62 -10.17
C GLU A 378 23.39 -27.47 -11.07
N GLU A 379 22.98 -26.23 -10.72
CA GLU A 379 23.31 -24.98 -11.42
C GLU A 379 23.96 -24.00 -10.44
N THR A 380 24.76 -23.05 -10.97
CA THR A 380 25.49 -22.04 -10.18
C THR A 380 25.38 -20.64 -10.80
N PHE A 381 25.57 -19.59 -9.98
CA PHE A 381 25.51 -18.19 -10.44
C PHE A 381 26.65 -17.88 -11.41
N PRO A 382 26.37 -17.21 -12.55
CA PRO A 382 27.47 -16.84 -13.47
C PRO A 382 28.37 -15.78 -12.84
N ILE A 383 29.63 -15.74 -13.25
CA ILE A 383 30.50 -14.74 -12.67
C ILE A 383 29.94 -13.39 -13.06
N PRO A 384 29.82 -12.48 -12.09
CA PRO A 384 29.32 -11.13 -12.36
C PRO A 384 30.35 -10.21 -13.00
N LYS A 385 29.88 -9.31 -13.88
CA LYS A 385 30.70 -8.32 -14.58
C LYS A 385 30.60 -6.96 -13.85
N ALA A 386 29.68 -6.89 -12.87
CA ALA A 386 29.38 -5.76 -11.99
C ALA A 386 28.69 -6.32 -10.73
N PHE A 387 28.56 -5.52 -9.65
CA PHE A 387 27.92 -5.98 -8.41
C PHE A 387 26.45 -6.33 -8.63
N VAL A 388 26.07 -7.55 -8.19
CA VAL A 388 24.70 -8.08 -8.33
C VAL A 388 24.04 -8.32 -6.96
N GLY A 389 24.86 -8.69 -5.97
CA GLY A 389 24.43 -8.93 -4.60
C GLY A 389 23.47 -10.10 -4.43
N ASN A 390 23.81 -11.26 -5.04
CA ASN A 390 22.99 -12.48 -4.96
C ASN A 390 22.84 -13.05 -3.55
N GLN A 391 23.77 -12.73 -2.63
CA GLN A 391 23.77 -13.19 -1.24
C GLN A 391 22.98 -12.26 -0.32
N LEU A 392 22.62 -11.05 -0.80
CA LEU A 392 21.88 -10.04 -0.02
C LEU A 392 20.49 -10.50 0.49
N PRO A 393 19.64 -11.23 -0.28
CA PRO A 393 18.33 -11.65 0.28
C PRO A 393 18.39 -12.67 1.41
N PHE A 394 19.60 -13.21 1.68
CA PHE A 394 19.84 -14.26 2.66
C PHE A 394 20.59 -13.80 3.92
N VAL A 395 20.91 -12.48 4.01
CA VAL A 395 21.61 -11.89 5.16
C VAL A 395 20.64 -11.91 6.35
N GLY A 396 21.06 -12.51 7.45
CA GLY A 396 20.23 -12.60 8.65
C GLY A 396 19.53 -13.93 8.84
N PHE A 397 19.71 -14.86 7.89
CA PHE A 397 19.11 -16.19 7.97
C PHE A 397 19.72 -17.06 9.09
N THR A 398 21.02 -16.85 9.40
CA THR A 398 21.74 -17.63 10.41
C THR A 398 21.08 -17.50 11.80
N TYR A 399 20.84 -18.64 12.45
CA TYR A 399 20.23 -18.74 13.78
C TYR A 399 20.83 -19.89 14.57
N TYR A 400 21.12 -19.65 15.88
CA TYR A 400 21.68 -20.56 16.88
C TYR A 400 22.97 -21.23 16.45
N MET B 5 39.55 -28.90 17.76
CA MET B 5 38.63 -27.95 17.14
C MET B 5 37.21 -28.52 16.98
N SER B 6 36.56 -28.84 18.11
CA SER B 6 35.20 -29.39 18.16
C SER B 6 34.32 -28.59 19.13
N PHE B 7 33.21 -28.03 18.68
CA PHE B 7 32.35 -27.21 19.56
C PHE B 7 31.61 -27.99 20.65
N GLU B 8 31.38 -27.39 21.83
CA GLU B 8 31.36 -25.94 22.10
C GLU B 8 32.75 -25.25 22.26
N THR B 9 33.87 -25.93 21.92
CA THR B 9 35.21 -25.35 22.01
C THR B 9 35.41 -24.28 20.92
N ARG B 10 35.11 -24.62 19.64
CA ARG B 10 35.22 -23.68 18.53
C ARG B 10 34.11 -22.61 18.54
N PHE B 11 33.06 -22.83 19.36
CA PHE B 11 31.96 -21.89 19.56
C PHE B 11 32.44 -20.79 20.53
N GLU B 12 33.23 -21.18 21.56
CA GLU B 12 33.85 -20.30 22.54
C GLU B 12 34.89 -19.44 21.83
N LYS B 13 35.68 -20.07 20.93
CA LYS B 13 36.73 -19.46 20.12
C LYS B 13 36.15 -18.41 19.18
N MET B 14 34.91 -18.65 18.71
CA MET B 14 34.17 -17.76 17.85
C MET B 14 33.67 -16.56 18.67
N ASP B 15 33.17 -16.83 19.91
CA ASP B 15 32.67 -15.81 20.84
C ASP B 15 33.77 -14.84 21.27
N ASN B 16 35.02 -15.31 21.38
CA ASN B 16 36.20 -14.50 21.75
C ASN B 16 36.47 -13.44 20.68
N LEU B 17 36.36 -13.83 19.39
CA LEU B 17 36.57 -12.99 18.22
C LEU B 17 35.57 -11.83 18.13
N LEU B 18 34.36 -12.03 18.67
CA LEU B 18 33.28 -11.03 18.67
C LEU B 18 33.43 -10.02 19.80
N ARG B 19 34.15 -10.41 20.87
CA ARG B 19 34.34 -9.61 22.08
C ARG B 19 35.66 -8.86 22.12
N ASP B 20 36.73 -9.46 21.54
CA ASP B 20 38.09 -8.89 21.50
C ASP B 20 38.15 -7.50 20.84
N PRO B 21 38.64 -6.46 21.56
CA PRO B 21 38.72 -5.12 20.95
C PRO B 21 39.74 -5.02 19.83
N LYS B 22 40.77 -5.89 19.87
CA LYS B 22 41.84 -5.96 18.87
C LYS B 22 41.41 -6.71 17.59
N SER B 23 40.25 -7.40 17.63
CA SER B 23 39.71 -8.17 16.50
C SER B 23 39.05 -7.29 15.43
N GLU B 24 39.29 -7.64 14.15
CA GLU B 24 38.71 -6.95 13.00
C GLU B 24 37.27 -7.41 12.71
N VAL B 25 36.84 -8.53 13.32
CA VAL B 25 35.49 -9.08 13.20
C VAL B 25 34.72 -8.91 14.52
N ASN B 26 35.11 -7.89 15.31
CA ASN B 26 34.50 -7.52 16.58
C ASN B 26 33.08 -6.99 16.32
N SER B 27 32.18 -7.11 17.30
CA SER B 27 30.79 -6.65 17.22
C SER B 27 30.63 -5.24 16.61
N ASP B 28 31.49 -4.29 17.02
CA ASP B 28 31.47 -2.90 16.52
C ASP B 28 31.96 -2.81 15.07
N CYS B 29 32.92 -3.66 14.69
CA CYS B 29 33.45 -3.71 13.34
C CYS B 29 32.45 -4.31 12.36
N LEU B 30 31.64 -5.28 12.84
CA LEU B 30 30.63 -5.96 12.03
C LEU B 30 29.48 -5.03 11.70
N LEU B 31 29.13 -4.12 12.66
CA LEU B 31 28.09 -3.11 12.48
C LEU B 31 28.50 -2.13 11.39
N ASP B 32 29.82 -1.83 11.31
CA ASP B 32 30.41 -0.93 10.32
C ASP B 32 30.16 -1.46 8.90
N GLY B 33 30.24 -2.79 8.74
CA GLY B 33 29.99 -3.47 7.48
C GLY B 33 28.60 -3.23 6.93
N LEU B 34 27.59 -3.40 7.81
CA LEU B 34 26.18 -3.18 7.49
C LEU B 34 25.90 -1.69 7.26
N ASP B 35 26.48 -0.83 8.12
CA ASP B 35 26.35 0.63 8.05
C ASP B 35 26.89 1.16 6.72
N ALA B 36 28.08 0.70 6.31
CA ALA B 36 28.75 1.06 5.06
C ALA B 36 27.95 0.60 3.86
N LEU B 37 27.42 -0.65 3.93
CA LEU B 37 26.61 -1.26 2.89
C LEU B 37 25.35 -0.43 2.63
N VAL B 38 24.66 0.02 3.70
CA VAL B 38 23.46 0.86 3.61
C VAL B 38 23.79 2.22 2.98
N TYR B 39 24.94 2.83 3.35
CA TYR B 39 25.39 4.09 2.79
C TYR B 39 25.70 3.96 1.28
N ASP B 40 26.45 2.90 0.90
CA ASP B 40 26.89 2.65 -0.48
C ASP B 40 25.83 2.09 -1.43
N LEU B 41 24.74 1.49 -0.90
CA LEU B 41 23.67 0.92 -1.73
C LEU B 41 22.44 1.81 -1.89
N ASP B 42 22.17 2.72 -0.92
CA ASP B 42 20.98 3.57 -0.92
C ASP B 42 21.04 4.72 -1.95
N PHE B 43 20.90 4.37 -3.24
CA PHE B 43 20.88 5.28 -4.38
C PHE B 43 19.84 4.78 -5.38
N PRO B 44 19.04 5.69 -6.00
CA PRO B 44 17.98 5.24 -6.92
C PRO B 44 18.41 4.34 -8.08
N ALA B 45 19.61 4.58 -8.64
CA ALA B 45 20.17 3.80 -9.75
C ALA B 45 20.44 2.35 -9.32
N LEU B 46 20.98 2.18 -8.11
CA LEU B 46 21.31 0.87 -7.52
C LEU B 46 20.08 0.12 -7.04
N ARG B 47 19.07 0.86 -6.55
CA ARG B 47 17.81 0.30 -6.04
C ARG B 47 16.95 -0.37 -7.12
N LYS B 48 17.36 -0.24 -8.41
CA LYS B 48 16.69 -0.89 -9.55
C LYS B 48 16.91 -2.41 -9.47
N ASN B 49 18.03 -2.83 -8.83
CA ASN B 49 18.41 -4.22 -8.58
C ASN B 49 17.54 -4.70 -7.40
N LYS B 50 16.72 -5.73 -7.64
CA LYS B 50 15.79 -6.29 -6.64
C LYS B 50 16.48 -6.81 -5.38
N ASN B 51 17.72 -7.32 -5.50
CA ASN B 51 18.51 -7.82 -4.37
C ASN B 51 18.92 -6.66 -3.47
N ILE B 52 19.39 -5.55 -4.07
CA ILE B 52 19.81 -4.32 -3.38
C ILE B 52 18.60 -3.63 -2.75
N ASP B 53 17.49 -3.53 -3.51
CA ASP B 53 16.24 -2.91 -3.06
C ASP B 53 15.65 -3.59 -1.83
N ASN B 54 15.46 -4.92 -1.90
CA ASN B 54 14.86 -5.69 -0.82
C ASN B 54 15.77 -5.77 0.42
N PHE B 55 17.11 -5.80 0.24
CA PHE B 55 18.06 -5.80 1.36
C PHE B 55 17.92 -4.48 2.12
N LEU B 56 17.86 -3.35 1.37
CA LEU B 56 17.72 -2.02 1.93
C LEU B 56 16.36 -1.85 2.61
N SER B 57 15.31 -2.51 2.10
CA SER B 57 13.96 -2.46 2.68
C SER B 57 13.92 -3.13 4.05
N ARG B 58 14.69 -4.23 4.22
CA ARG B 58 14.77 -4.99 5.46
C ARG B 58 15.63 -4.30 6.51
N TYR B 59 16.80 -3.77 6.09
CA TYR B 59 17.73 -3.10 7.01
C TYR B 59 17.61 -1.56 6.99
N LYS B 60 16.42 -1.06 6.60
CA LYS B 60 16.07 0.36 6.49
C LYS B 60 16.13 1.06 7.87
N ASP B 61 15.02 0.97 8.63
CA ASP B 61 14.81 1.58 9.93
C ASP B 61 15.80 1.10 10.99
N THR B 62 16.10 -0.21 10.99
CA THR B 62 16.99 -0.84 11.96
C THR B 62 18.41 -0.24 11.92
N ILE B 63 18.95 0.09 10.71
CA ILE B 63 20.28 0.72 10.61
C ILE B 63 20.19 2.20 11.09
N ASN B 64 19.05 2.87 10.84
CA ASN B 64 18.80 4.24 11.30
C ASN B 64 18.72 4.29 12.84
N LYS B 65 18.13 3.22 13.44
CA LYS B 65 18.02 3.05 14.89
C LYS B 65 19.43 2.85 15.48
N ILE B 66 20.26 2.02 14.81
CA ILE B 66 21.65 1.74 15.17
C ILE B 66 22.45 3.05 15.16
N ARG B 67 22.31 3.86 14.08
CA ARG B 67 22.99 5.14 13.89
C ARG B 67 22.66 6.14 15.01
N ASP B 68 21.42 6.10 15.52
CA ASP B 68 20.96 6.94 16.62
C ASP B 68 21.58 6.50 17.95
N LEU B 69 21.58 5.18 18.23
CA LEU B 69 22.12 4.59 19.46
C LEU B 69 23.64 4.70 19.56
N ARG B 70 24.35 4.53 18.44
CA ARG B 70 25.81 4.58 18.39
C ARG B 70 26.34 6.00 18.54
N MET B 71 27.61 6.12 18.95
CA MET B 71 28.33 7.38 19.14
C MET B 71 28.41 8.15 17.82
N LYS B 72 28.10 9.45 17.88
CA LYS B 72 28.09 10.35 16.74
C LYS B 72 28.66 11.73 17.10
N ALA B 73 29.00 12.54 16.07
CA ALA B 73 29.56 13.89 16.22
C ALA B 73 28.63 14.81 17.02
N GLU B 74 27.30 14.58 16.94
CA GLU B 74 26.25 15.32 17.64
C GLU B 74 26.30 15.13 19.17
N ASP B 75 26.94 14.03 19.65
CA ASP B 75 27.09 13.76 21.08
C ASP B 75 28.14 14.67 21.72
N TYR B 76 28.97 15.31 20.88
CA TYR B 76 30.04 16.18 21.34
C TYR B 76 29.81 17.65 20.99
N GLU B 77 30.05 18.54 21.96
CA GLU B 77 29.94 19.99 21.83
C GLU B 77 31.35 20.51 21.53
N VAL B 78 31.55 21.08 20.33
CA VAL B 78 32.84 21.61 19.90
C VAL B 78 33.10 22.98 20.56
N VAL B 79 34.18 23.06 21.37
CA VAL B 79 34.60 24.28 22.07
C VAL B 79 35.36 25.19 21.10
N LYS B 80 36.43 24.67 20.45
CA LYS B 80 37.24 25.37 19.43
C LYS B 80 38.24 24.45 18.71
N VAL B 81 38.63 24.83 17.48
CA VAL B 81 39.60 24.10 16.65
C VAL B 81 40.99 24.39 17.21
N ILE B 82 41.69 23.34 17.67
CA ILE B 82 43.01 23.45 18.28
C ILE B 82 44.15 22.92 17.38
N GLY B 83 43.79 22.38 16.22
CA GLY B 83 44.74 21.85 15.26
C GLY B 83 44.16 21.63 13.88
N ARG B 84 45.04 21.60 12.86
CA ARG B 84 44.68 21.40 11.47
C ARG B 84 45.73 20.55 10.77
N GLY B 85 45.27 19.70 9.85
CA GLY B 85 46.12 18.81 9.07
C GLY B 85 45.75 18.81 7.60
N ALA B 86 46.39 17.90 6.83
CA ALA B 86 46.17 17.77 5.39
C ALA B 86 44.77 17.25 5.03
N PHE B 87 44.25 16.28 5.79
CA PHE B 87 42.94 15.67 5.55
C PHE B 87 41.87 15.98 6.62
N GLY B 88 42.20 16.87 7.56
CA GLY B 88 41.25 17.22 8.61
C GLY B 88 41.70 18.24 9.63
N GLU B 89 41.06 18.20 10.81
CA GLU B 89 41.29 19.11 11.94
C GLU B 89 41.10 18.44 13.31
N VAL B 90 41.70 19.04 14.35
CA VAL B 90 41.58 18.57 15.73
C VAL B 90 40.84 19.66 16.51
N GLN B 91 39.71 19.29 17.13
CA GLN B 91 38.89 20.23 17.90
C GLN B 91 38.75 19.82 19.35
N LEU B 92 38.77 20.82 20.26
CA LEU B 92 38.55 20.59 21.69
C LEU B 92 37.06 20.37 21.87
N VAL B 93 36.66 19.19 22.34
CA VAL B 93 35.25 18.83 22.51
C VAL B 93 34.90 18.47 23.95
N ARG B 94 33.60 18.53 24.27
CA ARG B 94 33.04 18.15 25.54
C ARG B 94 31.86 17.23 25.22
N HIS B 95 31.85 16.00 25.78
CA HIS B 95 30.76 15.05 25.57
C HIS B 95 29.53 15.63 26.28
N LYS B 96 28.42 15.82 25.54
CA LYS B 96 27.19 16.43 26.05
C LYS B 96 26.58 15.70 27.27
N SER B 97 26.62 14.36 27.28
CA SER B 97 26.06 13.53 28.35
C SER B 97 26.93 13.43 29.61
N THR B 98 28.22 13.10 29.45
CA THR B 98 29.17 12.92 30.57
C THR B 98 29.85 14.22 31.02
N ARG B 99 29.89 15.24 30.13
CA ARG B 99 30.52 16.56 30.32
C ARG B 99 32.07 16.45 30.36
N LYS B 100 32.61 15.28 29.92
CA LYS B 100 34.04 14.98 29.87
C LYS B 100 34.68 15.69 28.67
N VAL B 101 35.84 16.31 28.92
CA VAL B 101 36.61 17.08 27.93
C VAL B 101 37.62 16.19 27.19
N TYR B 102 37.62 16.27 25.85
CA TYR B 102 38.48 15.49 24.96
C TYR B 102 38.99 16.32 23.79
N ALA B 103 39.89 15.73 22.98
CA ALA B 103 40.42 16.30 21.75
C ALA B 103 39.98 15.36 20.62
N MET B 104 39.16 15.85 19.68
CA MET B 104 38.61 15.05 18.60
C MET B 104 39.25 15.32 17.24
N LYS B 105 39.94 14.31 16.68
CA LYS B 105 40.58 14.37 15.37
C LYS B 105 39.57 13.92 14.31
N LEU B 106 39.41 14.72 13.26
CA LEU B 106 38.50 14.46 12.14
C LEU B 106 39.32 14.22 10.88
N LEU B 107 38.97 13.18 10.12
CA LEU B 107 39.64 12.86 8.87
C LEU B 107 38.59 12.73 7.76
N SER B 108 38.69 13.59 6.74
CA SER B 108 37.74 13.63 5.62
C SER B 108 37.84 12.41 4.72
N LYS B 109 36.73 11.63 4.64
CA LYS B 109 36.65 10.43 3.79
C LYS B 109 36.75 10.81 2.32
N PHE B 110 36.20 12.00 1.95
CA PHE B 110 36.24 12.52 0.59
C PHE B 110 37.68 12.71 0.13
N GLU B 111 38.51 13.38 0.95
CA GLU B 111 39.91 13.63 0.65
C GLU B 111 40.72 12.34 0.60
N MET B 112 40.41 11.38 1.49
CA MET B 112 41.05 10.06 1.57
C MET B 112 40.74 9.20 0.34
N ILE B 113 39.57 9.41 -0.30
CA ILE B 113 39.16 8.68 -1.49
C ILE B 113 39.68 9.40 -2.76
N LYS B 114 39.53 10.75 -2.82
CA LYS B 114 39.96 11.59 -3.94
C LYS B 114 41.44 11.41 -4.28
N ARG B 115 42.35 11.74 -3.34
CA ARG B 115 43.78 11.61 -3.59
C ARG B 115 44.36 10.29 -3.10
N SER B 116 43.53 9.22 -3.10
CA SER B 116 43.87 7.85 -2.67
C SER B 116 44.48 7.82 -1.24
N ASP B 117 45.12 6.69 -0.86
CA ASP B 117 45.72 6.45 0.46
C ASP B 117 44.68 6.67 1.60
N SER B 118 43.98 5.60 1.94
CA SER B 118 42.94 5.58 2.97
C SER B 118 43.20 4.42 3.93
N ALA B 119 44.47 4.30 4.39
CA ALA B 119 44.94 3.25 5.29
C ALA B 119 45.94 3.76 6.36
N PHE B 120 46.35 5.04 6.26
CA PHE B 120 47.30 5.68 7.17
C PHE B 120 46.82 5.73 8.63
N PHE B 121 45.50 5.88 8.84
CA PHE B 121 44.85 5.97 10.15
C PHE B 121 44.83 4.66 10.93
N TRP B 122 44.93 3.50 10.25
CA TRP B 122 44.92 2.18 10.88
C TRP B 122 46.06 1.99 11.87
N GLU B 123 47.24 2.59 11.57
CA GLU B 123 48.44 2.58 12.41
C GLU B 123 48.19 3.43 13.66
N GLU B 124 47.68 4.67 13.46
CA GLU B 124 47.34 5.65 14.49
C GLU B 124 46.30 5.12 15.48
N ARG B 125 45.32 4.36 14.98
CA ARG B 125 44.23 3.77 15.76
C ARG B 125 44.79 2.72 16.73
N ASP B 126 45.49 1.70 16.19
CA ASP B 126 46.09 0.60 16.96
C ASP B 126 47.13 1.06 17.99
N ILE B 127 47.88 2.14 17.68
CA ILE B 127 48.90 2.70 18.58
C ILE B 127 48.22 3.41 19.75
N MET B 128 47.38 4.42 19.48
CA MET B 128 46.68 5.22 20.48
C MET B 128 45.71 4.43 21.38
N ALA B 129 45.08 3.37 20.84
CA ALA B 129 44.08 2.57 21.58
C ALA B 129 44.64 1.44 22.43
N PHE B 130 45.70 0.77 21.96
CA PHE B 130 46.24 -0.39 22.66
C PHE B 130 47.67 -0.19 23.19
N ALA B 131 48.14 1.08 23.30
CA ALA B 131 49.47 1.36 23.82
C ALA B 131 49.54 1.16 25.33
N ASN B 132 48.59 1.79 26.08
CA ASN B 132 48.51 1.79 27.54
C ASN B 132 49.86 2.23 28.16
N SER B 133 50.44 3.28 27.55
CA SER B 133 51.73 3.87 27.92
C SER B 133 51.54 5.34 28.29
N PRO B 134 52.27 5.87 29.29
CA PRO B 134 52.14 7.30 29.62
C PRO B 134 52.78 8.21 28.57
N TRP B 135 53.47 7.60 27.59
CA TRP B 135 54.18 8.29 26.52
C TRP B 135 53.35 8.44 25.23
N VAL B 136 52.18 7.78 25.17
CA VAL B 136 51.29 7.80 24.00
C VAL B 136 49.95 8.42 24.38
N VAL B 137 49.42 9.32 23.52
CA VAL B 137 48.12 9.96 23.69
C VAL B 137 47.04 8.86 23.61
N GLN B 138 46.23 8.74 24.67
CA GLN B 138 45.20 7.70 24.77
C GLN B 138 43.99 7.98 23.90
N LEU B 139 43.54 6.94 23.18
CA LEU B 139 42.36 6.96 22.33
C LEU B 139 41.24 6.30 23.13
N PHE B 140 40.20 7.07 23.46
CA PHE B 140 39.06 6.55 24.20
C PHE B 140 38.01 5.98 23.27
N TYR B 141 37.66 6.73 22.21
CA TYR B 141 36.65 6.30 21.24
C TYR B 141 37.03 6.62 19.81
N ALA B 142 36.56 5.77 18.91
CA ALA B 142 36.72 5.89 17.47
C ALA B 142 35.37 5.58 16.84
N PHE B 143 34.86 6.51 16.02
CA PHE B 143 33.58 6.37 15.34
C PHE B 143 33.63 7.03 13.98
N GLN B 144 32.54 6.90 13.19
CA GLN B 144 32.47 7.41 11.82
C GLN B 144 31.04 7.59 11.31
N ASP B 145 30.90 8.48 10.31
CA ASP B 145 29.67 8.72 9.55
C ASP B 145 30.07 8.65 8.06
N ASP B 146 29.15 8.93 7.14
CA ASP B 146 29.43 8.88 5.70
C ASP B 146 30.53 9.89 5.24
N ARG B 147 30.78 10.95 6.04
CA ARG B 147 31.74 12.01 5.71
C ARG B 147 33.09 11.94 6.42
N TYR B 148 33.12 11.63 7.72
CA TYR B 148 34.36 11.66 8.51
C TYR B 148 34.64 10.45 9.38
N LEU B 149 35.92 10.32 9.79
CA LEU B 149 36.45 9.37 10.76
C LEU B 149 36.76 10.24 11.99
N TYR B 150 36.25 9.86 13.16
CA TYR B 150 36.45 10.63 14.38
C TYR B 150 37.30 9.87 15.39
N MET B 151 38.24 10.58 16.02
CA MET B 151 39.15 10.00 17.01
C MET B 151 39.12 10.81 18.31
N VAL B 152 38.37 10.31 19.31
CA VAL B 152 38.21 10.93 20.62
C VAL B 152 39.41 10.55 21.51
N MET B 153 40.32 11.52 21.70
CA MET B 153 41.55 11.34 22.47
C MET B 153 41.59 12.20 23.73
N GLU B 154 42.58 11.96 24.61
CA GLU B 154 42.79 12.74 25.83
C GLU B 154 43.33 14.11 25.42
N TYR B 155 42.81 15.18 26.05
CA TYR B 155 43.26 16.53 25.76
C TYR B 155 44.62 16.82 26.39
N MET B 156 45.54 17.41 25.60
CA MET B 156 46.88 17.78 26.02
C MET B 156 46.91 19.31 26.21
N PRO B 157 46.67 19.83 27.43
CA PRO B 157 46.61 21.29 27.61
C PRO B 157 47.93 22.05 27.56
N GLY B 158 49.05 21.33 27.67
CA GLY B 158 50.39 21.92 27.63
C GLY B 158 50.84 22.43 26.27
N GLY B 159 50.18 21.97 25.21
CA GLY B 159 50.47 22.36 23.84
C GLY B 159 51.64 21.60 23.24
N ASP B 160 52.01 21.94 21.98
CA ASP B 160 53.12 21.27 21.30
C ASP B 160 54.48 21.91 21.61
N LEU B 161 55.58 21.19 21.32
CA LEU B 161 56.94 21.67 21.59
C LEU B 161 57.42 22.78 20.64
N VAL B 162 56.69 22.99 19.51
CA VAL B 162 56.97 24.07 18.56
C VAL B 162 56.62 25.38 19.27
N ASN B 163 55.46 25.39 19.96
CA ASN B 163 54.95 26.52 20.74
C ASN B 163 55.86 26.82 21.94
N LEU B 164 56.44 25.77 22.56
CA LEU B 164 57.35 25.91 23.70
C LEU B 164 58.66 26.58 23.27
N MET B 165 59.25 26.11 22.14
CA MET B 165 60.50 26.65 21.60
C MET B 165 60.36 28.08 21.08
N SER B 166 59.14 28.46 20.65
CA SER B 166 58.86 29.80 20.16
C SER B 166 58.66 30.79 21.32
N ASN B 167 58.07 30.31 22.43
CA ASN B 167 57.78 31.13 23.62
C ASN B 167 58.91 31.15 24.65
N TYR B 168 59.90 30.23 24.56
CA TYR B 168 61.02 30.15 25.50
C TYR B 168 62.37 29.99 24.83
N ASP B 169 63.42 30.54 25.45
CA ASP B 169 64.80 30.35 24.99
C ASP B 169 65.27 29.13 25.79
N VAL B 170 65.10 27.95 25.19
CA VAL B 170 65.36 26.64 25.79
C VAL B 170 66.83 26.42 26.20
N PRO B 171 67.11 26.30 27.53
CA PRO B 171 68.47 25.99 27.97
C PRO B 171 68.78 24.49 27.80
N GLU B 172 70.04 24.09 28.02
CA GLU B 172 70.49 22.69 27.89
C GLU B 172 69.85 21.74 28.90
N LYS B 173 69.54 22.24 30.12
CA LYS B 173 68.91 21.46 31.19
C LYS B 173 67.50 21.01 30.80
N TRP B 174 66.74 21.92 30.15
CA TRP B 174 65.39 21.67 29.63
C TRP B 174 65.51 20.72 28.44
N ALA B 175 66.47 20.99 27.52
CA ALA B 175 66.75 20.20 26.32
C ALA B 175 67.05 18.74 26.67
N ARG B 176 67.79 18.52 27.78
CA ARG B 176 68.14 17.19 28.30
C ARG B 176 66.89 16.41 28.70
N PHE B 177 65.91 17.10 29.34
CA PHE B 177 64.65 16.53 29.79
C PHE B 177 63.78 16.09 28.61
N TYR B 178 63.44 17.03 27.71
CA TYR B 178 62.57 16.77 26.56
C TYR B 178 63.13 15.73 25.60
N THR B 179 64.47 15.71 25.37
CA THR B 179 65.12 14.71 24.50
C THR B 179 64.97 13.31 25.13
N ALA B 180 65.21 13.21 26.45
CA ALA B 180 65.10 11.98 27.22
C ALA B 180 63.67 11.42 27.22
N GLU B 181 62.66 12.30 27.29
CA GLU B 181 61.25 11.91 27.26
C GLU B 181 60.90 11.33 25.88
N VAL B 182 61.43 11.96 24.80
CA VAL B 182 61.24 11.52 23.41
C VAL B 182 61.89 10.14 23.22
N VAL B 183 63.10 9.93 23.79
CA VAL B 183 63.83 8.67 23.74
C VAL B 183 63.00 7.52 24.35
N LEU B 184 62.46 7.75 25.56
CA LEU B 184 61.61 6.79 26.27
C LEU B 184 60.29 6.56 25.53
N ALA B 185 59.72 7.64 24.95
CA ALA B 185 58.47 7.61 24.19
C ALA B 185 58.61 6.77 22.92
N LEU B 186 59.69 7.01 22.14
CA LEU B 186 59.98 6.28 20.91
C LEU B 186 60.31 4.81 21.15
N ASP B 187 60.98 4.51 22.29
CA ASP B 187 61.32 3.14 22.66
C ASP B 187 60.05 2.31 22.91
N ALA B 188 58.99 2.95 23.46
CA ALA B 188 57.70 2.33 23.71
C ALA B 188 57.02 1.96 22.37
N ILE B 189 57.15 2.86 21.36
CA ILE B 189 56.62 2.68 20.00
C ILE B 189 57.32 1.50 19.33
N HIS B 190 58.67 1.43 19.45
CA HIS B 190 59.50 0.33 18.92
C HIS B 190 59.15 -0.98 19.59
N SER B 191 58.90 -0.96 20.93
CA SER B 191 58.51 -2.13 21.73
C SER B 191 57.16 -2.71 21.28
N MET B 192 56.29 -1.85 20.70
CA MET B 192 54.98 -2.22 20.17
C MET B 192 55.08 -2.81 18.75
N GLY B 193 56.27 -2.73 18.17
CA GLY B 193 56.55 -3.23 16.82
C GLY B 193 56.25 -2.22 15.72
N PHE B 194 56.48 -0.93 16.00
CA PHE B 194 56.25 0.17 15.05
C PHE B 194 57.47 1.09 14.90
N ILE B 195 57.51 1.84 13.78
CA ILE B 195 58.53 2.83 13.44
C ILE B 195 57.77 4.12 13.09
N HIS B 196 58.05 5.24 13.82
CA HIS B 196 57.33 6.51 13.68
C HIS B 196 57.44 7.16 12.29
N ARG B 197 58.68 7.30 11.78
CA ARG B 197 59.04 7.88 10.47
C ARG B 197 58.83 9.41 10.36
N ASP B 198 58.21 10.07 11.36
CA ASP B 198 57.97 11.51 11.33
C ASP B 198 58.10 12.17 12.71
N VAL B 199 59.23 11.90 13.39
CA VAL B 199 59.51 12.45 14.72
C VAL B 199 59.80 13.95 14.57
N LYS B 200 58.94 14.79 15.14
CA LYS B 200 59.07 16.26 15.09
C LYS B 200 58.39 16.94 16.30
N PRO B 201 58.75 18.20 16.67
CA PRO B 201 58.14 18.84 17.85
C PRO B 201 56.64 19.11 17.75
N ASP B 202 56.09 19.12 16.52
CA ASP B 202 54.67 19.33 16.23
C ASP B 202 53.86 18.13 16.74
N ASN B 203 54.49 16.93 16.72
CA ASN B 203 53.93 15.66 17.13
C ASN B 203 54.24 15.32 18.62
N MET B 204 54.91 16.25 19.34
CA MET B 204 55.27 16.12 20.76
C MET B 204 54.38 17.04 21.58
N LEU B 205 53.43 16.48 22.31
CA LEU B 205 52.48 17.23 23.12
C LEU B 205 52.75 17.11 24.63
N LEU B 206 52.29 18.11 25.40
CA LEU B 206 52.47 18.15 26.85
C LEU B 206 51.11 18.11 27.55
N ASP B 207 51.03 17.37 28.66
CA ASP B 207 49.82 17.22 29.47
C ASP B 207 49.66 18.39 30.47
N LYS B 208 48.75 18.24 31.46
CA LYS B 208 48.51 19.26 32.49
C LYS B 208 49.72 19.43 33.44
N SER B 209 50.56 18.39 33.56
CA SER B 209 51.75 18.35 34.40
C SER B 209 52.98 18.91 33.67
N GLY B 210 52.91 18.95 32.34
CA GLY B 210 53.98 19.44 31.47
C GLY B 210 54.88 18.36 30.93
N HIS B 211 54.41 17.09 30.95
CA HIS B 211 55.17 15.94 30.47
C HIS B 211 54.79 15.52 29.06
N LEU B 212 55.79 15.09 28.28
CA LEU B 212 55.69 14.69 26.88
C LEU B 212 54.86 13.43 26.62
N LYS B 213 54.15 13.45 25.49
CA LYS B 213 53.33 12.38 24.94
C LYS B 213 53.39 12.50 23.42
N LEU B 214 53.69 11.39 22.73
CA LEU B 214 53.74 11.39 21.27
C LEU B 214 52.34 11.35 20.68
N ALA B 215 52.18 12.01 19.52
CA ALA B 215 50.94 12.13 18.76
C ALA B 215 51.22 12.09 17.23
N ASP B 216 50.15 12.14 16.40
CA ASP B 216 50.18 12.09 14.93
C ASP B 216 50.98 10.89 14.41
N PHE B 217 50.38 9.70 14.53
CA PHE B 217 50.99 8.45 14.12
C PHE B 217 50.62 8.02 12.70
N GLY B 218 50.12 8.97 11.91
CA GLY B 218 49.70 8.74 10.52
C GLY B 218 50.83 8.48 9.54
N THR B 219 52.07 8.37 10.05
CA THR B 219 53.29 8.11 9.29
C THR B 219 53.96 6.80 9.71
N CYS B 220 53.42 6.14 10.75
CA CYS B 220 53.94 4.89 11.31
C CYS B 220 53.73 3.68 10.40
N MET B 221 54.48 2.59 10.67
CA MET B 221 54.41 1.33 9.95
C MET B 221 54.88 0.17 10.82
N LYS B 222 54.07 -0.92 10.89
CA LYS B 222 54.35 -2.13 11.66
C LYS B 222 55.55 -2.88 11.08
N MET B 223 56.49 -3.27 11.96
CA MET B 223 57.73 -4.01 11.63
C MET B 223 57.40 -5.44 11.16
N ASN B 224 58.27 -6.02 10.31
CA ASN B 224 58.09 -7.36 9.75
C ASN B 224 58.30 -8.49 10.80
N LYS B 225 59.44 -9.19 10.75
CA LYS B 225 59.76 -10.28 11.68
C LYS B 225 60.91 -9.91 12.59
N GLU B 226 62.00 -9.34 12.03
CA GLU B 226 63.19 -8.92 12.78
C GLU B 226 63.15 -7.45 13.21
N GLY B 227 62.42 -6.62 12.44
CA GLY B 227 62.26 -5.20 12.72
C GLY B 227 62.33 -4.26 11.52
N MET B 228 62.45 -4.81 10.30
CA MET B 228 62.53 -4.04 9.06
C MET B 228 61.20 -4.00 8.33
N PRO B 238 59.54 19.02 7.30
CA PRO B 238 60.07 18.31 6.13
C PRO B 238 61.56 17.99 6.23
N ASP B 239 62.29 18.74 7.07
CA ASP B 239 63.73 18.61 7.28
C ASP B 239 64.16 17.46 8.20
N TYR B 240 63.25 17.02 9.10
CA TYR B 240 63.48 15.94 10.08
C TYR B 240 63.75 14.55 9.46
N ILE B 241 63.54 14.41 8.13
CA ILE B 241 63.74 13.14 7.40
C ILE B 241 65.22 12.72 7.39
N SER B 242 65.46 11.39 7.51
CA SER B 242 66.77 10.76 7.50
C SER B 242 67.23 10.47 6.06
N PRO B 243 68.56 10.32 5.78
CA PRO B 243 68.99 10.05 4.40
C PRO B 243 68.52 8.71 3.81
N GLU B 244 68.34 7.67 4.66
CA GLU B 244 67.88 6.33 4.25
C GLU B 244 66.47 6.32 3.65
N VAL B 245 65.53 7.08 4.26
CA VAL B 245 64.13 7.20 3.83
C VAL B 245 64.05 8.10 2.57
N LEU B 246 64.74 9.26 2.62
CA LEU B 246 64.78 10.28 1.58
C LEU B 246 65.47 9.82 0.30
N TYR B 254 64.43 -0.90 2.51
CA TYR B 254 64.62 -1.75 3.68
C TYR B 254 65.55 -1.10 4.71
N TYR B 255 65.04 -0.87 5.94
CA TYR B 255 65.74 -0.23 7.07
C TYR B 255 65.12 -0.61 8.43
N GLY B 256 65.91 -0.53 9.49
CA GLY B 256 65.48 -0.88 10.85
C GLY B 256 64.82 0.25 11.62
N ARG B 257 64.88 0.20 12.96
CA ARG B 257 64.29 1.19 13.86
C ARG B 257 65.19 2.42 14.12
N GLU B 258 66.49 2.31 13.77
CA GLU B 258 67.52 3.34 13.96
C GLU B 258 67.28 4.65 13.16
N CYS B 259 66.30 4.65 12.25
CA CYS B 259 65.97 5.82 11.41
C CYS B 259 65.27 6.95 12.17
N ASP B 260 64.50 6.63 13.23
CA ASP B 260 63.79 7.62 14.04
C ASP B 260 64.72 8.46 14.92
N TRP B 261 65.87 7.88 15.31
CA TRP B 261 66.91 8.49 16.12
C TRP B 261 67.59 9.66 15.43
N TRP B 262 67.59 9.66 14.07
CA TRP B 262 68.13 10.75 13.27
C TRP B 262 67.35 12.02 13.58
N SER B 263 66.00 11.91 13.54
CA SER B 263 65.05 12.99 13.81
C SER B 263 65.17 13.54 15.22
N VAL B 264 65.62 12.70 16.19
CA VAL B 264 65.85 13.11 17.59
C VAL B 264 67.03 14.11 17.61
N GLY B 265 68.08 13.80 16.85
CA GLY B 265 69.26 14.64 16.69
C GLY B 265 68.93 15.96 16.03
N VAL B 266 67.98 15.94 15.07
CA VAL B 266 67.47 17.10 14.34
C VAL B 266 66.70 17.99 15.34
N PHE B 267 65.85 17.34 16.17
CA PHE B 267 65.05 17.98 17.21
C PHE B 267 65.93 18.63 18.30
N LEU B 268 67.01 17.93 18.73
CA LEU B 268 67.95 18.43 19.73
C LEU B 268 68.74 19.65 19.22
N TYR B 269 69.14 19.62 17.93
CA TYR B 269 69.86 20.72 17.28
C TYR B 269 68.98 21.98 17.25
N GLU B 270 67.74 21.85 16.72
CA GLU B 270 66.77 22.95 16.61
C GLU B 270 66.42 23.56 17.97
N MET B 271 66.36 22.72 19.02
CA MET B 271 66.06 23.15 20.38
C MET B 271 67.14 24.04 20.98
N LEU B 272 68.42 23.76 20.66
CA LEU B 272 69.58 24.50 21.19
C LEU B 272 70.06 25.64 20.29
N VAL B 273 69.92 25.50 18.95
CA VAL B 273 70.37 26.49 17.98
C VAL B 273 69.25 27.51 17.64
N GLY B 274 68.01 27.02 17.55
CA GLY B 274 66.85 27.84 17.23
C GLY B 274 66.44 27.72 15.77
N ASP B 275 67.20 26.91 15.01
CA ASP B 275 67.00 26.64 13.60
C ASP B 275 67.31 25.18 13.33
N THR B 276 66.65 24.59 12.31
CA THR B 276 66.85 23.20 11.90
C THR B 276 68.25 23.03 11.28
N PRO B 277 68.95 21.88 11.45
CA PRO B 277 70.31 21.75 10.92
C PRO B 277 70.45 21.81 9.40
N PHE B 278 69.40 21.45 8.66
CA PHE B 278 69.44 21.43 7.20
C PHE B 278 68.44 22.40 6.57
N TYR B 279 68.19 23.54 7.26
CA TYR B 279 67.27 24.57 6.79
C TYR B 279 67.71 25.19 5.46
N ALA B 280 66.73 25.47 4.60
CA ALA B 280 66.85 26.11 3.30
C ALA B 280 65.47 26.68 2.94
N ASP B 281 65.45 27.87 2.32
CA ASP B 281 64.20 28.52 1.88
C ASP B 281 63.55 27.71 0.76
N SER B 282 64.38 26.98 -0.02
CA SER B 282 63.99 26.07 -1.09
C SER B 282 63.97 24.66 -0.47
N LEU B 283 62.84 23.96 -0.60
CA LEU B 283 62.69 22.61 -0.04
C LEU B 283 63.69 21.61 -0.60
N VAL B 284 64.01 21.75 -1.92
CA VAL B 284 64.98 20.93 -2.65
C VAL B 284 66.38 21.14 -2.04
N GLY B 285 66.62 22.33 -1.50
CA GLY B 285 67.86 22.70 -0.83
C GLY B 285 68.12 21.90 0.44
N THR B 286 67.03 21.57 1.18
CA THR B 286 67.05 20.78 2.40
C THR B 286 67.43 19.34 2.07
N TYR B 287 66.82 18.80 0.99
CA TYR B 287 67.02 17.45 0.45
C TYR B 287 68.51 17.22 0.18
N SER B 288 69.16 18.17 -0.52
CA SER B 288 70.58 18.13 -0.86
C SER B 288 71.46 18.29 0.39
N LYS B 289 71.01 19.10 1.38
CA LYS B 289 71.72 19.31 2.65
C LYS B 289 71.72 18.04 3.52
N ILE B 290 70.62 17.26 3.51
CA ILE B 290 70.49 16.02 4.27
C ILE B 290 71.42 14.94 3.72
N MET B 291 71.48 14.81 2.38
CA MET B 291 72.35 13.85 1.69
C MET B 291 73.83 14.19 1.86
N ASN B 292 74.14 15.49 2.04
CA ASN B 292 75.49 16.01 2.24
C ASN B 292 75.80 16.35 3.70
N HIS B 293 75.04 15.77 4.66
CA HIS B 293 75.16 16.00 6.12
C HIS B 293 76.59 15.98 6.68
N LYS B 294 77.49 15.19 6.06
CA LYS B 294 78.91 15.05 6.43
C LYS B 294 79.65 16.40 6.36
N ASN B 295 79.30 17.23 5.35
CA ASN B 295 79.88 18.56 5.13
C ASN B 295 78.86 19.69 5.31
N SER B 296 77.56 19.34 5.46
CA SER B 296 76.45 20.28 5.63
C SER B 296 76.19 20.70 7.08
N LEU B 297 76.37 19.78 8.04
CA LEU B 297 76.15 20.04 9.46
C LEU B 297 77.21 20.99 10.03
N THR B 298 76.79 22.25 10.28
CA THR B 298 77.63 23.32 10.82
C THR B 298 76.96 23.92 12.05
N ILE B 305 76.97 26.31 22.92
CA ILE B 305 76.56 25.40 23.98
C ILE B 305 77.74 24.49 24.43
N SER B 306 77.45 23.25 24.90
CA SER B 306 78.44 22.30 25.39
C SER B 306 79.02 21.34 24.34
N LYS B 307 80.06 20.59 24.73
CA LYS B 307 80.79 19.60 23.94
C LYS B 307 79.99 18.29 23.79
N GLU B 308 79.35 17.83 24.90
CA GLU B 308 78.58 16.58 24.91
C GLU B 308 77.24 16.68 24.18
N ALA B 309 76.66 17.90 24.09
CA ALA B 309 75.42 18.14 23.36
C ALA B 309 75.69 18.06 21.86
N LYS B 310 76.83 18.66 21.42
CA LYS B 310 77.32 18.64 20.03
C LYS B 310 77.64 17.21 19.62
N ASN B 311 78.23 16.43 20.57
CA ASN B 311 78.61 15.02 20.40
C ASN B 311 77.40 14.13 20.12
N LEU B 312 76.27 14.38 20.81
CA LEU B 312 75.01 13.64 20.65
C LEU B 312 74.36 13.92 19.30
N ILE B 313 74.27 15.21 18.91
CA ILE B 313 73.71 15.66 17.63
C ILE B 313 74.45 14.97 16.48
N CYS B 314 75.80 14.96 16.54
CA CYS B 314 76.67 14.32 15.56
C CYS B 314 76.58 12.79 15.57
N ALA B 315 76.33 12.18 16.75
CA ALA B 315 76.19 10.73 16.89
C ALA B 315 74.92 10.23 16.20
N PHE B 316 73.84 11.05 16.21
CA PHE B 316 72.56 10.76 15.57
C PHE B 316 72.60 11.13 14.09
N LEU B 317 73.46 12.10 13.74
CA LEU B 317 73.63 12.54 12.36
C LEU B 317 74.66 11.68 11.63
N GLU B 330 69.90 1.42 24.94
CA GLU B 330 70.77 1.61 26.11
C GLU B 330 72.00 2.47 25.84
N GLU B 331 72.55 2.42 24.60
CA GLU B 331 73.73 3.22 24.21
C GLU B 331 73.40 4.73 24.17
N ILE B 332 72.12 5.07 23.88
CA ILE B 332 71.62 6.45 23.86
C ILE B 332 71.52 6.93 25.30
N LYS B 333 70.95 6.08 26.18
CA LYS B 333 70.76 6.35 27.61
C LYS B 333 72.10 6.49 28.36
N ARG B 334 73.14 5.77 27.91
CA ARG B 334 74.49 5.80 28.50
C ARG B 334 75.32 7.02 28.10
N HIS B 335 74.85 7.84 27.13
CA HIS B 335 75.55 9.05 26.65
C HIS B 335 75.70 10.10 27.76
N LEU B 336 76.88 10.75 27.81
CA LEU B 336 77.25 11.77 28.79
C LEU B 336 76.30 12.97 28.86
N PHE B 337 75.62 13.31 27.74
CA PHE B 337 74.68 14.42 27.68
C PHE B 337 73.52 14.24 28.66
N PHE B 338 73.04 13.00 28.83
CA PHE B 338 71.93 12.68 29.74
C PHE B 338 72.34 12.56 31.21
N LYS B 339 73.66 12.59 31.51
CA LYS B 339 74.17 12.51 32.88
C LYS B 339 73.85 13.82 33.60
N ASN B 340 72.98 13.72 34.63
CA ASN B 340 72.52 14.87 35.43
C ASN B 340 72.27 14.46 36.89
N ASP B 341 72.00 15.46 37.75
CA ASP B 341 71.75 15.28 39.18
C ASP B 341 70.29 15.51 39.59
N GLN B 342 69.40 15.79 38.61
CA GLN B 342 67.98 16.10 38.87
C GLN B 342 67.04 14.91 38.66
N TRP B 343 67.24 14.11 37.60
CA TRP B 343 66.37 12.97 37.28
C TRP B 343 67.14 11.69 36.90
N ALA B 344 66.38 10.56 36.84
CA ALA B 344 66.85 9.24 36.43
C ALA B 344 65.88 8.69 35.38
N TRP B 345 66.38 7.86 34.45
CA TRP B 345 65.62 7.27 33.34
C TRP B 345 64.33 6.54 33.73
N GLU B 346 64.34 5.83 34.87
CA GLU B 346 63.18 5.05 35.34
C GLU B 346 62.17 5.87 36.17
N THR B 347 62.53 7.11 36.57
CA THR B 347 61.66 7.97 37.36
C THR B 347 61.46 9.38 36.74
N LEU B 348 61.93 9.58 35.49
CA LEU B 348 61.88 10.85 34.75
C LEU B 348 60.47 11.47 34.65
N ARG B 349 59.44 10.67 34.32
CA ARG B 349 58.09 11.20 34.20
C ARG B 349 57.47 11.62 35.54
N ASP B 350 58.01 11.10 36.65
CA ASP B 350 57.52 11.40 38.00
C ASP B 350 58.11 12.71 38.54
N THR B 351 59.25 13.18 37.98
CA THR B 351 59.92 14.42 38.37
C THR B 351 59.17 15.65 37.81
N VAL B 352 59.40 16.85 38.37
CA VAL B 352 58.76 18.09 37.93
C VAL B 352 59.33 18.54 36.57
N ALA B 353 58.42 18.76 35.60
CA ALA B 353 58.72 19.21 34.23
C ALA B 353 59.27 20.65 34.21
N PRO B 354 60.07 21.05 33.19
CA PRO B 354 60.59 22.43 33.15
C PRO B 354 59.51 23.50 33.03
N VAL B 355 58.44 23.21 32.26
CA VAL B 355 57.30 24.12 32.06
C VAL B 355 56.00 23.41 32.45
N VAL B 356 55.38 23.85 33.55
CA VAL B 356 54.10 23.30 34.01
C VAL B 356 53.02 24.31 33.56
N PRO B 357 52.06 23.90 32.70
CA PRO B 357 51.06 24.87 32.21
C PRO B 357 50.12 25.47 33.25
N ASP B 358 49.93 26.79 33.19
CA ASP B 358 49.03 27.54 34.06
C ASP B 358 47.63 27.41 33.46
N LEU B 359 46.77 26.60 34.10
CA LEU B 359 45.42 26.35 33.60
C LEU B 359 44.34 26.94 34.48
N SER B 360 43.43 27.71 33.85
CA SER B 360 42.31 28.39 34.51
C SER B 360 41.03 27.55 34.51
N SER B 361 40.84 26.72 33.46
CA SER B 361 39.66 25.87 33.29
C SER B 361 40.03 24.56 32.58
N ASP B 362 39.09 23.59 32.56
CA ASP B 362 39.23 22.30 31.90
C ASP B 362 39.20 22.44 30.37
N ILE B 363 38.82 23.64 29.87
CA ILE B 363 38.74 23.99 28.44
C ILE B 363 39.70 25.17 28.09
N ASP B 364 40.84 25.25 28.81
CA ASP B 364 41.87 26.28 28.61
C ASP B 364 42.66 25.95 27.34
N THR B 365 42.68 26.89 26.37
CA THR B 365 43.38 26.72 25.09
C THR B 365 44.47 27.76 24.83
N SER B 366 45.03 28.35 25.91
CA SER B 366 46.07 29.36 25.87
C SER B 366 47.37 28.88 25.21
N ASN B 367 47.66 27.56 25.29
CA ASN B 367 48.85 26.95 24.72
C ASN B 367 48.66 26.49 23.26
N PHE B 368 47.56 26.93 22.63
CA PHE B 368 47.21 26.64 21.23
C PHE B 368 46.85 27.94 20.53
N ASP B 369 47.48 28.21 19.39
CA ASP B 369 47.22 29.42 18.61
C ASP B 369 45.83 29.36 17.95
N PRO B 382 30.05 12.18 -5.23
CA PRO B 382 28.98 12.26 -6.23
C PRO B 382 28.05 11.06 -6.19
N ILE B 383 26.79 11.23 -6.56
CA ILE B 383 25.89 10.11 -6.52
C ILE B 383 26.42 9.09 -7.52
N PRO B 384 26.51 7.83 -7.09
CA PRO B 384 26.99 6.74 -7.97
C PRO B 384 25.94 6.25 -8.94
N LYS B 385 26.38 5.85 -10.15
CA LYS B 385 25.54 5.30 -11.22
C LYS B 385 25.65 3.76 -11.21
N ALA B 386 26.58 3.25 -10.39
CA ALA B 386 26.90 1.83 -10.15
C ALA B 386 27.60 1.74 -8.78
N PHE B 387 27.75 0.52 -8.21
CA PHE B 387 28.39 0.33 -6.90
C PHE B 387 29.86 0.76 -6.95
N VAL B 388 30.27 1.63 -6.01
CA VAL B 388 31.64 2.15 -5.90
C VAL B 388 32.31 1.73 -4.59
N GLY B 389 31.51 1.59 -3.52
CA GLY B 389 31.96 1.18 -2.20
C GLY B 389 32.92 2.13 -1.52
N ASN B 390 32.61 3.44 -1.52
CA ASN B 390 33.43 4.49 -0.90
C ASN B 390 33.61 4.36 0.61
N GLN B 391 32.68 3.65 1.28
CA GLN B 391 32.71 3.44 2.74
C GLN B 391 33.49 2.16 3.12
N LEU B 392 33.83 1.31 2.12
CA LEU B 392 34.55 0.05 2.35
C LEU B 392 35.95 0.22 3.00
N PRO B 393 36.82 1.22 2.63
CA PRO B 393 38.14 1.32 3.30
C PRO B 393 38.09 1.71 4.78
N PHE B 394 36.89 2.06 5.28
CA PHE B 394 36.69 2.54 6.65
C PHE B 394 35.93 1.55 7.55
N VAL B 395 35.59 0.36 7.04
CA VAL B 395 34.91 -0.69 7.80
C VAL B 395 35.86 -1.23 8.87
N GLY B 396 35.41 -1.21 10.13
CA GLY B 396 36.16 -1.68 11.28
C GLY B 396 36.93 -0.63 12.06
N PHE B 397 36.71 0.65 11.74
CA PHE B 397 37.36 1.78 12.40
C PHE B 397 36.84 2.01 13.83
N THR B 398 35.53 1.74 14.06
CA THR B 398 34.84 1.95 15.35
C THR B 398 35.45 1.12 16.50
N TYR B 399 35.86 1.84 17.56
CA TYR B 399 36.45 1.33 18.80
C TYR B 399 35.82 2.09 19.96
N TYR B 400 35.56 1.42 21.09
CA TYR B 400 34.94 2.09 22.24
C TYR B 400 35.67 1.94 23.58
N SER B 401 36.37 0.80 23.83
CA SER B 401 37.10 0.47 25.08
C SER B 401 36.15 0.16 26.26
N ASN B 402 36.55 -0.83 27.10
CA ASN B 402 35.82 -1.33 28.29
C ASN B 402 34.52 -2.06 27.92
N HIS C 4 -43.58 25.12 -5.81
CA HIS C 4 -42.71 25.32 -6.96
C HIS C 4 -43.47 25.44 -8.27
N MET C 5 -43.08 26.42 -9.08
CA MET C 5 -43.65 26.66 -10.41
C MET C 5 -42.58 27.00 -11.45
N SER C 6 -41.78 26.03 -11.91
CA SER C 6 -40.71 26.35 -12.88
C SER C 6 -40.62 25.67 -14.28
N PHE C 7 -40.63 24.33 -14.32
CA PHE C 7 -40.47 23.54 -15.56
C PHE C 7 -39.10 23.51 -16.26
N GLU C 8 -38.95 24.26 -17.36
CA GLU C 8 -37.72 24.27 -18.14
C GLU C 8 -36.59 24.69 -17.22
N THR C 9 -36.90 25.63 -16.36
CA THR C 9 -36.00 26.11 -15.33
C THR C 9 -35.61 24.92 -14.45
N ARG C 10 -36.55 23.98 -14.25
CA ARG C 10 -36.32 22.78 -13.46
C ARG C 10 -35.25 21.92 -14.10
N PHE C 11 -35.26 21.83 -15.46
CA PHE C 11 -34.24 21.10 -16.23
C PHE C 11 -32.90 21.81 -16.08
N GLU C 12 -32.89 23.14 -16.33
CA GLU C 12 -31.77 24.08 -16.23
C GLU C 12 -31.07 23.99 -14.87
N LYS C 13 -31.85 24.03 -13.76
CA LYS C 13 -31.36 23.95 -12.39
C LYS C 13 -30.67 22.61 -12.14
N MET C 14 -31.25 21.50 -12.64
CA MET C 14 -30.72 20.14 -12.52
C MET C 14 -29.37 20.02 -13.26
N ASP C 15 -29.26 20.67 -14.44
CA ASP C 15 -28.01 20.68 -15.23
C ASP C 15 -26.88 21.37 -14.50
N ASN C 16 -27.18 22.48 -13.79
CA ASN C 16 -26.18 23.22 -13.00
C ASN C 16 -25.64 22.34 -11.88
N LEU C 17 -26.54 21.64 -11.17
CA LEU C 17 -26.24 20.77 -10.04
C LEU C 17 -25.36 19.57 -10.38
N LEU C 18 -25.33 19.16 -11.66
CA LEU C 18 -24.51 18.03 -12.11
C LEU C 18 -23.13 18.48 -12.62
N ARG C 19 -23.04 19.72 -13.14
CA ARG C 19 -21.80 20.27 -13.71
C ARG C 19 -20.91 21.01 -12.71
N ASP C 20 -21.50 21.71 -11.72
CA ASP C 20 -20.80 22.49 -10.70
C ASP C 20 -19.78 21.65 -9.90
N PRO C 21 -18.47 22.03 -9.88
CA PRO C 21 -17.48 21.23 -9.12
C PRO C 21 -17.69 21.31 -7.61
N LYS C 22 -18.31 22.41 -7.13
CA LYS C 22 -18.61 22.64 -5.71
C LYS C 22 -19.86 21.85 -5.24
N SER C 23 -20.64 21.29 -6.19
CA SER C 23 -21.87 20.54 -5.90
C SER C 23 -21.62 19.12 -5.39
N GLU C 24 -22.44 18.69 -4.42
CA GLU C 24 -22.36 17.34 -3.83
C GLU C 24 -23.07 16.27 -4.68
N VAL C 25 -23.91 16.71 -5.65
CA VAL C 25 -24.62 15.83 -6.58
C VAL C 25 -24.05 15.99 -8.02
N ASN C 26 -22.77 16.38 -8.10
CA ASN C 26 -22.00 16.55 -9.33
C ASN C 26 -21.75 15.16 -9.94
N SER C 27 -21.56 15.08 -11.27
CA SER C 27 -21.33 13.84 -12.02
C SER C 27 -20.32 12.87 -11.39
N ASP C 28 -19.18 13.39 -10.90
CA ASP C 28 -18.15 12.58 -10.24
C ASP C 28 -18.59 12.07 -8.87
N CYS C 29 -19.39 12.87 -8.15
CA CYS C 29 -19.92 12.50 -6.84
C CYS C 29 -20.99 11.42 -6.96
N LEU C 30 -21.77 11.45 -8.05
CA LEU C 30 -22.84 10.48 -8.29
C LEU C 30 -22.28 9.12 -8.63
N LEU C 31 -21.12 9.09 -9.33
CA LEU C 31 -20.41 7.85 -9.68
C LEU C 31 -19.91 7.17 -8.41
N ASP C 32 -19.50 7.98 -7.41
CA ASP C 32 -19.03 7.52 -6.10
C ASP C 32 -20.11 6.71 -5.40
N GLY C 33 -21.37 7.15 -5.52
CA GLY C 33 -22.53 6.49 -4.93
C GLY C 33 -22.71 5.09 -5.43
N LEU C 34 -22.63 4.90 -6.76
CA LEU C 34 -22.75 3.60 -7.41
C LEU C 34 -21.53 2.73 -7.12
N ASP C 35 -20.32 3.33 -7.14
CA ASP C 35 -19.05 2.68 -6.86
C ASP C 35 -19.03 2.12 -5.42
N ALA C 36 -19.48 2.93 -4.44
CA ALA C 36 -19.57 2.58 -3.03
C ALA C 36 -20.58 1.46 -2.81
N LEU C 37 -21.73 1.56 -3.49
CA LEU C 37 -22.81 0.59 -3.43
C LEU C 37 -22.32 -0.78 -3.89
N VAL C 38 -21.57 -0.84 -5.01
CA VAL C 38 -21.00 -2.07 -5.57
C VAL C 38 -19.98 -2.68 -4.59
N TYR C 39 -19.13 -1.84 -3.96
CA TYR C 39 -18.15 -2.27 -2.96
C TYR C 39 -18.84 -2.87 -1.72
N ASP C 40 -19.86 -2.17 -1.18
CA ASP C 40 -20.58 -2.55 0.04
C ASP C 40 -21.59 -3.70 -0.13
N LEU C 41 -22.06 -3.98 -1.37
CA LEU C 41 -23.03 -5.05 -1.64
C LEU C 41 -22.42 -6.36 -2.15
N ASP C 42 -21.25 -6.30 -2.83
CA ASP C 42 -20.61 -7.48 -3.43
C ASP C 42 -19.96 -8.44 -2.42
N PHE C 43 -20.83 -9.16 -1.68
CA PHE C 43 -20.44 -10.17 -0.70
C PHE C 43 -21.43 -11.34 -0.80
N PRO C 44 -20.96 -12.61 -0.72
CA PRO C 44 -21.86 -13.75 -0.92
C PRO C 44 -23.07 -13.81 0.03
N ALA C 45 -22.91 -13.36 1.30
CA ALA C 45 -23.97 -13.32 2.30
C ALA C 45 -25.10 -12.36 1.88
N LEU C 46 -24.72 -11.19 1.36
CA LEU C 46 -25.63 -10.15 0.90
C LEU C 46 -26.28 -10.50 -0.42
N ARG C 47 -25.56 -11.20 -1.30
CA ARG C 47 -26.05 -11.61 -2.63
C ARG C 47 -27.19 -12.63 -2.56
N LYS C 48 -27.52 -13.13 -1.35
CA LYS C 48 -28.65 -14.06 -1.12
C LYS C 48 -29.98 -13.30 -1.33
N ASN C 49 -29.96 -11.95 -1.12
CA ASN C 49 -31.06 -11.02 -1.34
C ASN C 49 -31.16 -10.80 -2.85
N LYS C 50 -32.30 -11.17 -3.44
CA LYS C 50 -32.56 -11.07 -4.89
C LYS C 50 -32.45 -9.64 -5.44
N ASN C 51 -32.79 -8.62 -4.64
CA ASN C 51 -32.69 -7.21 -5.02
C ASN C 51 -31.21 -6.82 -5.16
N ILE C 52 -30.38 -7.23 -4.18
CA ILE C 52 -28.94 -6.96 -4.14
C ILE C 52 -28.23 -7.73 -5.26
N ASP C 53 -28.59 -9.00 -5.44
CA ASP C 53 -28.02 -9.89 -6.47
C ASP C 53 -28.24 -9.37 -7.88
N ASN C 54 -29.51 -9.07 -8.23
CA ASN C 54 -29.86 -8.60 -9.56
C ASN C 54 -29.33 -7.19 -9.86
N PHE C 55 -29.24 -6.30 -8.83
CA PHE C 55 -28.66 -4.96 -9.00
C PHE C 55 -27.18 -5.11 -9.36
N LEU C 56 -26.45 -6.00 -8.66
CA LEU C 56 -25.04 -6.29 -8.89
C LEU C 56 -24.80 -6.99 -10.22
N SER C 57 -25.79 -7.74 -10.72
CA SER C 57 -25.69 -8.42 -12.01
C SER C 57 -25.77 -7.40 -13.16
N ARG C 58 -26.60 -6.35 -12.99
CA ARG C 58 -26.79 -5.28 -13.97
C ARG C 58 -25.62 -4.29 -13.99
N TYR C 59 -25.15 -3.87 -12.81
CA TYR C 59 -24.05 -2.91 -12.68
C TYR C 59 -22.69 -3.57 -12.42
N LYS C 60 -22.54 -4.84 -12.84
CA LYS C 60 -21.35 -5.68 -12.70
C LYS C 60 -20.16 -5.10 -13.47
N ASP C 61 -20.08 -5.43 -14.78
CA ASP C 61 -19.03 -5.06 -15.71
C ASP C 61 -18.91 -3.56 -15.91
N THR C 62 -20.06 -2.85 -15.98
CA THR C 62 -20.11 -1.40 -16.21
C THR C 62 -19.38 -0.63 -15.08
N ILE C 63 -19.51 -1.04 -13.79
CA ILE C 63 -18.78 -0.37 -12.70
C ILE C 63 -17.28 -0.72 -12.77
N ASN C 64 -16.93 -1.95 -13.21
CA ASN C 64 -15.53 -2.37 -13.40
C ASN C 64 -14.88 -1.57 -14.55
N LYS C 65 -15.68 -1.25 -15.61
CA LYS C 65 -15.26 -0.43 -16.74
C LYS C 65 -15.00 1.00 -16.27
N ILE C 66 -15.91 1.54 -15.41
CA ILE C 66 -15.83 2.86 -14.80
C ILE C 66 -14.54 2.94 -13.97
N ARG C 67 -14.28 1.92 -13.13
CA ARG C 67 -13.09 1.82 -12.26
C ARG C 67 -11.79 1.83 -13.05
N ASP C 68 -11.80 1.26 -14.27
CA ASP C 68 -10.64 1.22 -15.16
C ASP C 68 -10.39 2.61 -15.76
N LEU C 69 -11.47 3.28 -16.24
CA LEU C 69 -11.42 4.60 -16.88
C LEU C 69 -11.09 5.72 -15.90
N ARG C 70 -11.60 5.64 -14.67
CA ARG C 70 -11.37 6.64 -13.64
C ARG C 70 -9.98 6.56 -13.05
N MET C 71 -9.52 7.67 -12.46
CA MET C 71 -8.22 7.80 -11.82
C MET C 71 -8.08 6.81 -10.66
N LYS C 72 -6.93 6.14 -10.62
CA LYS C 72 -6.60 5.14 -9.60
C LYS C 72 -5.13 5.24 -9.17
N ALA C 73 -4.79 4.63 -8.01
CA ALA C 73 -3.44 4.63 -7.45
C ALA C 73 -2.41 4.02 -8.42
N GLU C 74 -2.86 3.07 -9.28
CA GLU C 74 -2.06 2.40 -10.31
C GLU C 74 -1.58 3.34 -11.42
N ASP C 75 -2.25 4.50 -11.60
CA ASP C 75 -1.89 5.51 -12.60
C ASP C 75 -0.66 6.29 -12.17
N TYR C 76 -0.31 6.21 -10.88
CA TYR C 76 0.81 6.94 -10.31
C TYR C 76 1.95 6.01 -9.87
N GLU C 77 3.18 6.38 -10.22
CA GLU C 77 4.40 5.67 -9.86
C GLU C 77 4.95 6.36 -8.60
N VAL C 78 4.98 5.63 -7.47
CA VAL C 78 5.46 6.15 -6.19
C VAL C 78 7.00 6.18 -6.17
N VAL C 79 7.56 7.39 -6.04
CA VAL C 79 9.00 7.63 -5.99
C VAL C 79 9.54 7.32 -4.57
N LYS C 80 8.95 7.96 -3.52
CA LYS C 80 9.26 7.74 -2.11
C LYS C 80 8.29 8.44 -1.15
N VAL C 81 8.15 7.90 0.08
CA VAL C 81 7.30 8.45 1.14
C VAL C 81 8.01 9.69 1.71
N ILE C 82 7.37 10.86 1.58
CA ILE C 82 7.92 12.14 2.02
C ILE C 82 7.24 12.71 3.29
N GLY C 83 6.23 12.00 3.79
CA GLY C 83 5.49 12.39 4.97
C GLY C 83 4.63 11.30 5.55
N ARG C 84 4.29 11.43 6.85
CA ARG C 84 3.45 10.46 7.57
C ARG C 84 2.52 11.19 8.54
N GLY C 85 1.32 10.63 8.72
CA GLY C 85 0.29 11.17 9.59
C GLY C 85 -0.40 10.08 10.38
N ALA C 86 -1.33 10.47 11.27
CA ALA C 86 -2.08 9.54 12.12
C ALA C 86 -2.90 8.50 11.34
N PHE C 87 -3.55 8.94 10.24
CA PHE C 87 -4.41 8.08 9.40
C PHE C 87 -3.81 7.77 8.02
N GLY C 88 -2.56 8.14 7.77
CA GLY C 88 -1.94 7.87 6.48
C GLY C 88 -0.53 8.38 6.25
N GLU C 89 -0.20 8.60 4.96
CA GLU C 89 1.12 9.06 4.51
C GLU C 89 1.07 9.93 3.24
N VAL C 90 2.13 10.71 3.00
CA VAL C 90 2.28 11.56 1.83
C VAL C 90 3.47 11.01 1.03
N GLN C 91 3.23 10.65 -0.23
CA GLN C 91 4.26 10.10 -1.10
C GLN C 91 4.49 10.96 -2.35
N LEU C 92 5.76 11.07 -2.77
CA LEU C 92 6.14 11.77 -3.99
C LEU C 92 5.79 10.83 -5.15
N VAL C 93 4.88 11.25 -6.03
CA VAL C 93 4.43 10.43 -7.15
C VAL C 93 4.66 11.09 -8.51
N ARG C 94 4.66 10.28 -9.57
CA ARG C 94 4.75 10.71 -10.95
C ARG C 94 3.62 10.01 -11.69
N HIS C 95 2.75 10.78 -12.38
CA HIS C 95 1.65 10.22 -13.16
C HIS C 95 2.27 9.48 -14.35
N LYS C 96 1.99 8.18 -14.50
CA LYS C 96 2.56 7.31 -15.54
C LYS C 96 2.32 7.81 -16.97
N SER C 97 1.12 8.35 -17.26
CA SER C 97 0.74 8.83 -18.58
C SER C 97 1.30 10.22 -18.94
N THR C 98 1.12 11.22 -18.06
CA THR C 98 1.58 12.60 -18.30
C THR C 98 3.02 12.87 -17.89
N ARG C 99 3.58 12.03 -16.98
CA ARG C 99 4.94 12.10 -16.41
C ARG C 99 5.07 13.32 -15.45
N LYS C 100 3.93 13.91 -15.05
CA LYS C 100 3.84 15.04 -14.14
C LYS C 100 4.07 14.59 -12.70
N VAL C 101 4.91 15.35 -11.98
CA VAL C 101 5.30 15.09 -10.60
C VAL C 101 4.34 15.76 -9.60
N TYR C 102 3.86 14.99 -8.61
CA TYR C 102 2.92 15.45 -7.59
C TYR C 102 3.25 14.87 -6.21
N ALA C 103 2.54 15.35 -5.17
CA ALA C 103 2.60 14.87 -3.79
C ALA C 103 1.22 14.26 -3.52
N MET C 104 1.15 12.96 -3.22
CA MET C 104 -0.11 12.27 -2.99
C MET C 104 -0.34 11.91 -1.53
N LYS C 105 -1.38 12.50 -0.90
CA LYS C 105 -1.78 12.23 0.48
C LYS C 105 -2.77 11.08 0.48
N LEU C 106 -2.53 10.08 1.33
CA LEU C 106 -3.36 8.89 1.47
C LEU C 106 -3.99 8.89 2.86
N LEU C 107 -5.29 8.61 2.95
CA LEU C 107 -6.01 8.55 4.22
C LEU C 107 -6.75 7.20 4.29
N SER C 108 -6.43 6.41 5.32
CA SER C 108 -6.97 5.08 5.53
C SER C 108 -8.44 5.12 5.90
N LYS C 109 -9.29 4.50 5.06
CA LYS C 109 -10.74 4.41 5.32
C LYS C 109 -11.01 3.53 6.56
N PHE C 110 -10.16 2.50 6.77
CA PHE C 110 -10.27 1.61 7.92
C PHE C 110 -10.12 2.39 9.21
N GLU C 111 -9.07 3.22 9.30
CA GLU C 111 -8.78 4.03 10.48
C GLU C 111 -9.85 5.07 10.73
N MET C 112 -10.38 5.70 9.66
CA MET C 112 -11.46 6.69 9.75
C MET C 112 -12.79 6.06 10.22
N ILE C 113 -13.02 4.77 9.92
CA ILE C 113 -14.23 4.04 10.34
C ILE C 113 -14.05 3.50 11.78
N LYS C 114 -12.88 2.87 12.05
CA LYS C 114 -12.54 2.30 13.35
C LYS C 114 -12.66 3.31 14.49
N ARG C 115 -11.84 4.38 14.47
CA ARG C 115 -11.87 5.38 15.54
C ARG C 115 -12.77 6.56 15.22
N SER C 116 -13.84 6.32 14.42
CA SER C 116 -14.83 7.32 13.97
C SER C 116 -14.15 8.57 13.35
N ASP C 117 -14.86 9.69 13.21
CA ASP C 117 -14.35 10.92 12.58
C ASP C 117 -13.82 10.60 11.14
N SER C 118 -14.77 10.56 10.23
CA SER C 118 -14.60 10.33 8.81
C SER C 118 -15.26 11.52 8.10
N ALA C 119 -14.94 12.75 8.59
CA ALA C 119 -15.48 14.02 8.09
C ALA C 119 -14.51 15.23 8.13
N PHE C 120 -13.27 15.05 8.64
CA PHE C 120 -12.27 16.13 8.74
C PHE C 120 -11.71 16.58 7.39
N PHE C 121 -11.62 15.65 6.44
CA PHE C 121 -11.06 15.82 5.10
C PHE C 121 -11.88 16.71 4.19
N TRP C 122 -13.20 16.85 4.46
CA TRP C 122 -14.11 17.67 3.65
C TRP C 122 -13.66 19.12 3.57
N GLU C 123 -13.14 19.67 4.69
CA GLU C 123 -12.64 21.05 4.77
C GLU C 123 -11.34 21.17 3.99
N GLU C 124 -10.43 20.17 4.12
CA GLU C 124 -9.14 20.13 3.43
C GLU C 124 -9.33 19.99 1.92
N ARG C 125 -10.30 19.17 1.49
CA ARG C 125 -10.64 18.96 0.07
C ARG C 125 -11.14 20.29 -0.52
N ASP C 126 -12.09 20.95 0.18
CA ASP C 126 -12.68 22.23 -0.21
C ASP C 126 -11.64 23.34 -0.27
N ILE C 127 -10.83 23.50 0.80
CA ILE C 127 -9.78 24.52 0.90
C ILE C 127 -8.75 24.36 -0.21
N MET C 128 -8.13 23.17 -0.34
CA MET C 128 -7.10 22.92 -1.36
C MET C 128 -7.60 23.00 -2.81
N ALA C 129 -8.80 22.50 -3.09
CA ALA C 129 -9.40 22.51 -4.43
C ALA C 129 -9.92 23.87 -4.90
N PHE C 130 -10.57 24.65 -4.02
CA PHE C 130 -11.20 25.91 -4.41
C PHE C 130 -10.59 27.19 -3.80
N ALA C 131 -9.33 27.13 -3.31
CA ALA C 131 -8.67 28.31 -2.75
C ALA C 131 -8.24 29.28 -3.84
N ASN C 132 -7.53 28.77 -4.88
CA ASN C 132 -6.97 29.54 -5.99
C ASN C 132 -6.09 30.70 -5.46
N SER C 133 -5.28 30.38 -4.43
CA SER C 133 -4.39 31.30 -3.74
C SER C 133 -2.95 30.80 -3.80
N PRO C 134 -1.93 31.69 -3.94
CA PRO C 134 -0.54 31.23 -3.97
C PRO C 134 -0.05 30.80 -2.58
N TRP C 135 -0.89 30.99 -1.55
CA TRP C 135 -0.60 30.67 -0.15
C TRP C 135 -1.12 29.30 0.28
N VAL C 136 -1.91 28.64 -0.59
CA VAL C 136 -2.53 27.34 -0.30
C VAL C 136 -2.01 26.31 -1.31
N VAL C 137 -1.65 25.10 -0.83
CA VAL C 137 -1.19 23.99 -1.66
C VAL C 137 -2.38 23.56 -2.55
N GLN C 138 -2.17 23.58 -3.88
CA GLN C 138 -3.21 23.26 -4.85
C GLN C 138 -3.50 21.77 -4.95
N LEU C 139 -4.79 21.42 -4.92
CA LEU C 139 -5.26 20.04 -5.09
C LEU C 139 -5.73 19.90 -6.53
N PHE C 140 -5.04 19.05 -7.31
CA PHE C 140 -5.38 18.82 -8.70
C PHE C 140 -6.45 17.74 -8.82
N TYR C 141 -6.25 16.61 -8.12
CA TYR C 141 -7.21 15.50 -8.17
C TYR C 141 -7.45 14.90 -6.81
N ALA C 142 -8.66 14.41 -6.61
CA ALA C 142 -9.11 13.73 -5.40
C ALA C 142 -9.85 12.49 -5.87
N PHE C 143 -9.36 11.32 -5.46
CA PHE C 143 -9.97 10.05 -5.85
C PHE C 143 -9.97 9.05 -4.70
N GLN C 144 -10.51 7.85 -4.94
CA GLN C 144 -10.64 6.85 -3.88
C GLN C 144 -10.87 5.45 -4.41
N ASP C 145 -10.50 4.46 -3.58
CA ASP C 145 -10.76 3.04 -3.79
C ASP C 145 -11.38 2.52 -2.48
N ASP C 146 -11.63 1.22 -2.36
CA ASP C 146 -12.23 0.63 -1.16
C ASP C 146 -11.39 0.82 0.13
N ARG C 147 -10.07 1.08 -0.01
CA ARG C 147 -9.14 1.21 1.12
C ARG C 147 -8.74 2.63 1.49
N TYR C 148 -8.46 3.50 0.49
CA TYR C 148 -7.95 4.84 0.75
C TYR C 148 -8.65 5.99 0.01
N LEU C 149 -8.42 7.22 0.54
CA LEU C 149 -8.80 8.50 -0.05
C LEU C 149 -7.47 9.08 -0.53
N TYR C 150 -7.39 9.49 -1.79
CA TYR C 150 -6.16 10.02 -2.36
C TYR C 150 -6.30 11.48 -2.71
N MET C 151 -5.27 12.28 -2.37
CA MET C 151 -5.24 13.71 -2.64
C MET C 151 -3.98 14.08 -3.40
N VAL C 152 -4.13 14.23 -4.72
CA VAL C 152 -3.05 14.58 -5.64
C VAL C 152 -2.86 16.09 -5.56
N MET C 153 -1.75 16.52 -4.94
CA MET C 153 -1.41 17.93 -4.73
C MET C 153 -0.11 18.31 -5.44
N GLU C 154 0.18 19.63 -5.47
CA GLU C 154 1.43 20.15 -6.04
C GLU C 154 2.58 19.82 -5.09
N TYR C 155 3.72 19.38 -5.63
CA TYR C 155 4.88 19.04 -4.83
C TYR C 155 5.61 20.29 -4.36
N MET C 156 5.97 20.30 -3.06
CA MET C 156 6.68 21.39 -2.40
C MET C 156 8.12 20.92 -2.17
N PRO C 157 9.07 21.11 -3.12
CA PRO C 157 10.43 20.58 -2.93
C PRO C 157 11.23 21.16 -1.77
N GLY C 158 10.95 22.42 -1.41
CA GLY C 158 11.64 23.14 -0.34
C GLY C 158 11.55 22.55 1.06
N GLY C 159 10.52 21.72 1.29
CA GLY C 159 10.29 21.06 2.57
C GLY C 159 9.50 21.88 3.57
N ASP C 160 9.43 21.41 4.83
CA ASP C 160 8.72 22.12 5.89
C ASP C 160 9.64 23.07 6.67
N LEU C 161 9.05 24.00 7.45
CA LEU C 161 9.81 24.99 8.22
C LEU C 161 10.48 24.41 9.46
N VAL C 162 10.10 23.19 9.88
CA VAL C 162 10.71 22.46 11.00
C VAL C 162 12.13 22.09 10.54
N ASN C 163 12.24 21.59 9.30
CA ASN C 163 13.49 21.19 8.65
C ASN C 163 14.40 22.40 8.42
N LEU C 164 13.81 23.58 8.10
CA LEU C 164 14.55 24.82 7.89
C LEU C 164 15.18 25.31 9.19
N MET C 165 14.39 25.33 10.28
CA MET C 165 14.85 25.77 11.61
C MET C 165 15.90 24.83 12.22
N SER C 166 15.87 23.55 11.83
CA SER C 166 16.83 22.56 12.31
C SER C 166 18.15 22.65 11.54
N ASN C 167 18.09 22.99 10.25
CA ASN C 167 19.27 23.10 9.37
C ASN C 167 19.90 24.50 9.34
N TYR C 168 19.19 25.53 9.84
CA TYR C 168 19.69 26.92 9.84
C TYR C 168 19.49 27.63 11.16
N ASP C 169 20.41 28.54 11.51
CA ASP C 169 20.27 29.40 12.69
C ASP C 169 19.59 30.65 12.13
N VAL C 170 18.24 30.65 12.19
CA VAL C 170 17.35 31.67 11.62
C VAL C 170 17.56 33.08 12.21
N PRO C 171 18.05 34.04 11.39
CA PRO C 171 18.18 35.43 11.87
C PRO C 171 16.80 36.14 11.86
N GLU C 172 16.74 37.35 12.41
CA GLU C 172 15.51 38.14 12.49
C GLU C 172 14.97 38.58 11.12
N LYS C 173 15.86 38.82 10.14
CA LYS C 173 15.50 39.22 8.77
C LYS C 173 14.71 38.12 8.08
N TRP C 174 15.13 36.85 8.26
CA TRP C 174 14.48 35.66 7.72
C TRP C 174 13.16 35.45 8.46
N ALA C 175 13.18 35.59 9.80
CA ALA C 175 12.02 35.45 10.69
C ALA C 175 10.91 36.41 10.31
N ARG C 176 11.28 37.65 9.91
CA ARG C 176 10.36 38.71 9.47
C ARG C 176 9.63 38.27 8.19
N PHE C 177 10.34 37.63 7.25
CA PHE C 177 9.81 37.14 5.98
C PHE C 177 8.80 36.02 6.20
N TYR C 178 9.21 34.92 6.85
CA TYR C 178 8.37 33.74 7.08
C TYR C 178 7.13 34.04 7.93
N THR C 179 7.24 34.93 8.94
CA THR C 179 6.10 35.33 9.77
C THR C 179 5.07 36.09 8.91
N ALA C 180 5.56 37.02 8.08
CA ALA C 180 4.76 37.83 7.16
C ALA C 180 4.01 36.97 6.12
N GLU C 181 4.68 35.91 5.62
CA GLU C 181 4.09 34.99 4.64
C GLU C 181 2.96 34.20 5.31
N VAL C 182 3.15 33.77 6.58
CA VAL C 182 2.16 33.04 7.39
C VAL C 182 0.94 33.95 7.64
N VAL C 183 1.19 35.24 7.95
CA VAL C 183 0.15 36.25 8.19
C VAL C 183 -0.75 36.38 6.95
N LEU C 184 -0.15 36.56 5.76
CA LEU C 184 -0.87 36.66 4.49
C LEU C 184 -1.57 35.36 4.13
N ALA C 185 -0.93 34.21 4.42
CA ALA C 185 -1.47 32.88 4.17
C ALA C 185 -2.71 32.60 5.01
N LEU C 186 -2.65 32.92 6.32
CA LEU C 186 -3.77 32.73 7.23
C LEU C 186 -4.93 33.66 6.93
N ASP C 187 -4.63 34.90 6.52
CA ASP C 187 -5.65 35.87 6.14
C ASP C 187 -6.50 35.37 4.96
N ALA C 188 -5.86 34.64 4.00
CA ALA C 188 -6.53 34.04 2.86
C ALA C 188 -7.50 32.95 3.31
N ILE C 189 -7.09 32.13 4.31
CA ILE C 189 -7.88 31.06 4.93
C ILE C 189 -9.08 31.70 5.67
N HIS C 190 -8.84 32.84 6.37
CA HIS C 190 -9.87 33.58 7.10
C HIS C 190 -10.88 34.18 6.12
N SER C 191 -10.39 34.67 4.96
CA SER C 191 -11.21 35.25 3.88
C SER C 191 -12.12 34.20 3.23
N MET C 192 -11.70 32.92 3.28
CA MET C 192 -12.45 31.78 2.77
C MET C 192 -13.52 31.31 3.77
N GLY C 193 -13.53 31.92 4.95
CA GLY C 193 -14.44 31.61 6.04
C GLY C 193 -13.99 30.45 6.88
N PHE C 194 -12.66 30.36 7.13
CA PHE C 194 -12.08 29.26 7.91
C PHE C 194 -11.07 29.72 8.96
N ILE C 195 -10.99 28.95 10.07
CA ILE C 195 -10.03 29.14 11.15
C ILE C 195 -9.21 27.85 11.21
N HIS C 196 -7.89 27.97 10.95
CA HIS C 196 -6.94 26.85 10.86
C HIS C 196 -6.93 25.94 12.08
N ARG C 197 -6.81 26.52 13.29
CA ARG C 197 -6.79 25.87 14.62
C ARG C 197 -5.52 25.01 14.90
N ASP C 198 -4.61 24.85 13.91
CA ASP C 198 -3.38 24.07 14.09
C ASP C 198 -2.20 24.68 13.33
N VAL C 199 -1.96 25.99 13.52
CA VAL C 199 -0.87 26.70 12.86
C VAL C 199 0.44 26.26 13.51
N LYS C 200 1.31 25.60 12.72
CA LYS C 200 2.62 25.10 13.16
C LYS C 200 3.62 25.01 11.99
N PRO C 201 4.96 24.99 12.23
CA PRO C 201 5.92 24.93 11.10
C PRO C 201 5.87 23.65 10.27
N ASP C 202 5.29 22.57 10.82
CA ASP C 202 5.13 21.27 10.16
C ASP C 202 4.12 21.42 9.01
N ASN C 203 3.14 22.34 9.18
CA ASN C 203 2.06 22.70 8.27
C ASN C 203 2.45 23.81 7.26
N MET C 204 3.69 24.31 7.36
CA MET C 204 4.22 25.39 6.52
C MET C 204 5.25 24.81 5.55
N LEU C 205 4.88 24.71 4.26
CA LEU C 205 5.75 24.15 3.23
C LEU C 205 6.29 25.20 2.27
N LEU C 206 7.44 24.89 1.62
CA LEU C 206 8.08 25.80 0.67
C LEU C 206 8.15 25.18 -0.72
N ASP C 207 7.87 25.98 -1.76
CA ASP C 207 7.92 25.56 -3.17
C ASP C 207 9.37 25.57 -3.72
N LYS C 208 9.53 25.37 -5.05
CA LYS C 208 10.84 25.39 -5.74
C LYS C 208 11.55 26.76 -5.63
N SER C 209 10.77 27.83 -5.40
CA SER C 209 11.25 29.21 -5.24
C SER C 209 11.64 29.52 -3.79
N GLY C 210 11.07 28.76 -2.85
CA GLY C 210 11.32 28.93 -1.42
C GLY C 210 10.27 29.77 -0.72
N HIS C 211 9.08 29.90 -1.34
CA HIS C 211 7.95 30.66 -0.82
C HIS C 211 6.93 29.78 -0.10
N LEU C 212 6.48 30.24 1.07
CA LEU C 212 5.54 29.56 1.96
C LEU C 212 4.17 29.28 1.35
N LYS C 213 3.61 28.12 1.72
CA LYS C 213 2.29 27.62 1.35
C LYS C 213 1.78 26.80 2.52
N LEU C 214 0.54 27.05 2.97
CA LEU C 214 -0.05 26.30 4.06
C LEU C 214 -0.55 24.94 3.58
N ALA C 215 -0.42 23.91 4.43
CA ALA C 215 -0.87 22.53 4.18
C ALA C 215 -1.44 21.95 5.47
N ASP C 216 -2.04 20.75 5.40
CA ASP C 216 -2.67 20.05 6.53
C ASP C 216 -3.83 20.88 7.11
N PHE C 217 -5.01 20.74 6.48
CA PHE C 217 -6.22 21.47 6.87
C PHE C 217 -7.27 20.58 7.54
N GLY C 218 -6.83 19.49 8.17
CA GLY C 218 -7.70 18.55 8.87
C GLY C 218 -8.28 19.07 10.17
N THR C 219 -7.78 20.23 10.62
CA THR C 219 -8.17 20.91 11.85
C THR C 219 -9.10 22.10 11.61
N CYS C 220 -9.14 22.61 10.36
CA CYS C 220 -9.95 23.75 9.91
C CYS C 220 -11.46 23.53 10.09
N MET C 221 -12.18 24.62 10.35
CA MET C 221 -13.64 24.63 10.51
C MET C 221 -14.23 25.88 9.87
N LYS C 222 -15.38 25.73 9.19
CA LYS C 222 -16.07 26.83 8.53
C LYS C 222 -16.75 27.72 9.56
N MET C 223 -16.53 29.04 9.44
CA MET C 223 -17.10 30.07 10.31
C MET C 223 -18.60 30.24 10.03
N ASN C 224 -19.37 30.64 11.06
CA ASN C 224 -20.82 30.86 10.93
C ASN C 224 -21.16 32.23 10.29
N LYS C 225 -22.46 32.61 10.30
CA LYS C 225 -22.99 33.87 9.75
C LYS C 225 -22.27 35.14 10.24
N GLU C 226 -21.83 35.16 11.51
CA GLU C 226 -21.11 36.30 12.10
C GLU C 226 -19.58 36.19 11.91
N GLY C 227 -19.11 34.99 11.54
CA GLY C 227 -17.70 34.70 11.31
C GLY C 227 -17.00 34.19 12.56
N MET C 228 -17.54 33.11 13.14
CA MET C 228 -17.02 32.47 14.36
C MET C 228 -17.08 30.96 14.27
N VAL C 229 -16.16 30.26 14.96
CA VAL C 229 -16.11 28.80 15.01
C VAL C 229 -16.57 28.32 16.40
N ARG C 230 -17.78 27.72 16.44
CA ARG C 230 -18.41 27.20 17.66
C ARG C 230 -17.88 25.80 17.96
N CYS C 231 -16.70 25.74 18.56
CA CYS C 231 -16.04 24.49 18.93
C CYS C 231 -16.48 24.04 20.33
N ASP C 232 -16.09 22.82 20.72
CA ASP C 232 -16.41 22.23 22.02
C ASP C 232 -15.18 21.48 22.57
N THR C 233 -14.43 20.82 21.66
CA THR C 233 -13.23 20.03 21.93
C THR C 233 -11.93 20.83 21.71
N ALA C 234 -10.84 20.39 22.35
CA ALA C 234 -9.52 20.97 22.18
C ALA C 234 -8.88 20.26 20.97
N VAL C 235 -8.52 21.02 19.93
CA VAL C 235 -7.92 20.51 18.68
C VAL C 235 -6.68 21.32 18.27
N GLY C 236 -5.60 20.60 17.96
CA GLY C 236 -4.32 21.19 17.57
C GLY C 236 -3.11 20.46 18.11
N THR C 237 -2.01 21.21 18.34
CA THR C 237 -0.72 20.70 18.84
C THR C 237 -0.44 21.28 20.24
N PRO C 238 0.02 20.43 21.20
CA PRO C 238 0.24 20.91 22.58
C PRO C 238 1.07 22.18 22.74
N ASP C 239 2.12 22.38 21.95
CA ASP C 239 2.96 23.58 22.09
C ASP C 239 2.38 24.85 21.45
N TYR C 240 1.56 24.71 20.40
CA TYR C 240 1.01 25.83 19.61
C TYR C 240 -0.44 26.21 19.94
N ILE C 241 -1.14 25.39 20.75
CA ILE C 241 -2.54 25.63 21.12
C ILE C 241 -2.69 26.89 21.98
N SER C 242 -3.80 27.63 21.76
CA SER C 242 -4.16 28.85 22.46
C SER C 242 -4.95 28.52 23.74
N PRO C 243 -4.99 29.41 24.78
CA PRO C 243 -5.74 29.08 26.00
C PRO C 243 -7.26 28.90 25.81
N GLU C 244 -7.87 29.61 24.85
CA GLU C 244 -9.31 29.54 24.57
C GLU C 244 -9.78 28.17 24.06
N VAL C 245 -9.00 27.54 23.15
CA VAL C 245 -9.29 26.20 22.60
C VAL C 245 -9.06 25.16 23.72
N LEU C 246 -8.10 25.49 24.61
CA LEU C 246 -7.68 24.71 25.77
C LEU C 246 -8.58 24.99 26.98
N ASP C 252 -18.26 23.74 25.85
CA ASP C 252 -17.69 25.06 26.05
C ASP C 252 -16.44 25.26 25.18
N GLY C 253 -16.33 26.44 24.57
CA GLY C 253 -15.21 26.80 23.71
C GLY C 253 -15.59 27.38 22.36
N TYR C 254 -16.34 28.49 22.35
CA TYR C 254 -16.76 29.20 21.13
C TYR C 254 -15.84 30.41 20.96
N TYR C 255 -15.14 30.49 19.80
CA TYR C 255 -14.14 31.55 19.52
C TYR C 255 -14.02 32.00 18.06
N GLY C 256 -13.20 33.02 17.85
CA GLY C 256 -12.90 33.61 16.54
C GLY C 256 -11.49 33.30 16.06
N ARG C 257 -11.08 33.99 14.97
CA ARG C 257 -9.80 33.84 14.26
C ARG C 257 -8.52 34.05 15.08
N GLU C 258 -8.60 34.85 16.15
CA GLU C 258 -7.47 35.24 17.02
C GLU C 258 -6.66 34.06 17.59
N CYS C 259 -7.25 32.85 17.64
CA CYS C 259 -6.56 31.65 18.13
C CYS C 259 -5.43 31.23 17.18
N ASP C 260 -5.56 31.58 15.88
CA ASP C 260 -4.53 31.31 14.87
C ASP C 260 -3.38 32.28 15.05
N TRP C 261 -3.67 33.52 15.49
CA TRP C 261 -2.64 34.54 15.73
C TRP C 261 -1.77 34.22 16.94
N TRP C 262 -2.33 33.49 17.94
CA TRP C 262 -1.59 33.03 19.12
C TRP C 262 -0.46 32.13 18.65
N SER C 263 -0.78 31.14 17.80
CA SER C 263 0.14 30.15 17.23
C SER C 263 1.24 30.80 16.38
N VAL C 264 0.96 31.99 15.78
CA VAL C 264 1.94 32.76 14.99
C VAL C 264 3.03 33.28 15.95
N GLY C 265 2.60 33.77 17.12
CA GLY C 265 3.50 34.24 18.17
C GLY C 265 4.35 33.12 18.73
N VAL C 266 3.76 31.91 18.84
CA VAL C 266 4.44 30.68 19.29
C VAL C 266 5.52 30.32 18.25
N PHE C 267 5.15 30.37 16.96
CA PHE C 267 6.01 30.09 15.82
C PHE C 267 7.18 31.09 15.74
N LEU C 268 6.91 32.40 15.95
CA LEU C 268 7.93 33.46 15.93
C LEU C 268 8.93 33.30 17.08
N TYR C 269 8.44 32.92 18.29
CA TYR C 269 9.28 32.69 19.47
C TYR C 269 10.24 31.54 19.21
N GLU C 270 9.72 30.37 18.77
CA GLU C 270 10.49 29.16 18.46
C GLU C 270 11.55 29.41 17.38
N MET C 271 11.23 30.24 16.39
CA MET C 271 12.11 30.58 15.29
C MET C 271 13.34 31.38 15.73
N LEU C 272 13.17 32.28 16.72
CA LEU C 272 14.22 33.15 17.25
C LEU C 272 14.96 32.58 18.47
N VAL C 273 14.26 31.83 19.33
CA VAL C 273 14.82 31.23 20.56
C VAL C 273 15.42 29.83 20.31
N GLY C 274 14.74 29.04 19.47
CA GLY C 274 15.15 27.69 19.15
C GLY C 274 14.38 26.63 19.94
N ASP C 275 13.47 27.10 20.80
CA ASP C 275 12.60 26.30 21.65
C ASP C 275 11.22 26.94 21.73
N THR C 276 10.17 26.11 21.93
CA THR C 276 8.79 26.58 22.05
C THR C 276 8.62 27.36 23.37
N PRO C 277 7.77 28.41 23.42
CA PRO C 277 7.65 29.20 24.67
C PRO C 277 7.11 28.47 25.89
N PHE C 278 6.31 27.41 25.68
CA PHE C 278 5.70 26.67 26.78
C PHE C 278 6.16 25.21 26.84
N TYR C 279 7.42 24.96 26.41
CA TYR C 279 8.02 23.62 26.41
C TYR C 279 8.12 23.03 27.82
N ALA C 280 7.86 21.72 27.89
CA ALA C 280 7.94 20.89 29.09
C ALA C 280 8.11 19.44 28.65
N ASP C 281 8.93 18.66 29.37
CA ASP C 281 9.16 17.24 29.07
C ASP C 281 7.88 16.44 29.32
N SER C 282 7.03 16.92 30.24
CA SER C 282 5.71 16.39 30.56
C SER C 282 4.70 17.21 29.77
N LEU C 283 3.84 16.54 28.99
CA LEU C 283 2.83 17.20 28.15
C LEU C 283 1.84 18.02 28.96
N VAL C 284 1.48 17.53 30.16
CA VAL C 284 0.58 18.17 31.12
C VAL C 284 1.21 19.49 31.62
N GLY C 285 2.54 19.52 31.63
CA GLY C 285 3.33 20.69 32.01
C GLY C 285 3.16 21.85 31.05
N THR C 286 3.01 21.54 29.74
CA THR C 286 2.81 22.52 28.66
C THR C 286 1.42 23.16 28.80
N TYR C 287 0.40 22.31 29.10
CA TYR C 287 -0.99 22.67 29.32
C TYR C 287 -1.09 23.75 30.40
N SER C 288 -0.45 23.51 31.56
CA SER C 288 -0.41 24.43 32.69
C SER C 288 0.36 25.71 32.34
N LYS C 289 1.46 25.58 31.56
CA LYS C 289 2.28 26.72 31.11
C LYS C 289 1.51 27.67 30.19
N ILE C 290 0.63 27.12 29.32
CA ILE C 290 -0.19 27.90 28.39
C ILE C 290 -1.24 28.71 29.16
N MET C 291 -1.90 28.08 30.15
CA MET C 291 -2.91 28.71 31.00
C MET C 291 -2.31 29.80 31.91
N ASN C 292 -1.01 29.64 32.26
CA ASN C 292 -0.26 30.57 33.10
C ASN C 292 0.70 31.47 32.30
N HIS C 293 0.45 31.63 30.97
CA HIS C 293 1.26 32.42 30.03
C HIS C 293 1.70 33.81 30.53
N LYS C 294 0.87 34.45 31.39
CA LYS C 294 1.13 35.77 31.99
C LYS C 294 2.42 35.77 32.82
N ASN C 295 2.70 34.66 33.53
CA ASN C 295 3.90 34.49 34.36
C ASN C 295 4.84 33.39 33.82
N SER C 296 4.38 32.62 32.80
CA SER C 296 5.12 31.52 32.18
C SER C 296 6.05 31.94 31.04
N LEU C 297 5.63 32.95 30.24
CA LEU C 297 6.43 33.45 29.11
C LEU C 297 7.68 34.20 29.59
N THR C 298 8.84 33.55 29.41
CA THR C 298 10.15 34.06 29.79
C THR C 298 11.10 34.00 28.60
N PHE C 299 11.96 35.01 28.47
CA PHE C 299 12.94 35.10 27.38
C PHE C 299 14.34 34.70 27.88
N PRO C 300 15.13 33.92 27.09
CA PRO C 300 16.47 33.51 27.56
C PRO C 300 17.45 34.66 27.80
N ILE C 305 18.56 39.25 18.83
CA ILE C 305 17.25 39.53 19.41
C ILE C 305 16.99 41.02 19.53
N SER C 306 15.74 41.45 19.21
CA SER C 306 15.32 42.85 19.25
C SER C 306 14.09 43.10 20.14
N LYS C 307 13.89 44.39 20.52
CA LYS C 307 12.78 44.89 21.34
C LYS C 307 11.43 44.71 20.64
N GLU C 308 11.36 45.01 19.33
CA GLU C 308 10.14 44.92 18.53
C GLU C 308 9.71 43.47 18.22
N ALA C 309 10.66 42.52 18.20
CA ALA C 309 10.38 41.11 17.98
C ALA C 309 9.73 40.54 19.25
N LYS C 310 10.27 40.92 20.43
CA LYS C 310 9.77 40.54 21.76
C LYS C 310 8.36 41.13 21.95
N ASN C 311 8.15 42.37 21.45
CA ASN C 311 6.88 43.11 21.52
C ASN C 311 5.77 42.38 20.75
N LEU C 312 6.09 41.82 19.57
CA LEU C 312 5.15 41.08 18.72
C LEU C 312 4.74 39.75 19.36
N ILE C 313 5.73 38.99 19.88
CA ILE C 313 5.52 37.69 20.55
C ILE C 313 4.56 37.89 21.73
N CYS C 314 4.79 38.94 22.53
CA CYS C 314 3.96 39.31 23.68
C CYS C 314 2.58 39.84 23.29
N ALA C 315 2.47 40.52 22.12
CA ALA C 315 1.20 41.04 21.61
C ALA C 315 0.25 39.90 21.20
N PHE C 316 0.83 38.79 20.68
CA PHE C 316 0.10 37.58 20.28
C PHE C 316 -0.10 36.63 21.47
N LEU C 317 0.89 36.55 22.39
CA LEU C 317 0.84 35.66 23.56
C LEU C 317 0.25 36.35 24.81
N THR C 318 -1.07 36.59 24.74
CA THR C 318 -1.94 37.19 25.76
C THR C 318 -3.36 36.58 25.62
N ASP C 319 -4.30 36.94 26.51
CA ASP C 319 -5.68 36.43 26.46
C ASP C 319 -6.40 36.97 25.21
N ARG C 320 -7.29 36.15 24.61
CA ARG C 320 -8.07 36.47 23.40
C ARG C 320 -8.90 37.77 23.53
N GLU C 321 -9.19 38.20 24.78
CA GLU C 321 -9.94 39.42 25.10
C GLU C 321 -9.14 40.66 24.67
N VAL C 322 -7.84 40.71 25.03
CA VAL C 322 -6.90 41.78 24.70
C VAL C 322 -5.68 41.14 23.99
N ARG C 323 -5.78 40.98 22.65
CA ARG C 323 -4.74 40.35 21.83
C ARG C 323 -4.72 40.95 20.42
N LEU C 324 -3.52 41.00 19.79
CA LEU C 324 -3.32 41.51 18.44
C LEU C 324 -3.94 40.55 17.41
N GLY C 325 -5.13 40.91 16.93
CA GLY C 325 -5.89 40.13 15.96
C GLY C 325 -7.34 39.90 16.31
N ARG C 326 -7.84 40.58 17.37
CA ARG C 326 -9.24 40.48 17.82
C ARG C 326 -10.20 41.18 16.84
N ASN C 327 -9.73 42.27 16.20
CA ASN C 327 -10.45 43.04 15.20
C ASN C 327 -9.48 43.73 14.23
N GLY C 328 -9.47 43.26 12.99
CA GLY C 328 -8.61 43.76 11.92
C GLY C 328 -7.29 43.04 11.81
N VAL C 329 -6.90 42.71 10.56
CA VAL C 329 -5.64 42.03 10.22
C VAL C 329 -4.50 43.05 9.97
N GLU C 330 -4.90 44.29 9.61
CA GLU C 330 -4.07 45.46 9.34
C GLU C 330 -3.21 45.90 10.52
N GLU C 331 -3.67 45.68 11.77
CA GLU C 331 -2.92 46.04 12.98
C GLU C 331 -1.65 45.18 13.14
N ILE C 332 -1.67 43.94 12.61
CA ILE C 332 -0.52 43.01 12.61
C ILE C 332 0.49 43.53 11.59
N LYS C 333 0.00 43.91 10.39
CA LYS C 333 0.78 44.43 9.28
C LYS C 333 1.45 45.78 9.62
N ARG C 334 0.79 46.60 10.45
CA ARG C 334 1.28 47.92 10.89
C ARG C 334 2.36 47.85 11.98
N HIS C 335 2.61 46.67 12.58
CA HIS C 335 3.61 46.48 13.64
C HIS C 335 5.03 46.79 13.16
N LEU C 336 5.83 47.45 14.02
CA LEU C 336 7.22 47.87 13.76
C LEU C 336 8.16 46.72 13.36
N PHE C 337 7.89 45.49 13.83
CA PHE C 337 8.70 44.31 13.51
C PHE C 337 8.75 44.06 12.00
N PHE C 338 7.63 44.26 11.30
CA PHE C 338 7.53 44.04 9.85
C PHE C 338 8.08 45.19 9.01
N LYS C 339 8.46 46.33 9.63
CA LYS C 339 9.02 47.49 8.93
C LYS C 339 10.45 47.14 8.48
N ASN C 340 10.64 47.07 7.15
CA ASN C 340 11.91 46.72 6.51
C ASN C 340 12.11 47.47 5.18
N ASP C 341 13.31 47.36 4.59
CA ASP C 341 13.67 48.02 3.34
C ASP C 341 13.82 47.05 2.15
N GLN C 342 13.54 45.75 2.36
CA GLN C 342 13.67 44.71 1.33
C GLN C 342 12.37 44.34 0.62
N TRP C 343 11.25 44.22 1.36
CA TRP C 343 9.96 43.84 0.80
C TRP C 343 8.77 44.69 1.28
N ALA C 344 7.62 44.53 0.60
CA ALA C 344 6.33 45.15 0.90
C ALA C 344 5.26 44.06 0.94
N TRP C 345 4.22 44.26 1.76
CA TRP C 345 3.11 43.32 1.97
C TRP C 345 2.39 42.84 0.70
N GLU C 346 2.23 43.72 -0.29
CA GLU C 346 1.53 43.41 -1.56
C GLU C 346 2.44 42.79 -2.63
N THR C 347 3.77 42.80 -2.43
CA THR C 347 4.74 42.24 -3.39
C THR C 347 5.71 41.22 -2.76
N LEU C 348 5.46 40.83 -1.49
CA LEU C 348 6.28 39.90 -0.70
C LEU C 348 6.56 38.54 -1.39
N ARG C 349 5.54 37.90 -2.00
CA ARG C 349 5.73 36.61 -2.66
C ARG C 349 6.46 36.71 -4.02
N ASP C 350 6.66 37.94 -4.52
CA ASP C 350 7.39 38.19 -5.76
C ASP C 350 8.89 38.42 -5.50
N THR C 351 9.26 38.80 -4.25
CA THR C 351 10.65 39.03 -3.83
C THR C 351 11.40 37.70 -3.63
N VAL C 352 12.74 37.73 -3.63
CA VAL C 352 13.60 36.55 -3.44
C VAL C 352 13.54 36.07 -1.98
N ALA C 353 13.20 34.78 -1.79
CA ALA C 353 13.10 34.11 -0.49
C ALA C 353 14.46 33.96 0.20
N PRO C 354 14.53 33.85 1.56
CA PRO C 354 15.84 33.69 2.22
C PRO C 354 16.57 32.41 1.86
N VAL C 355 15.82 31.30 1.66
CA VAL C 355 16.37 29.99 1.29
C VAL C 355 15.68 29.51 0.01
N VAL C 356 16.42 29.48 -1.10
CA VAL C 356 15.91 28.99 -2.38
C VAL C 356 16.48 27.56 -2.51
N PRO C 357 15.62 26.51 -2.60
CA PRO C 357 16.15 25.14 -2.64
C PRO C 357 17.00 24.78 -3.85
N ASP C 358 18.14 24.12 -3.60
CA ASP C 358 19.06 23.63 -4.62
C ASP C 358 18.50 22.30 -5.11
N LEU C 359 17.93 22.31 -6.33
CA LEU C 359 17.31 21.12 -6.90
C LEU C 359 18.07 20.56 -8.08
N SER C 360 18.35 19.24 -8.04
CA SER C 360 19.08 18.51 -9.07
C SER C 360 18.13 17.87 -10.10
N SER C 361 16.92 17.48 -9.65
CA SER C 361 15.90 16.84 -10.49
C SER C 361 14.49 17.24 -10.04
N ASP C 362 13.48 16.92 -10.87
CA ASP C 362 12.07 17.18 -10.57
C ASP C 362 11.53 16.26 -9.45
N ILE C 363 12.34 15.24 -9.07
CA ILE C 363 12.03 14.27 -8.01
C ILE C 363 13.07 14.34 -6.85
N ASP C 364 13.64 15.54 -6.61
CA ASP C 364 14.63 15.80 -5.57
C ASP C 364 13.91 15.84 -4.21
N THR C 365 14.34 14.98 -3.27
CA THR C 365 13.75 14.87 -1.93
C THR C 365 14.74 15.16 -0.79
N SER C 366 15.81 15.93 -1.09
CA SER C 366 16.86 16.31 -0.14
C SER C 366 16.34 17.10 1.07
N ASN C 367 15.24 17.86 0.88
CA ASN C 367 14.62 18.68 1.93
C ASN C 367 13.57 17.90 2.75
N PHE C 368 13.53 16.57 2.59
CA PHE C 368 12.63 15.67 3.31
C PHE C 368 13.41 14.50 3.90
N ASP C 369 13.16 14.21 5.19
CA ASP C 369 13.79 13.12 5.94
C ASP C 369 13.29 11.73 5.48
N ASP C 370 13.93 10.65 5.95
CA ASP C 370 13.57 9.28 5.59
C ASP C 370 12.36 8.73 6.36
N GLU C 377 0.66 -2.26 10.65
CA GLU C 377 0.56 -3.02 9.40
C GLU C 377 -0.64 -2.53 8.53
N GLU C 378 -1.20 -3.42 7.67
CA GLU C 378 -2.31 -3.09 6.77
C GLU C 378 -3.62 -3.77 7.18
N GLU C 379 -4.37 -3.10 8.07
CA GLU C 379 -5.66 -3.57 8.54
C GLU C 379 -6.71 -3.33 7.44
N THR C 380 -7.73 -4.21 7.39
CA THR C 380 -8.81 -4.19 6.39
C THR C 380 -10.17 -4.45 7.04
N PHE C 381 -11.27 -4.02 6.38
CA PHE C 381 -12.62 -4.25 6.90
C PHE C 381 -12.99 -5.73 6.85
N PRO C 382 -13.59 -6.30 7.92
CA PRO C 382 -14.01 -7.71 7.87
C PRO C 382 -15.12 -7.92 6.85
N ILE C 383 -15.24 -9.15 6.28
CA ILE C 383 -16.30 -9.49 5.32
C ILE C 383 -17.65 -9.36 6.04
N PRO C 384 -18.54 -8.45 5.57
CA PRO C 384 -19.82 -8.25 6.25
C PRO C 384 -20.78 -9.43 6.14
N LYS C 385 -21.56 -9.66 7.20
CA LYS C 385 -22.57 -10.73 7.29
C LYS C 385 -23.96 -10.11 7.01
N ALA C 386 -24.00 -8.76 6.93
CA ALA C 386 -25.16 -7.89 6.67
C ALA C 386 -24.62 -6.55 6.15
N PHE C 387 -25.47 -5.69 5.57
CA PHE C 387 -25.04 -4.39 5.04
C PHE C 387 -24.52 -3.49 6.15
N VAL C 388 -23.32 -2.92 5.95
CA VAL C 388 -22.66 -2.03 6.92
C VAL C 388 -22.44 -0.62 6.34
N GLY C 389 -22.23 -0.55 5.03
CA GLY C 389 -22.03 0.70 4.30
C GLY C 389 -20.78 1.48 4.67
N ASN C 390 -19.63 0.80 4.76
CA ASN C 390 -18.35 1.42 5.13
C ASN C 390 -17.85 2.47 4.14
N GLN C 391 -18.30 2.39 2.87
CA GLN C 391 -17.91 3.34 1.81
C GLN C 391 -18.83 4.58 1.76
N LEU C 392 -19.96 4.55 2.48
CA LEU C 392 -20.94 5.64 2.51
C LEU C 392 -20.37 6.99 3.01
N PRO C 393 -19.54 7.06 4.09
CA PRO C 393 -19.02 8.37 4.52
C PRO C 393 -18.08 9.07 3.54
N PHE C 394 -17.65 8.36 2.46
CA PHE C 394 -16.68 8.84 1.48
C PHE C 394 -17.27 9.17 0.10
N VAL C 395 -18.60 9.03 -0.05
CA VAL C 395 -19.33 9.35 -1.28
C VAL C 395 -19.27 10.87 -1.50
N GLY C 396 -18.75 11.28 -2.65
CA GLY C 396 -18.63 12.68 -3.00
C GLY C 396 -17.24 13.28 -2.83
N PHE C 397 -16.26 12.46 -2.41
CA PHE C 397 -14.87 12.90 -2.23
C PHE C 397 -14.17 13.20 -3.57
N THR C 398 -14.48 12.41 -4.62
CA THR C 398 -13.89 12.54 -5.95
C THR C 398 -14.04 13.94 -6.51
N TYR C 399 -12.90 14.49 -6.99
CA TYR C 399 -12.76 15.80 -7.61
C TYR C 399 -11.68 15.75 -8.68
N TYR C 400 -11.95 16.32 -9.87
CA TYR C 400 -10.99 16.40 -10.96
C TYR C 400 -10.85 17.85 -11.44
N SER C 401 -9.60 18.36 -11.50
CA SER C 401 -9.33 19.75 -11.91
C SER C 401 -9.56 20.06 -13.40
N ASN C 402 -9.56 19.02 -14.27
CA ASN C 402 -9.76 19.08 -15.73
C ASN C 402 -10.78 20.13 -16.22
N PHE D 7 -4.54 9.70 -21.29
CA PHE D 7 -5.06 10.38 -20.11
C PHE D 7 -6.39 11.10 -20.40
N GLU D 8 -6.40 12.04 -21.38
CA GLU D 8 -7.58 12.80 -21.79
C GLU D 8 -8.62 11.90 -22.47
N THR D 9 -8.15 10.83 -23.16
CA THR D 9 -8.97 9.82 -23.83
C THR D 9 -9.85 9.08 -22.82
N ARG D 10 -9.27 8.75 -21.64
CA ARG D 10 -9.98 8.09 -20.54
C ARG D 10 -11.06 8.99 -20.00
N PHE D 11 -10.78 10.31 -19.90
CA PHE D 11 -11.73 11.32 -19.45
C PHE D 11 -12.80 11.55 -20.52
N GLU D 12 -12.46 11.36 -21.81
CA GLU D 12 -13.38 11.51 -22.94
C GLU D 12 -14.39 10.36 -22.96
N LYS D 13 -13.89 9.10 -22.81
CA LYS D 13 -14.70 7.87 -22.79
C LYS D 13 -15.64 7.87 -21.60
N MET D 14 -15.19 8.36 -20.43
CA MET D 14 -15.98 8.47 -19.22
C MET D 14 -17.02 9.58 -19.38
N ASP D 15 -16.64 10.69 -20.06
CA ASP D 15 -17.54 11.82 -20.32
C ASP D 15 -18.71 11.41 -21.23
N ASN D 16 -18.43 10.53 -22.22
CA ASN D 16 -19.43 10.00 -23.15
C ASN D 16 -20.45 9.18 -22.39
N LEU D 17 -20.00 8.40 -21.39
CA LEU D 17 -20.82 7.54 -20.55
C LEU D 17 -21.81 8.29 -19.65
N LEU D 18 -21.51 9.55 -19.28
CA LEU D 18 -22.40 10.34 -18.43
C LEU D 18 -23.41 11.17 -19.23
N ARG D 19 -23.13 11.41 -20.53
CA ARG D 19 -23.97 12.21 -21.42
C ARG D 19 -24.90 11.35 -22.29
N ASP D 20 -24.41 10.17 -22.74
CA ASP D 20 -25.14 9.23 -23.60
C ASP D 20 -26.49 8.80 -23.01
N PRO D 21 -27.62 9.03 -23.72
CA PRO D 21 -28.93 8.62 -23.17
C PRO D 21 -29.08 7.10 -23.07
N LYS D 22 -28.37 6.36 -23.93
CA LYS D 22 -28.38 4.89 -23.96
C LYS D 22 -27.51 4.25 -22.85
N SER D 23 -26.68 5.07 -22.16
CA SER D 23 -25.80 4.62 -21.09
C SER D 23 -26.52 4.36 -19.76
N GLU D 24 -26.11 3.28 -19.07
CA GLU D 24 -26.66 2.90 -17.76
C GLU D 24 -26.03 3.70 -16.60
N VAL D 25 -24.89 4.38 -16.85
CA VAL D 25 -24.20 5.23 -15.88
C VAL D 25 -24.34 6.71 -16.26
N ASN D 26 -25.38 7.04 -17.03
CA ASN D 26 -25.70 8.40 -17.44
C ASN D 26 -26.18 9.19 -16.20
N SER D 27 -26.02 10.52 -16.23
CA SER D 27 -26.34 11.47 -15.16
C SER D 27 -27.68 11.20 -14.45
N ASP D 28 -28.76 10.92 -15.22
CA ASP D 28 -30.09 10.64 -14.66
C ASP D 28 -30.15 9.29 -13.96
N CYS D 29 -29.40 8.30 -14.46
CA CYS D 29 -29.33 6.96 -13.88
C CYS D 29 -28.55 6.97 -12.56
N LEU D 30 -27.52 7.83 -12.48
CA LEU D 30 -26.68 7.96 -11.29
C LEU D 30 -27.44 8.63 -10.15
N LEU D 31 -28.35 9.58 -10.46
CA LEU D 31 -29.22 10.23 -9.49
C LEU D 31 -30.18 9.21 -8.88
N ASP D 32 -30.64 8.23 -9.69
CA ASP D 32 -31.52 7.14 -9.27
C ASP D 32 -30.88 6.33 -8.15
N GLY D 33 -29.56 6.10 -8.26
CA GLY D 33 -28.75 5.36 -7.29
C GLY D 33 -28.81 6.00 -5.92
N LEU D 34 -28.58 7.31 -5.87
CA LEU D 34 -28.61 8.10 -4.64
C LEU D 34 -30.03 8.22 -4.09
N ASP D 35 -31.02 8.43 -4.98
CA ASP D 35 -32.43 8.54 -4.64
C ASP D 35 -32.93 7.24 -3.99
N ALA D 36 -32.59 6.07 -4.59
CA ALA D 36 -32.94 4.74 -4.12
C ALA D 36 -32.31 4.47 -2.78
N LEU D 37 -31.02 4.83 -2.63
CA LEU D 37 -30.23 4.66 -1.42
C LEU D 37 -30.87 5.41 -0.25
N VAL D 38 -31.31 6.67 -0.47
CA VAL D 38 -31.98 7.51 0.53
C VAL D 38 -33.32 6.88 0.95
N TYR D 39 -34.09 6.35 -0.03
CA TYR D 39 -35.37 5.67 0.23
C TYR D 39 -35.16 4.40 1.08
N ASP D 40 -34.19 3.55 0.69
CA ASP D 40 -33.90 2.26 1.34
C ASP D 40 -33.14 2.35 2.68
N LEU D 41 -32.44 3.47 2.96
CA LEU D 41 -31.68 3.64 4.21
C LEU D 41 -32.38 4.46 5.30
N ASP D 42 -33.32 5.36 4.91
CA ASP D 42 -34.00 6.25 5.86
C ASP D 42 -35.06 5.55 6.72
N PHE D 43 -34.60 4.73 7.68
CA PHE D 43 -35.42 4.01 8.64
C PHE D 43 -34.72 4.00 9.99
N PRO D 44 -35.47 4.17 11.12
CA PRO D 44 -34.82 4.28 12.44
C PRO D 44 -33.89 3.12 12.83
N ALA D 45 -34.24 1.88 12.45
CA ALA D 45 -33.46 0.68 12.75
C ALA D 45 -32.10 0.73 12.05
N LEU D 46 -32.08 1.17 10.79
CA LEU D 46 -30.89 1.29 9.94
C LEU D 46 -30.03 2.48 10.34
N ARG D 47 -30.66 3.58 10.79
CA ARG D 47 -29.97 4.81 11.21
C ARG D 47 -29.11 4.62 12.47
N LYS D 48 -29.19 3.45 13.12
CA LYS D 48 -28.37 3.10 14.29
C LYS D 48 -26.91 2.93 13.87
N ASN D 49 -26.70 2.55 12.59
CA ASN D 49 -25.40 2.40 11.93
C ASN D 49 -24.90 3.81 11.61
N LYS D 50 -23.75 4.18 12.19
CA LYS D 50 -23.14 5.51 12.04
C LYS D 50 -22.81 5.88 10.58
N ASN D 51 -22.48 4.88 9.74
CA ASN D 51 -22.18 5.08 8.33
C ASN D 51 -23.45 5.48 7.58
N ILE D 52 -24.56 4.77 7.86
CA ILE D 52 -25.89 5.01 7.26
C ILE D 52 -26.44 6.35 7.74
N ASP D 53 -26.33 6.63 9.05
CA ASP D 53 -26.81 7.85 9.70
C ASP D 53 -26.15 9.10 9.12
N ASN D 54 -24.81 9.13 9.10
CA ASN D 54 -24.05 10.28 8.63
C ASN D 54 -24.17 10.49 7.12
N PHE D 55 -24.31 9.41 6.32
CA PHE D 55 -24.53 9.51 4.87
C PHE D 55 -25.87 10.20 4.62
N LEU D 56 -26.92 9.81 5.37
CA LEU D 56 -28.26 10.36 5.25
C LEU D 56 -28.29 11.81 5.72
N SER D 57 -27.45 12.15 6.71
CA SER D 57 -27.36 13.52 7.24
C SER D 57 -26.79 14.47 6.17
N ARG D 58 -25.82 13.99 5.38
CA ARG D 58 -25.17 14.76 4.32
C ARG D 58 -26.05 14.91 3.08
N TYR D 59 -26.70 13.81 2.65
CA TYR D 59 -27.56 13.82 1.46
C TYR D 59 -29.06 13.96 1.79
N LYS D 60 -29.36 14.56 2.95
CA LYS D 60 -30.70 14.79 3.48
C LYS D 60 -31.52 15.73 2.58
N ASP D 61 -31.34 17.05 2.77
CA ASP D 61 -32.03 18.13 2.09
C ASP D 61 -31.76 18.15 0.59
N THR D 62 -30.51 17.87 0.17
CA THR D 62 -30.09 17.90 -1.23
C THR D 62 -30.87 16.86 -2.06
N ILE D 63 -31.16 15.65 -1.53
CA ILE D 63 -31.96 14.65 -2.27
C ILE D 63 -33.43 15.11 -2.34
N ASN D 64 -33.94 15.78 -1.27
CA ASN D 64 -35.30 16.32 -1.23
C ASN D 64 -35.46 17.46 -2.25
N LYS D 65 -34.39 18.26 -2.44
CA LYS D 65 -34.32 19.34 -3.43
C LYS D 65 -34.36 18.75 -4.84
N ILE D 66 -33.59 17.66 -5.06
CA ILE D 66 -33.52 16.90 -6.32
C ILE D 66 -34.92 16.36 -6.65
N ARG D 67 -35.60 15.74 -5.66
CA ARG D 67 -36.94 15.17 -5.80
C ARG D 67 -37.99 16.20 -6.22
N ASP D 68 -37.83 17.44 -5.74
CA ASP D 68 -38.72 18.56 -6.07
C ASP D 68 -38.48 19.03 -7.50
N LEU D 69 -37.20 19.20 -7.91
CA LEU D 69 -36.79 19.64 -9.24
C LEU D 69 -37.08 18.62 -10.35
N ARG D 70 -36.91 17.33 -10.05
CA ARG D 70 -37.15 16.25 -11.00
C ARG D 70 -38.63 16.03 -11.26
N MET D 71 -38.95 15.43 -12.42
CA MET D 71 -40.30 15.11 -12.86
C MET D 71 -40.95 14.13 -11.89
N LYS D 72 -42.20 14.43 -11.52
CA LYS D 72 -43.01 13.63 -10.60
C LYS D 72 -44.47 13.52 -11.06
N ALA D 73 -45.20 12.56 -10.48
CA ALA D 73 -46.61 12.30 -10.77
C ALA D 73 -47.50 13.52 -10.56
N GLU D 74 -47.11 14.40 -9.59
CA GLU D 74 -47.80 15.65 -9.25
C GLU D 74 -47.77 16.67 -10.40
N ASP D 75 -46.80 16.56 -11.32
CA ASP D 75 -46.67 17.46 -12.47
C ASP D 75 -47.74 17.17 -13.53
N TYR D 76 -48.39 16.00 -13.44
CA TYR D 76 -49.40 15.56 -14.39
C TYR D 76 -50.80 15.49 -13.79
N GLU D 77 -51.79 16.00 -14.53
CA GLU D 77 -53.21 16.00 -14.18
C GLU D 77 -53.83 14.80 -14.90
N VAL D 78 -54.33 13.82 -14.13
CA VAL D 78 -54.95 12.61 -14.68
C VAL D 78 -56.39 12.90 -15.16
N VAL D 79 -56.63 12.71 -16.47
CA VAL D 79 -57.93 12.91 -17.11
C VAL D 79 -58.83 11.69 -16.85
N LYS D 80 -58.36 10.47 -17.21
CA LYS D 80 -59.05 9.19 -16.98
C LYS D 80 -58.17 7.97 -17.28
N VAL D 81 -58.48 6.83 -16.62
CA VAL D 81 -57.78 5.56 -16.80
C VAL D 81 -58.25 4.96 -18.13
N ILE D 82 -57.31 4.77 -19.06
CA ILE D 82 -57.60 4.25 -20.40
C ILE D 82 -57.13 2.80 -20.61
N GLY D 83 -56.46 2.25 -19.61
CA GLY D 83 -55.94 0.89 -19.67
C GLY D 83 -55.57 0.34 -18.32
N ARG D 84 -55.54 -0.99 -18.21
CA ARG D 84 -55.21 -1.71 -16.99
C ARG D 84 -54.38 -2.94 -17.33
N GLY D 85 -53.34 -3.16 -16.54
CA GLY D 85 -52.44 -4.28 -16.70
C GLY D 85 -52.34 -5.09 -15.42
N ALA D 86 -51.50 -6.12 -15.44
CA ALA D 86 -51.28 -7.01 -14.30
C ALA D 86 -50.71 -6.24 -13.09
N PHE D 87 -49.63 -5.45 -13.31
CA PHE D 87 -48.93 -4.70 -12.27
C PHE D 87 -49.18 -3.19 -12.30
N GLY D 88 -50.17 -2.74 -13.05
CA GLY D 88 -50.49 -1.31 -13.13
C GLY D 88 -51.62 -0.92 -14.04
N GLU D 89 -51.61 0.37 -14.44
CA GLU D 89 -52.62 1.00 -15.28
C GLU D 89 -52.05 2.09 -16.20
N VAL D 90 -52.78 2.40 -17.27
CA VAL D 90 -52.42 3.45 -18.23
C VAL D 90 -53.49 4.53 -18.14
N GLN D 91 -53.06 5.76 -17.83
CA GLN D 91 -53.97 6.89 -17.69
C GLN D 91 -53.68 8.01 -18.67
N LEU D 92 -54.74 8.64 -19.20
CA LEU D 92 -54.62 9.80 -20.08
C LEU D 92 -54.28 10.99 -19.17
N VAL D 93 -53.11 11.61 -19.38
CA VAL D 93 -52.65 12.72 -18.55
C VAL D 93 -52.38 13.99 -19.35
N ARG D 94 -52.35 15.12 -18.66
CA ARG D 94 -52.00 16.43 -19.19
C ARG D 94 -50.95 17.02 -18.26
N HIS D 95 -49.78 17.41 -18.81
CA HIS D 95 -48.72 18.04 -18.02
C HIS D 95 -49.24 19.41 -17.57
N LYS D 96 -49.27 19.67 -16.25
CA LYS D 96 -49.81 20.91 -15.67
C LYS D 96 -49.14 22.19 -16.19
N SER D 97 -47.81 22.16 -16.39
CA SER D 97 -47.03 23.32 -16.84
C SER D 97 -47.12 23.59 -18.36
N THR D 98 -46.89 22.56 -19.20
CA THR D 98 -46.90 22.69 -20.66
C THR D 98 -48.29 22.53 -21.31
N ARG D 99 -49.23 21.87 -20.58
CA ARG D 99 -50.61 21.55 -21.00
C ARG D 99 -50.64 20.49 -22.12
N LYS D 100 -49.49 19.80 -22.33
CA LYS D 100 -49.31 18.75 -23.33
C LYS D 100 -49.97 17.45 -22.85
N VAL D 101 -50.73 16.80 -23.76
CA VAL D 101 -51.47 15.58 -23.51
C VAL D 101 -50.62 14.34 -23.81
N TYR D 102 -50.60 13.39 -22.86
CA TYR D 102 -49.83 12.16 -22.94
C TYR D 102 -50.59 10.97 -22.36
N ALA D 103 -50.00 9.76 -22.48
CA ALA D 103 -50.54 8.53 -21.91
C ALA D 103 -49.46 8.06 -20.93
N MET D 104 -49.82 7.93 -19.66
CA MET D 104 -48.87 7.56 -18.62
C MET D 104 -49.09 6.15 -18.08
N LYS D 105 -48.11 5.27 -18.29
CA LYS D 105 -48.15 3.90 -17.79
C LYS D 105 -47.52 3.88 -16.40
N LEU D 106 -48.20 3.24 -15.46
CA LEU D 106 -47.77 3.09 -14.07
C LEU D 106 -47.52 1.63 -13.79
N LEU D 107 -46.39 1.32 -13.14
CA LEU D 107 -46.05 -0.04 -12.76
C LEU D 107 -45.73 -0.06 -11.26
N SER D 108 -46.55 -0.80 -10.48
CA SER D 108 -46.43 -0.93 -9.03
C SER D 108 -45.14 -1.63 -8.62
N LYS D 109 -44.26 -0.93 -7.88
CA LYS D 109 -43.00 -1.49 -7.37
C LYS D 109 -43.31 -2.57 -6.32
N PHE D 110 -44.39 -2.37 -5.52
CA PHE D 110 -44.81 -3.34 -4.50
C PHE D 110 -45.15 -4.67 -5.14
N GLU D 111 -45.98 -4.63 -6.20
CA GLU D 111 -46.42 -5.82 -6.94
C GLU D 111 -45.26 -6.48 -7.66
N MET D 112 -44.32 -5.69 -8.20
CA MET D 112 -43.14 -6.22 -8.89
C MET D 112 -42.18 -6.92 -7.91
N ILE D 113 -42.12 -6.46 -6.66
CA ILE D 113 -41.26 -7.04 -5.64
C ILE D 113 -41.95 -8.28 -5.04
N LYS D 114 -43.26 -8.15 -4.69
CA LYS D 114 -44.08 -9.21 -4.09
C LYS D 114 -44.08 -10.48 -4.93
N ARG D 115 -44.60 -10.42 -6.17
CA ARG D 115 -44.66 -11.61 -7.03
C ARG D 115 -43.48 -11.72 -7.98
N SER D 116 -42.29 -11.24 -7.52
CA SER D 116 -41.02 -11.22 -8.25
C SER D 116 -41.14 -10.63 -9.68
N ASP D 117 -40.10 -10.80 -10.50
CA ASP D 117 -39.95 -10.27 -11.86
C ASP D 117 -40.19 -8.73 -11.87
N SER D 118 -39.06 -8.04 -11.72
CA SER D 118 -38.93 -6.59 -11.71
C SER D 118 -37.80 -6.25 -12.69
N ALA D 119 -37.80 -6.93 -13.84
CA ALA D 119 -36.80 -6.78 -14.90
C ALA D 119 -37.40 -6.94 -16.32
N PHE D 120 -38.74 -6.89 -16.44
CA PHE D 120 -39.44 -7.03 -17.73
C PHE D 120 -39.54 -5.73 -18.53
N PHE D 121 -39.59 -4.60 -17.84
CA PHE D 121 -39.78 -3.26 -18.39
C PHE D 121 -38.57 -2.65 -19.12
N TRP D 122 -37.35 -3.23 -18.97
CA TRP D 122 -36.16 -2.66 -19.59
C TRP D 122 -36.22 -2.59 -21.11
N GLU D 123 -36.74 -3.62 -21.77
CA GLU D 123 -36.83 -3.60 -23.24
C GLU D 123 -37.90 -2.62 -23.69
N GLU D 124 -39.04 -2.55 -22.97
CA GLU D 124 -40.12 -1.61 -23.24
C GLU D 124 -39.57 -0.19 -23.18
N ARG D 125 -38.79 0.12 -22.13
CA ARG D 125 -38.15 1.41 -21.91
C ARG D 125 -37.23 1.79 -23.07
N ASP D 126 -36.36 0.87 -23.52
CA ASP D 126 -35.39 1.08 -24.60
C ASP D 126 -36.03 1.19 -25.98
N ILE D 127 -36.98 0.30 -26.29
CA ILE D 127 -37.70 0.27 -27.58
C ILE D 127 -38.44 1.59 -27.80
N MET D 128 -39.29 1.99 -26.84
CA MET D 128 -40.11 3.20 -26.94
C MET D 128 -39.25 4.46 -26.97
N ALA D 129 -38.17 4.47 -26.19
CA ALA D 129 -37.31 5.64 -26.10
C ALA D 129 -36.39 5.82 -27.30
N PHE D 130 -35.80 4.73 -27.82
CA PHE D 130 -34.79 4.81 -28.89
C PHE D 130 -35.19 4.20 -30.24
N ALA D 131 -36.48 3.97 -30.46
CA ALA D 131 -36.91 3.42 -31.75
C ALA D 131 -36.85 4.44 -32.87
N ASN D 132 -37.42 5.66 -32.64
CA ASN D 132 -37.53 6.76 -33.60
C ASN D 132 -38.17 6.26 -34.91
N SER D 133 -39.23 5.45 -34.77
CA SER D 133 -39.98 4.81 -35.84
C SER D 133 -41.46 5.20 -35.75
N PRO D 134 -42.16 5.42 -36.90
CA PRO D 134 -43.59 5.75 -36.83
C PRO D 134 -44.45 4.54 -36.44
N TRP D 135 -43.82 3.36 -36.32
CA TRP D 135 -44.46 2.10 -35.97
C TRP D 135 -44.41 1.76 -34.47
N VAL D 136 -43.64 2.56 -33.70
CA VAL D 136 -43.46 2.34 -32.26
C VAL D 136 -43.98 3.55 -31.49
N VAL D 137 -44.72 3.32 -30.39
CA VAL D 137 -45.24 4.37 -29.52
C VAL D 137 -44.04 5.07 -28.85
N GLN D 138 -43.93 6.39 -29.04
CA GLN D 138 -42.80 7.16 -28.51
C GLN D 138 -42.87 7.42 -27.02
N LEU D 139 -41.75 7.18 -26.31
CA LEU D 139 -41.60 7.47 -24.88
C LEU D 139 -40.87 8.79 -24.75
N PHE D 140 -41.55 9.79 -24.18
CA PHE D 140 -40.96 11.10 -23.98
C PHE D 140 -40.21 11.17 -22.66
N TYR D 141 -40.83 10.68 -21.57
CA TYR D 141 -40.20 10.72 -20.25
C TYR D 141 -40.45 9.43 -19.47
N ALA D 142 -39.47 9.03 -18.66
CA ALA D 142 -39.56 7.87 -17.77
C ALA D 142 -39.04 8.34 -16.41
N PHE D 143 -39.87 8.18 -15.38
CA PHE D 143 -39.50 8.62 -14.03
C PHE D 143 -40.03 7.64 -13.00
N GLN D 144 -39.73 7.89 -11.71
CA GLN D 144 -40.11 7.00 -10.61
C GLN D 144 -40.09 7.66 -9.24
N ASP D 145 -40.86 7.09 -8.32
CA ASP D 145 -40.91 7.45 -6.90
C ASP D 145 -40.79 6.13 -6.12
N ASP D 146 -40.89 6.15 -4.79
CA ASP D 146 -40.78 4.94 -3.97
C ASP D 146 -41.84 3.88 -4.26
N ARG D 147 -42.99 4.27 -4.86
CA ARG D 147 -44.12 3.39 -5.15
C ARG D 147 -44.25 2.91 -6.60
N TYR D 148 -44.04 3.79 -7.60
CA TYR D 148 -44.27 3.45 -9.00
C TYR D 148 -43.17 3.83 -9.98
N LEU D 149 -43.23 3.20 -11.17
CA LEU D 149 -42.41 3.49 -12.36
C LEU D 149 -43.41 4.15 -13.32
N TYR D 150 -43.07 5.31 -13.86
CA TYR D 150 -43.95 6.06 -14.74
C TYR D 150 -43.36 6.17 -16.13
N MET D 151 -44.20 5.97 -17.16
CA MET D 151 -43.79 6.03 -18.56
C MET D 151 -44.70 6.97 -19.34
N VAL D 152 -44.20 8.19 -19.60
CA VAL D 152 -44.93 9.25 -20.31
C VAL D 152 -44.78 9.06 -21.83
N MET D 153 -45.81 8.51 -22.47
CA MET D 153 -45.84 8.17 -23.89
C MET D 153 -46.80 9.06 -24.68
N GLU D 154 -46.74 8.98 -26.02
CA GLU D 154 -47.65 9.69 -26.92
C GLU D 154 -49.01 9.03 -26.84
N TYR D 155 -50.08 9.83 -26.75
CA TYR D 155 -51.44 9.32 -26.67
C TYR D 155 -51.87 8.75 -28.01
N MET D 156 -52.45 7.53 -27.98
CA MET D 156 -52.94 6.82 -29.17
C MET D 156 -54.47 6.90 -29.19
N PRO D 157 -55.06 7.96 -29.83
CA PRO D 157 -56.53 8.16 -29.75
C PRO D 157 -57.44 7.13 -30.40
N GLY D 158 -56.90 6.36 -31.36
CA GLY D 158 -57.66 5.38 -32.12
C GLY D 158 -58.07 4.12 -31.38
N GLY D 159 -57.47 3.86 -30.23
CA GLY D 159 -57.74 2.67 -29.44
C GLY D 159 -57.03 1.45 -29.98
N ASP D 160 -57.30 0.25 -29.41
CA ASP D 160 -56.67 -1.02 -29.82
C ASP D 160 -57.47 -1.74 -30.95
N LEU D 161 -56.84 -2.72 -31.61
CA LEU D 161 -57.45 -3.47 -32.71
C LEU D 161 -58.50 -4.48 -32.25
N VAL D 162 -58.55 -4.79 -30.94
CA VAL D 162 -59.56 -5.67 -30.33
C VAL D 162 -60.90 -4.90 -30.40
N ASN D 163 -60.86 -3.59 -30.05
CA ASN D 163 -62.00 -2.67 -30.09
C ASN D 163 -62.48 -2.46 -31.53
N LEU D 164 -61.56 -2.43 -32.52
CA LEU D 164 -61.88 -2.26 -33.93
C LEU D 164 -62.63 -3.49 -34.47
N MET D 165 -62.11 -4.71 -34.16
CA MET D 165 -62.71 -5.98 -34.59
C MET D 165 -64.07 -6.24 -33.94
N SER D 166 -64.29 -5.68 -32.74
CA SER D 166 -65.56 -5.83 -32.02
C SER D 166 -66.62 -4.87 -32.56
N ASN D 167 -66.21 -3.66 -32.98
CA ASN D 167 -67.09 -2.62 -33.51
C ASN D 167 -67.32 -2.70 -35.03
N TYR D 168 -66.49 -3.46 -35.77
CA TYR D 168 -66.59 -3.58 -37.22
C TYR D 168 -66.49 -5.01 -37.73
N ASP D 169 -67.19 -5.32 -38.83
CA ASP D 169 -67.06 -6.62 -39.50
C ASP D 169 -65.98 -6.35 -40.56
N VAL D 170 -64.73 -6.65 -40.18
CA VAL D 170 -63.52 -6.39 -40.95
C VAL D 170 -63.47 -7.12 -42.33
N PRO D 171 -63.51 -6.37 -43.45
CA PRO D 171 -63.37 -7.02 -44.77
C PRO D 171 -61.90 -7.33 -45.08
N GLU D 172 -61.63 -8.05 -46.18
CA GLU D 172 -60.28 -8.44 -46.59
C GLU D 172 -59.37 -7.25 -46.95
N LYS D 173 -59.96 -6.18 -47.51
CA LYS D 173 -59.23 -4.96 -47.91
C LYS D 173 -58.62 -4.28 -46.69
N TRP D 174 -59.39 -4.21 -45.58
CA TRP D 174 -58.97 -3.65 -44.29
C TRP D 174 -57.94 -4.58 -43.67
N ALA D 175 -58.20 -5.90 -43.70
CA ALA D 175 -57.32 -6.95 -43.17
C ALA D 175 -55.94 -6.89 -43.82
N ARG D 176 -55.88 -6.61 -45.15
CA ARG D 176 -54.65 -6.47 -45.92
C ARG D 176 -53.81 -5.30 -45.41
N PHE D 177 -54.47 -4.17 -45.06
CA PHE D 177 -53.84 -2.95 -44.55
C PHE D 177 -53.22 -3.19 -43.17
N TYR D 178 -54.03 -3.62 -42.19
CA TYR D 178 -53.59 -3.83 -40.80
C TYR D 178 -52.52 -4.90 -40.67
N THR D 179 -52.59 -5.99 -41.47
CA THR D 179 -51.56 -7.05 -41.47
C THR D 179 -50.23 -6.48 -41.97
N ALA D 180 -50.28 -5.71 -43.08
CA ALA D 180 -49.12 -5.07 -43.70
C ALA D 180 -48.45 -4.07 -42.75
N GLU D 181 -49.25 -3.33 -41.95
CA GLU D 181 -48.74 -2.35 -40.99
C GLU D 181 -48.01 -3.08 -39.86
N VAL D 182 -48.56 -4.22 -39.40
CA VAL D 182 -47.98 -5.10 -38.37
C VAL D 182 -46.65 -5.68 -38.88
N VAL D 183 -46.60 -6.10 -40.16
CA VAL D 183 -45.41 -6.66 -40.81
C VAL D 183 -44.26 -5.61 -40.79
N LEU D 184 -44.55 -4.38 -41.23
CA LEU D 184 -43.59 -3.28 -41.23
C LEU D 184 -43.19 -2.88 -39.82
N ALA D 185 -44.16 -2.89 -38.87
CA ALA D 185 -43.94 -2.56 -37.46
C ALA D 185 -43.01 -3.56 -36.80
N LEU D 186 -43.25 -4.87 -36.99
CA LEU D 186 -42.43 -5.94 -36.41
C LEU D 186 -41.03 -5.97 -37.02
N ASP D 187 -40.92 -5.69 -38.33
CA ASP D 187 -39.62 -5.64 -39.01
C ASP D 187 -38.72 -4.58 -38.38
N ALA D 188 -39.30 -3.45 -37.95
CA ALA D 188 -38.58 -2.34 -37.28
C ALA D 188 -38.06 -2.82 -35.92
N ILE D 189 -38.88 -3.59 -35.18
CA ILE D 189 -38.54 -4.20 -33.88
C ILE D 189 -37.42 -5.23 -34.08
N HIS D 190 -37.51 -6.01 -35.20
CA HIS D 190 -36.51 -7.02 -35.57
C HIS D 190 -35.17 -6.34 -35.90
N SER D 191 -35.24 -5.19 -36.61
CA SER D 191 -34.08 -4.38 -37.01
C SER D 191 -33.36 -3.79 -35.80
N MET D 192 -34.09 -3.59 -34.69
CA MET D 192 -33.57 -3.08 -33.42
C MET D 192 -32.92 -4.19 -32.60
N GLY D 193 -33.00 -5.43 -33.10
CA GLY D 193 -32.44 -6.61 -32.45
C GLY D 193 -33.35 -7.19 -31.38
N PHE D 194 -34.67 -7.07 -31.57
CA PHE D 194 -35.66 -7.57 -30.63
C PHE D 194 -36.70 -8.47 -31.27
N ILE D 195 -37.17 -9.47 -30.50
CA ILE D 195 -38.26 -10.38 -30.86
C ILE D 195 -39.40 -10.03 -29.88
N HIS D 196 -40.59 -9.63 -30.40
CA HIS D 196 -41.76 -9.23 -29.61
C HIS D 196 -42.26 -10.32 -28.65
N ARG D 197 -42.48 -11.55 -29.16
CA ARG D 197 -42.95 -12.76 -28.46
C ARG D 197 -44.41 -12.70 -27.96
N ASP D 198 -45.11 -11.55 -28.10
CA ASP D 198 -46.52 -11.42 -27.69
C ASP D 198 -47.33 -10.56 -28.66
N VAL D 199 -47.23 -10.87 -29.96
CA VAL D 199 -47.94 -10.14 -31.02
C VAL D 199 -49.43 -10.48 -30.91
N LYS D 200 -50.26 -9.48 -30.60
CA LYS D 200 -51.71 -9.62 -30.46
C LYS D 200 -52.43 -8.28 -30.73
N PRO D 201 -53.75 -8.28 -31.07
CA PRO D 201 -54.43 -6.99 -31.36
C PRO D 201 -54.54 -6.03 -30.18
N ASP D 202 -54.39 -6.54 -28.95
CA ASP D 202 -54.43 -5.76 -27.70
C ASP D 202 -53.22 -4.81 -27.64
N ASN D 203 -52.08 -5.23 -28.22
CA ASN D 203 -50.82 -4.48 -28.27
C ASN D 203 -50.68 -3.65 -29.56
N MET D 204 -51.72 -3.64 -30.42
CA MET D 204 -51.74 -2.88 -31.67
C MET D 204 -52.65 -1.68 -31.48
N LEU D 205 -52.07 -0.48 -31.41
CA LEU D 205 -52.82 0.76 -31.18
C LEU D 205 -52.87 1.65 -32.42
N LEU D 206 -53.88 2.53 -32.49
CA LEU D 206 -54.06 3.43 -33.63
C LEU D 206 -53.90 4.90 -33.26
N ASP D 207 -53.22 5.68 -34.12
CA ASP D 207 -53.02 7.11 -33.91
C ASP D 207 -54.24 7.91 -34.37
N LYS D 208 -54.16 9.27 -34.34
CA LYS D 208 -55.25 10.17 -34.79
C LYS D 208 -55.64 9.96 -36.25
N SER D 209 -54.72 9.38 -37.06
CA SER D 209 -54.90 9.12 -38.49
C SER D 209 -55.50 7.73 -38.76
N GLY D 210 -55.45 6.86 -37.76
CA GLY D 210 -55.96 5.50 -37.85
C GLY D 210 -54.89 4.50 -38.23
N HIS D 211 -53.62 4.92 -38.16
CA HIS D 211 -52.47 4.07 -38.47
C HIS D 211 -51.92 3.40 -37.23
N LEU D 212 -51.51 2.15 -37.41
CA LEU D 212 -50.99 1.25 -36.41
C LEU D 212 -49.64 1.67 -35.81
N LYS D 213 -49.48 1.38 -34.52
CA LYS D 213 -48.28 1.56 -33.71
C LYS D 213 -48.25 0.43 -32.68
N LEU D 214 -47.11 -0.26 -32.55
CA LEU D 214 -46.98 -1.32 -31.56
C LEU D 214 -46.75 -0.73 -30.17
N ALA D 215 -47.33 -1.36 -29.14
CA ALA D 215 -47.20 -0.99 -27.72
C ALA D 215 -46.98 -2.26 -26.87
N ASP D 216 -46.83 -2.09 -25.53
CA ASP D 216 -46.62 -3.18 -24.56
C ASP D 216 -45.52 -4.15 -24.99
N PHE D 217 -44.28 -3.73 -24.84
CA PHE D 217 -43.14 -4.54 -25.24
C PHE D 217 -42.63 -5.37 -24.03
N GLY D 218 -43.59 -5.81 -23.20
CA GLY D 218 -43.39 -6.54 -21.97
C GLY D 218 -42.79 -7.94 -22.05
N THR D 219 -42.87 -8.58 -23.23
CA THR D 219 -42.31 -9.92 -23.42
C THR D 219 -41.13 -9.93 -24.42
N CYS D 220 -40.63 -8.72 -24.78
CA CYS D 220 -39.51 -8.56 -25.71
C CYS D 220 -38.22 -9.13 -25.12
N MET D 221 -37.33 -9.60 -26.01
CA MET D 221 -36.04 -10.15 -25.63
C MET D 221 -35.04 -9.86 -26.75
N LYS D 222 -33.86 -9.33 -26.36
CA LYS D 222 -32.77 -8.99 -27.29
C LYS D 222 -32.19 -10.25 -27.93
N MET D 223 -31.97 -10.20 -29.27
CA MET D 223 -31.39 -11.29 -30.06
C MET D 223 -29.87 -11.23 -30.00
N ASN D 224 -29.21 -12.40 -30.08
CA ASN D 224 -27.75 -12.46 -30.15
C ASN D 224 -27.30 -12.19 -31.59
N LYS D 225 -25.97 -12.14 -31.84
CA LYS D 225 -25.34 -11.83 -33.13
C LYS D 225 -25.92 -12.57 -34.35
N GLU D 226 -26.40 -13.83 -34.18
CA GLU D 226 -26.98 -14.63 -35.27
C GLU D 226 -28.50 -14.40 -35.47
N GLY D 227 -29.08 -13.50 -34.66
CA GLY D 227 -30.50 -13.14 -34.70
C GLY D 227 -31.42 -14.15 -34.08
N MET D 228 -30.95 -14.82 -33.01
CA MET D 228 -31.69 -15.86 -32.28
C MET D 228 -31.70 -15.58 -30.77
N VAL D 229 -32.56 -16.32 -30.03
CA VAL D 229 -32.68 -16.23 -28.57
C VAL D 229 -32.64 -17.61 -27.93
N ARG D 230 -32.00 -17.71 -26.76
CA ARG D 230 -31.92 -18.93 -25.97
C ARG D 230 -32.80 -18.70 -24.74
N CYS D 231 -33.97 -19.35 -24.70
CA CYS D 231 -34.94 -19.20 -23.63
C CYS D 231 -35.69 -20.51 -23.36
N ASP D 232 -35.79 -20.91 -22.09
CA ASP D 232 -36.49 -22.13 -21.66
C ASP D 232 -37.80 -21.79 -20.92
N THR D 233 -38.43 -20.65 -21.27
CA THR D 233 -39.67 -20.21 -20.64
C THR D 233 -40.72 -19.79 -21.69
N ALA D 234 -41.91 -20.43 -21.61
CA ALA D 234 -43.03 -20.11 -22.50
C ALA D 234 -43.56 -18.75 -22.08
N VAL D 235 -43.69 -17.86 -23.06
CA VAL D 235 -44.06 -16.46 -22.88
C VAL D 235 -45.10 -16.05 -23.95
N GLY D 236 -46.08 -15.24 -23.55
CA GLY D 236 -47.09 -14.72 -24.46
C GLY D 236 -48.53 -14.95 -24.05
N THR D 237 -49.42 -15.06 -25.06
CA THR D 237 -50.87 -15.25 -24.91
C THR D 237 -51.29 -16.64 -25.43
N PRO D 238 -52.17 -17.38 -24.71
CA PRO D 238 -52.53 -18.73 -25.15
C PRO D 238 -53.02 -18.88 -26.60
N ASP D 239 -53.78 -17.91 -27.12
CA ASP D 239 -54.27 -18.02 -28.49
C ASP D 239 -53.24 -17.71 -29.56
N TYR D 240 -52.28 -16.82 -29.27
CA TYR D 240 -51.30 -16.30 -30.24
C TYR D 240 -49.90 -16.91 -30.15
N ILE D 241 -49.64 -17.75 -29.12
CA ILE D 241 -48.34 -18.40 -28.91
C ILE D 241 -48.03 -19.42 -30.04
N SER D 242 -46.75 -19.46 -30.44
CA SER D 242 -46.21 -20.36 -31.47
C SER D 242 -45.80 -21.71 -30.84
N PRO D 243 -45.72 -22.81 -31.63
CA PRO D 243 -45.33 -24.10 -31.03
C PRO D 243 -43.91 -24.15 -30.46
N GLU D 244 -42.94 -23.38 -31.03
CA GLU D 244 -41.53 -23.36 -30.59
C GLU D 244 -41.33 -22.74 -29.19
N VAL D 245 -42.12 -21.70 -28.84
CA VAL D 245 -42.08 -21.03 -27.53
C VAL D 245 -42.75 -21.94 -26.50
N LEU D 246 -43.84 -22.61 -26.93
CA LEU D 246 -44.60 -23.57 -26.14
C LEU D 246 -43.71 -24.80 -25.82
N LYS D 247 -42.89 -25.25 -26.80
CA LYS D 247 -41.94 -26.37 -26.68
C LYS D 247 -40.81 -26.07 -25.69
N SER D 248 -40.40 -24.79 -25.60
CA SER D 248 -39.37 -24.31 -24.68
C SER D 248 -40.01 -24.25 -23.28
N GLN D 249 -39.53 -25.10 -22.38
CA GLN D 249 -39.94 -25.27 -20.97
C GLN D 249 -39.04 -26.35 -20.40
N GLY D 250 -39.02 -27.50 -21.09
CA GLY D 250 -38.17 -28.64 -20.75
C GLY D 250 -36.81 -28.57 -21.43
N GLY D 251 -36.39 -27.34 -21.77
CA GLY D 251 -35.13 -27.05 -22.43
C GLY D 251 -35.21 -26.99 -23.93
N ASP D 252 -34.03 -27.01 -24.60
CA ASP D 252 -33.83 -26.94 -26.06
C ASP D 252 -34.51 -25.71 -26.66
N GLY D 253 -34.50 -24.62 -25.89
CA GLY D 253 -35.11 -23.36 -26.28
C GLY D 253 -34.16 -22.47 -27.06
N TYR D 254 -34.25 -22.57 -28.40
CA TYR D 254 -33.43 -21.79 -29.32
C TYR D 254 -34.29 -21.48 -30.53
N TYR D 255 -34.79 -20.24 -30.60
CA TYR D 255 -35.66 -19.78 -31.67
C TYR D 255 -35.35 -18.34 -32.11
N GLY D 256 -35.88 -17.97 -33.27
CA GLY D 256 -35.68 -16.65 -33.85
C GLY D 256 -36.93 -15.78 -33.88
N ARG D 257 -36.96 -14.84 -34.85
CA ARG D 257 -38.04 -13.87 -35.07
C ARG D 257 -39.28 -14.46 -35.78
N GLU D 258 -39.18 -15.70 -36.29
CA GLU D 258 -40.29 -16.39 -36.98
C GLU D 258 -41.49 -16.67 -36.05
N CYS D 259 -41.28 -16.67 -34.71
CA CYS D 259 -42.36 -16.86 -33.74
C CYS D 259 -43.34 -15.69 -33.72
N ASP D 260 -42.86 -14.50 -34.12
CA ASP D 260 -43.68 -13.29 -34.25
C ASP D 260 -44.55 -13.40 -35.49
N TRP D 261 -44.04 -14.05 -36.56
CA TRP D 261 -44.77 -14.25 -37.80
C TRP D 261 -45.92 -15.22 -37.65
N TRP D 262 -45.80 -16.20 -36.71
CA TRP D 262 -46.85 -17.17 -36.40
C TRP D 262 -48.07 -16.39 -35.90
N SER D 263 -47.84 -15.49 -34.92
CA SER D 263 -48.85 -14.65 -34.29
C SER D 263 -49.55 -13.72 -35.28
N VAL D 264 -48.85 -13.34 -36.38
CA VAL D 264 -49.40 -12.50 -37.46
C VAL D 264 -50.49 -13.31 -38.18
N GLY D 265 -50.19 -14.58 -38.45
CA GLY D 265 -51.12 -15.52 -39.08
C GLY D 265 -52.34 -15.78 -38.22
N VAL D 266 -52.14 -15.81 -36.88
CA VAL D 266 -53.20 -16.00 -35.88
C VAL D 266 -54.10 -14.74 -35.90
N PHE D 267 -53.47 -13.56 -35.95
CA PHE D 267 -54.12 -12.26 -36.01
C PHE D 267 -54.93 -12.10 -37.30
N LEU D 268 -54.37 -12.52 -38.46
CA LEU D 268 -55.05 -12.46 -39.76
C LEU D 268 -56.26 -13.39 -39.82
N TYR D 269 -56.15 -14.60 -39.22
CA TYR D 269 -57.24 -15.58 -39.18
C TYR D 269 -58.41 -15.01 -38.38
N GLU D 270 -58.11 -14.52 -37.16
CA GLU D 270 -59.10 -13.95 -36.23
C GLU D 270 -59.84 -12.79 -36.86
N MET D 271 -59.11 -11.92 -37.55
CA MET D 271 -59.62 -10.74 -38.21
C MET D 271 -60.65 -11.05 -39.30
N LEU D 272 -60.44 -12.16 -40.04
CA LEU D 272 -61.31 -12.58 -41.16
C LEU D 272 -62.42 -13.57 -40.77
N VAL D 273 -62.15 -14.46 -39.80
CA VAL D 273 -63.09 -15.48 -39.35
C VAL D 273 -63.99 -14.96 -38.20
N GLY D 274 -63.40 -14.16 -37.30
CA GLY D 274 -64.10 -13.60 -36.16
C GLY D 274 -63.82 -14.36 -34.88
N ASP D 275 -62.98 -15.40 -35.00
CA ASP D 275 -62.56 -16.31 -33.94
C ASP D 275 -61.11 -16.68 -34.13
N THR D 276 -60.39 -16.95 -33.04
CA THR D 276 -58.97 -17.37 -33.07
C THR D 276 -58.86 -18.79 -33.67
N PRO D 277 -57.78 -19.13 -34.41
CA PRO D 277 -57.71 -20.46 -35.05
C PRO D 277 -57.64 -21.66 -34.11
N PHE D 278 -57.14 -21.46 -32.89
CA PHE D 278 -57.00 -22.54 -31.94
C PHE D 278 -57.86 -22.33 -30.69
N TYR D 279 -59.02 -21.67 -30.87
CA TYR D 279 -59.98 -21.41 -29.80
C TYR D 279 -60.53 -22.71 -29.21
N ALA D 280 -60.71 -22.69 -27.88
CA ALA D 280 -61.26 -23.77 -27.09
C ALA D 280 -61.84 -23.17 -25.81
N ASP D 281 -63.01 -23.67 -25.34
CA ASP D 281 -63.67 -23.19 -24.12
C ASP D 281 -62.80 -23.48 -22.90
N SER D 282 -61.95 -24.51 -23.04
CA SER D 282 -60.94 -24.89 -22.09
C SER D 282 -59.65 -24.21 -22.56
N LEU D 283 -58.91 -23.53 -21.67
CA LEU D 283 -57.67 -22.86 -22.09
C LEU D 283 -56.60 -23.88 -22.39
N VAL D 284 -56.58 -24.94 -21.60
CA VAL D 284 -55.61 -26.00 -21.78
C VAL D 284 -55.78 -26.62 -23.18
N GLY D 285 -57.03 -26.78 -23.63
CA GLY D 285 -57.38 -27.27 -24.96
C GLY D 285 -56.68 -26.53 -26.09
N THR D 286 -56.55 -25.20 -25.98
CA THR D 286 -55.87 -24.32 -26.94
C THR D 286 -54.38 -24.74 -27.15
N TYR D 287 -53.61 -24.98 -26.06
CA TYR D 287 -52.18 -25.37 -26.15
C TYR D 287 -51.95 -26.63 -27.02
N SER D 288 -52.87 -27.62 -26.92
CA SER D 288 -52.83 -28.86 -27.69
C SER D 288 -53.11 -28.62 -29.16
N LYS D 289 -54.08 -27.74 -29.46
CA LYS D 289 -54.48 -27.34 -30.79
C LYS D 289 -53.32 -26.67 -31.55
N ILE D 290 -52.49 -25.88 -30.83
CA ILE D 290 -51.31 -25.22 -31.39
C ILE D 290 -50.27 -26.30 -31.75
N MET D 291 -50.08 -27.31 -30.89
CA MET D 291 -49.13 -28.40 -31.13
C MET D 291 -49.59 -29.33 -32.28
N ASN D 292 -50.90 -29.42 -32.47
CA ASN D 292 -51.55 -30.24 -33.50
C ASN D 292 -52.05 -29.41 -34.70
N HIS D 293 -51.51 -28.17 -34.88
CA HIS D 293 -51.89 -27.21 -35.93
C HIS D 293 -52.03 -27.80 -37.35
N LYS D 294 -51.25 -28.86 -37.66
CA LYS D 294 -51.25 -29.58 -38.95
C LYS D 294 -52.63 -30.17 -39.26
N ASN D 295 -53.34 -30.67 -38.21
CA ASN D 295 -54.68 -31.27 -38.32
C ASN D 295 -55.75 -30.43 -37.59
N SER D 296 -55.32 -29.42 -36.80
CA SER D 296 -56.19 -28.56 -36.00
C SER D 296 -56.74 -27.34 -36.75
N LEU D 297 -55.93 -26.75 -37.65
CA LEU D 297 -56.33 -25.57 -38.42
C LEU D 297 -57.40 -25.92 -39.47
N THR D 298 -58.64 -25.48 -39.19
CA THR D 298 -59.83 -25.67 -40.03
C THR D 298 -60.44 -24.31 -40.34
N PHE D 299 -60.89 -24.12 -41.59
CA PHE D 299 -61.54 -22.88 -42.01
C PHE D 299 -63.06 -23.10 -42.05
N PRO D 300 -63.88 -22.10 -41.62
CA PRO D 300 -65.35 -22.30 -41.63
C PRO D 300 -65.91 -22.60 -43.02
N ASP D 301 -66.72 -23.69 -43.10
CA ASP D 301 -67.37 -24.27 -44.29
C ASP D 301 -67.78 -23.26 -45.38
N ASP D 302 -68.31 -22.09 -44.99
CA ASP D 302 -68.70 -21.03 -45.92
C ASP D 302 -67.47 -20.30 -46.49
N ASN D 303 -67.29 -20.36 -47.82
CA ASN D 303 -66.16 -19.71 -48.49
C ASN D 303 -66.42 -18.21 -48.74
N ASP D 304 -66.25 -17.41 -47.69
CA ASP D 304 -66.38 -15.96 -47.76
C ASP D 304 -64.97 -15.41 -47.97
N ILE D 305 -63.98 -16.08 -47.34
CA ILE D 305 -62.53 -15.80 -47.39
C ILE D 305 -61.98 -16.15 -48.79
N SER D 306 -60.85 -15.53 -49.18
CA SER D 306 -60.20 -15.77 -50.48
C SER D 306 -59.13 -16.86 -50.39
N LYS D 307 -58.70 -17.37 -51.56
CA LYS D 307 -57.68 -18.41 -51.69
C LYS D 307 -56.32 -17.94 -51.18
N GLU D 308 -55.91 -16.70 -51.55
CA GLU D 308 -54.62 -16.13 -51.16
C GLU D 308 -54.53 -15.73 -49.69
N ALA D 309 -55.69 -15.41 -49.06
CA ALA D 309 -55.75 -15.06 -47.64
C ALA D 309 -55.55 -16.33 -46.81
N LYS D 310 -56.20 -17.45 -47.24
CA LYS D 310 -56.09 -18.78 -46.63
C LYS D 310 -54.66 -19.29 -46.77
N ASN D 311 -54.02 -19.01 -47.94
CA ASN D 311 -52.65 -19.38 -48.27
C ASN D 311 -51.63 -18.74 -47.33
N LEU D 312 -51.85 -17.45 -46.96
CA LEU D 312 -50.99 -16.68 -46.06
C LEU D 312 -51.08 -17.21 -44.62
N ILE D 313 -52.32 -17.44 -44.13
CA ILE D 313 -52.60 -17.95 -42.79
C ILE D 313 -51.87 -19.28 -42.61
N CYS D 314 -51.97 -20.17 -43.62
CA CYS D 314 -51.33 -21.48 -43.63
C CYS D 314 -49.81 -21.41 -43.77
N ALA D 315 -49.29 -20.38 -44.49
CA ALA D 315 -47.84 -20.18 -44.66
C ALA D 315 -47.18 -19.78 -43.34
N PHE D 316 -47.91 -19.03 -42.48
CA PHE D 316 -47.46 -18.60 -41.16
C PHE D 316 -47.75 -19.66 -40.10
N LEU D 317 -48.92 -20.33 -40.20
CA LEU D 317 -49.38 -21.33 -39.22
C LEU D 317 -48.86 -22.74 -39.53
N THR D 318 -47.53 -22.87 -39.54
CA THR D 318 -46.76 -24.09 -39.76
C THR D 318 -45.54 -24.09 -38.84
N ASP D 319 -44.75 -25.18 -38.88
CA ASP D 319 -43.53 -25.37 -38.09
C ASP D 319 -42.50 -24.31 -38.52
N ARG D 320 -41.71 -23.79 -37.54
CA ARG D 320 -40.74 -22.69 -37.72
C ARG D 320 -39.77 -22.84 -38.91
N GLU D 321 -39.36 -24.07 -39.25
CA GLU D 321 -38.41 -24.36 -40.33
C GLU D 321 -39.08 -24.48 -41.73
N VAL D 322 -40.38 -24.17 -41.83
CA VAL D 322 -41.19 -24.23 -43.05
C VAL D 322 -41.94 -22.88 -43.20
N ARG D 323 -42.13 -22.16 -42.07
CA ARG D 323 -42.83 -20.88 -41.93
C ARG D 323 -42.31 -19.76 -42.85
N LEU D 324 -43.25 -18.95 -43.38
CA LEU D 324 -42.95 -17.78 -44.23
C LEU D 324 -42.40 -16.68 -43.33
N GLY D 325 -41.19 -16.22 -43.63
CA GLY D 325 -40.50 -15.21 -42.86
C GLY D 325 -39.25 -15.70 -42.17
N ARG D 326 -38.87 -16.96 -42.42
CA ARG D 326 -37.67 -17.60 -41.86
C ARG D 326 -36.43 -17.00 -42.53
N ASN D 327 -36.48 -16.80 -43.86
CA ASN D 327 -35.38 -16.22 -44.62
C ASN D 327 -35.68 -14.79 -45.14
N GLY D 328 -36.10 -13.92 -44.22
CA GLY D 328 -36.37 -12.52 -44.50
C GLY D 328 -37.82 -12.09 -44.61
N VAL D 329 -38.05 -10.77 -44.40
CA VAL D 329 -39.37 -10.13 -44.49
C VAL D 329 -39.84 -9.95 -45.94
N GLU D 330 -38.88 -9.95 -46.91
CA GLU D 330 -39.23 -9.72 -48.32
C GLU D 330 -40.16 -10.79 -48.90
N GLU D 331 -40.04 -12.06 -48.45
CA GLU D 331 -40.90 -13.15 -48.92
C GLU D 331 -42.36 -12.97 -48.46
N ILE D 332 -42.56 -12.30 -47.30
CA ILE D 332 -43.88 -11.98 -46.74
C ILE D 332 -44.50 -10.86 -47.61
N LYS D 333 -43.68 -9.84 -47.92
CA LYS D 333 -44.06 -8.68 -48.73
C LYS D 333 -44.41 -9.07 -50.18
N ARG D 334 -43.72 -10.11 -50.71
CA ARG D 334 -43.92 -10.62 -52.07
C ARG D 334 -45.18 -11.49 -52.24
N HIS D 335 -45.84 -11.88 -51.12
CA HIS D 335 -47.06 -12.71 -51.14
C HIS D 335 -48.22 -12.04 -51.87
N LEU D 336 -48.96 -12.82 -52.66
CA LEU D 336 -50.11 -12.39 -53.48
C LEU D 336 -51.22 -11.69 -52.70
N PHE D 337 -51.39 -12.03 -51.40
CA PHE D 337 -52.41 -11.43 -50.53
C PHE D 337 -52.23 -9.92 -50.42
N PHE D 338 -50.97 -9.45 -50.35
CA PHE D 338 -50.64 -8.03 -50.22
C PHE D 338 -50.70 -7.25 -51.54
N LYS D 339 -50.88 -7.96 -52.68
CA LYS D 339 -50.98 -7.32 -53.99
C LYS D 339 -52.33 -6.60 -54.10
N ASN D 340 -52.27 -5.26 -54.20
CA ASN D 340 -53.43 -4.38 -54.26
C ASN D 340 -53.17 -3.15 -55.14
N ASP D 341 -54.23 -2.36 -55.39
CA ASP D 341 -54.18 -1.17 -56.23
C ASP D 341 -54.32 0.15 -55.43
N GLN D 342 -54.42 0.06 -54.09
CA GLN D 342 -54.61 1.22 -53.21
C GLN D 342 -53.32 1.75 -52.56
N TRP D 343 -52.44 0.85 -52.09
CA TRP D 343 -51.19 1.24 -51.43
C TRP D 343 -49.95 0.46 -51.87
N ALA D 344 -48.76 0.94 -51.44
CA ALA D 344 -47.44 0.33 -51.67
C ALA D 344 -46.73 0.26 -50.32
N TRP D 345 -45.85 -0.74 -50.14
CA TRP D 345 -45.08 -1.01 -48.92
C TRP D 345 -44.28 0.18 -48.37
N GLU D 346 -43.69 1.00 -49.25
CA GLU D 346 -42.86 2.14 -48.88
C GLU D 346 -43.66 3.44 -48.62
N THR D 347 -44.96 3.46 -48.98
CA THR D 347 -45.82 4.65 -48.79
C THR D 347 -47.14 4.32 -48.02
N LEU D 348 -47.25 3.08 -47.48
CA LEU D 348 -48.44 2.59 -46.75
C LEU D 348 -48.91 3.49 -45.60
N ARG D 349 -47.98 4.00 -44.76
CA ARG D 349 -48.36 4.86 -43.63
C ARG D 349 -48.79 6.28 -44.04
N ASP D 350 -48.54 6.65 -45.30
CA ASP D 350 -48.92 7.95 -45.84
C ASP D 350 -50.32 7.91 -46.47
N THR D 351 -50.83 6.71 -46.83
CA THR D 351 -52.16 6.49 -47.41
C THR D 351 -53.25 6.60 -46.35
N VAL D 352 -54.51 6.82 -46.76
CA VAL D 352 -55.67 6.93 -45.86
C VAL D 352 -56.02 5.57 -45.26
N ALA D 353 -56.07 5.51 -43.92
CA ALA D 353 -56.40 4.32 -43.14
C ALA D 353 -57.88 3.90 -43.32
N PRO D 354 -58.25 2.60 -43.11
CA PRO D 354 -59.66 2.20 -43.27
C PRO D 354 -60.60 2.87 -42.28
N VAL D 355 -60.15 3.07 -41.02
CA VAL D 355 -60.92 3.72 -39.97
C VAL D 355 -60.13 4.91 -39.42
N VAL D 356 -60.61 6.12 -39.70
CA VAL D 356 -59.98 7.35 -39.20
C VAL D 356 -60.83 7.78 -37.98
N PRO D 357 -60.23 7.86 -36.76
CA PRO D 357 -61.03 8.21 -35.59
C PRO D 357 -61.65 9.61 -35.59
N ASP D 358 -62.94 9.69 -35.22
CA ASP D 358 -63.69 10.94 -35.10
C ASP D 358 -63.33 11.52 -33.75
N LEU D 359 -62.51 12.58 -33.72
CA LEU D 359 -62.06 13.20 -32.47
C LEU D 359 -62.63 14.58 -32.27
N SER D 360 -63.23 14.81 -31.08
CA SER D 360 -63.86 16.06 -30.68
C SER D 360 -62.89 16.98 -29.92
N SER D 361 -61.95 16.38 -29.17
CA SER D 361 -60.97 17.11 -28.35
C SER D 361 -59.64 16.35 -28.28
N ASP D 362 -58.59 17.02 -27.73
CA ASP D 362 -57.26 16.46 -27.52
C ASP D 362 -57.26 15.42 -26.39
N ILE D 363 -58.38 15.34 -25.63
CA ILE D 363 -58.58 14.40 -24.52
C ILE D 363 -59.80 13.45 -24.78
N ASP D 364 -60.06 13.14 -26.07
CA ASP D 364 -61.14 12.25 -26.51
C ASP D 364 -60.77 10.80 -26.21
N THR D 365 -61.61 10.09 -25.45
CA THR D 365 -61.39 8.69 -25.04
C THR D 365 -62.50 7.72 -25.50
N SER D 366 -63.25 8.10 -26.57
CA SER D 366 -64.36 7.33 -27.12
C SER D 366 -63.96 5.94 -27.62
N ASN D 367 -62.69 5.78 -28.07
CA ASN D 367 -62.16 4.50 -28.58
C ASN D 367 -61.55 3.63 -27.48
N PHE D 368 -61.81 3.97 -26.21
CA PHE D 368 -61.36 3.24 -25.02
C PHE D 368 -62.54 3.00 -24.10
N ASP D 369 -62.73 1.73 -23.68
CA ASP D 369 -63.82 1.34 -22.81
C ASP D 369 -63.69 1.96 -21.43
N ASP D 370 -64.84 2.31 -20.84
CA ASP D 370 -64.89 3.00 -19.57
C ASP D 370 -64.30 2.17 -18.44
N LEU D 371 -63.08 2.54 -18.06
CA LEU D 371 -62.35 1.90 -16.97
C LEU D 371 -62.62 2.65 -15.69
N GLU D 372 -62.84 1.90 -14.60
CA GLU D 372 -63.08 2.45 -13.26
C GLU D 372 -61.83 3.21 -12.83
N GLU D 373 -62.01 4.40 -12.24
CA GLU D 373 -60.89 5.25 -11.78
C GLU D 373 -60.17 4.65 -10.54
N ASP D 374 -60.72 3.52 -10.01
CA ASP D 374 -60.25 2.72 -8.86
C ASP D 374 -60.23 3.52 -7.56
N LYS D 375 -59.20 4.32 -7.34
CA LYS D 375 -59.08 5.11 -6.12
C LYS D 375 -58.91 4.17 -4.93
N GLY D 376 -58.50 2.93 -5.21
CA GLY D 376 -58.31 1.93 -4.19
C GLY D 376 -57.11 2.12 -3.28
N GLU D 377 -57.26 1.61 -2.04
CA GLU D 377 -56.22 1.67 -1.02
C GLU D 377 -55.06 0.91 -1.62
N GLU D 378 -53.84 1.31 -1.29
CA GLU D 378 -52.73 0.69 -2.03
C GLU D 378 -51.69 0.05 -1.11
N GLU D 379 -51.29 -1.16 -1.45
CA GLU D 379 -50.30 -1.90 -0.68
C GLU D 379 -48.96 -1.18 -0.68
N THR D 380 -48.28 -1.22 0.46
CA THR D 380 -46.97 -0.57 0.63
C THR D 380 -45.95 -1.50 1.28
N PHE D 381 -44.64 -1.24 1.08
CA PHE D 381 -43.56 -2.04 1.66
C PHE D 381 -43.52 -1.86 3.18
N PRO D 382 -43.39 -2.96 3.96
CA PRO D 382 -43.29 -2.81 5.43
C PRO D 382 -41.98 -2.13 5.83
N ILE D 383 -41.96 -1.49 7.02
CA ILE D 383 -40.77 -0.82 7.54
C ILE D 383 -39.67 -1.88 7.76
N PRO D 384 -38.52 -1.77 7.05
CA PRO D 384 -37.46 -2.77 7.20
C PRO D 384 -36.75 -2.73 8.56
N LYS D 385 -36.35 -3.91 9.05
CA LYS D 385 -35.62 -4.08 10.31
C LYS D 385 -34.10 -4.23 10.01
N ALA D 386 -33.77 -4.34 8.71
CA ALA D 386 -32.44 -4.46 8.14
C ALA D 386 -32.53 -4.03 6.67
N PHE D 387 -31.38 -3.80 5.99
CA PHE D 387 -31.38 -3.36 4.58
C PHE D 387 -31.98 -4.44 3.68
N VAL D 388 -32.96 -4.03 2.84
CA VAL D 388 -33.64 -4.93 1.90
C VAL D 388 -33.40 -4.51 0.43
N GLY D 389 -33.23 -3.21 0.21
CA GLY D 389 -32.96 -2.63 -1.11
C GLY D 389 -34.05 -2.82 -2.13
N ASN D 390 -35.32 -2.53 -1.75
CA ASN D 390 -36.49 -2.66 -2.63
C ASN D 390 -36.46 -1.73 -3.84
N GLN D 391 -35.71 -0.63 -3.76
CA GLN D 391 -35.59 0.34 -4.86
C GLN D 391 -34.44 0.01 -5.83
N LEU D 392 -33.57 -0.95 -5.46
CA LEU D 392 -32.42 -1.36 -6.28
C LEU D 392 -32.78 -1.90 -7.69
N PRO D 393 -33.84 -2.73 -7.90
CA PRO D 393 -34.12 -3.21 -9.27
C PRO D 393 -34.59 -2.13 -10.24
N PHE D 394 -34.86 -0.91 -9.73
CA PHE D 394 -35.41 0.21 -10.50
C PHE D 394 -34.41 1.35 -10.75
N VAL D 395 -33.14 1.19 -10.31
CA VAL D 395 -32.08 2.17 -10.54
C VAL D 395 -31.73 2.18 -12.04
N GLY D 396 -31.79 3.35 -12.64
CA GLY D 396 -31.49 3.50 -14.06
C GLY D 396 -32.73 3.59 -14.94
N PHE D 397 -33.92 3.51 -14.33
CA PHE D 397 -35.18 3.60 -15.08
C PHE D 397 -35.44 5.00 -15.63
N THR D 398 -34.98 6.05 -14.91
CA THR D 398 -35.18 7.42 -15.33
C THR D 398 -34.60 7.68 -16.71
N TYR D 399 -35.46 8.20 -17.57
CA TYR D 399 -35.17 8.67 -18.92
C TYR D 399 -35.80 10.05 -18.98
N TYR D 400 -35.08 11.00 -18.39
CA TYR D 400 -35.44 12.41 -18.24
C TYR D 400 -35.13 13.15 -19.54
N SER D 401 -34.54 12.44 -20.53
CA SER D 401 -34.16 12.97 -21.83
C SER D 401 -35.41 13.14 -22.69
N ASN D 402 -35.32 13.99 -23.74
CA ASN D 402 -36.39 14.32 -24.69
C ASN D 402 -37.19 13.10 -25.14
#